data_4R4B
#
_entry.id   4R4B
#
_cell.length_a   195.011
_cell.length_b   133.559
_cell.length_c   90.774
_cell.angle_alpha   90.00
_cell.angle_beta   91.36
_cell.angle_gamma   90.00
#
_symmetry.space_group_name_H-M   'C 1 2 1'
#
loop_
_entity.id
_entity.type
_entity.pdbx_description
1 polymer 'FAB 2.2C LIGHT CHAIN'
2 polymer 'FAB 2.2C HEAVY CHAIN'
3 non-polymer 'SULFATE ION'
4 non-polymer 2-acetamido-2-deoxy-beta-D-glucopyranose
5 water water
#
loop_
_entity_poly.entity_id
_entity_poly.type
_entity_poly.pdbx_seq_one_letter_code
_entity_poly.pdbx_strand_id
1 'polypeptide(L)'
;DIQMTQSPSFVSASVGDRVTITCRASQGISSYLAWYQQKPGKAPKLVIYAASTLQSGVPSRFSGSGSGTEFTLTISSLQP
EDFATYYCQHLIGLRSFGQGTKLEIKRTVAAPSVFIFPPSDEQLKSGTASVVCLLNNFYPREAKVQWKVDNALQSGNSQE
SVTEQDSKDSTYSLSSTLTLSKADYEKHKVYACEVTHQGLSSPVTKSFNR
;
L,A,C,E
2 'polypeptide(L)'
;QVQLQQWGAGLLKPSETLSLTCGVYGESLSGHYWSWVRQPPGKRLEWIGEIKHNGSPNYHPSLKSRVTISLDMSKNQFSL
NLTSVTAADTAVYFCARRSNWPYLPFDPWGQGTLVTVSSASTKGPSVFPLAPSSKSTSGGTAALGCLVKDYFPEPVTVSW
NSGALTSGVHTFPAVLQSSGLYSLSSVVTVPSSSLGTQTYICNVNHKPSNTKVDKKVEPK
;
H,B,D,F
#
# COMPACT_ATOMS: atom_id res chain seq x y z
N ASP A 1 9.31 45.09 -2.51
CA ASP A 1 9.83 43.79 -2.94
C ASP A 1 11.33 43.69 -2.72
N ILE A 2 11.78 42.57 -2.18
CA ILE A 2 13.21 42.37 -1.93
C ILE A 2 13.93 41.87 -3.17
N GLN A 3 15.06 42.50 -3.48
CA GLN A 3 15.81 42.23 -4.70
C GLN A 3 17.17 41.60 -4.39
N MET A 4 17.52 40.55 -5.12
CA MET A 4 18.83 39.91 -5.00
C MET A 4 19.74 40.31 -6.15
N THR A 5 20.90 40.87 -5.84
CA THR A 5 21.84 41.25 -6.89
C THR A 5 23.16 40.50 -6.72
N GLN A 6 23.55 39.78 -7.77
CA GLN A 6 24.77 39.00 -7.72
C GLN A 6 25.91 39.70 -8.46
N SER A 7 27.11 39.66 -7.89
CA SER A 7 28.28 40.14 -8.58
C SER A 7 29.42 39.14 -8.44
N PRO A 8 30.28 39.05 -9.47
CA PRO A 8 30.09 39.71 -10.77
C PRO A 8 29.06 38.96 -11.60
N SER A 9 28.68 39.50 -12.75
CA SER A 9 27.76 38.80 -13.63
C SER A 9 28.45 37.61 -14.28
N PHE A 10 29.76 37.73 -14.41
CA PHE A 10 30.55 36.82 -15.22
C PHE A 10 31.95 36.71 -14.63
N VAL A 11 32.37 35.49 -14.28
CA VAL A 11 33.70 35.27 -13.72
C VAL A 11 34.51 34.31 -14.58
N SER A 12 35.74 34.68 -14.92
CA SER A 12 36.61 33.79 -15.64
C SER A 12 37.74 33.35 -14.71
N ALA A 13 37.84 32.05 -14.47
CA ALA A 13 38.84 31.55 -13.53
C ALA A 13 39.46 30.26 -14.02
N SER A 14 40.73 30.05 -13.68
CA SER A 14 41.43 28.85 -14.08
C SER A 14 41.07 27.69 -13.17
N VAL A 15 41.18 26.48 -13.70
CA VAL A 15 41.12 25.29 -12.89
C VAL A 15 42.18 25.40 -11.78
N GLY A 16 41.80 25.05 -10.56
CA GLY A 16 42.71 25.18 -9.43
C GLY A 16 42.60 26.53 -8.72
N ASP A 17 42.02 27.52 -9.38
CA ASP A 17 41.85 28.83 -8.77
C ASP A 17 40.77 28.87 -7.70
N ARG A 18 40.87 29.87 -6.83
CA ARG A 18 39.86 30.20 -5.85
C ARG A 18 38.89 31.20 -6.46
N VAL A 19 37.61 31.11 -6.12
CA VAL A 19 36.66 32.09 -6.59
C VAL A 19 35.63 32.39 -5.50
N THR A 20 35.26 33.65 -5.38
CA THR A 20 34.23 34.06 -4.45
C THR A 20 33.21 34.91 -5.19
N ILE A 21 31.95 34.52 -5.09
CA ILE A 21 30.89 35.29 -5.73
C ILE A 21 29.94 35.80 -4.66
N THR A 22 29.40 36.99 -4.88
CA THR A 22 28.63 37.65 -3.85
C THR A 22 27.18 37.84 -4.25
N CYS A 23 26.33 37.86 -3.24
CA CYS A 23 24.92 38.10 -3.38
C CYS A 23 24.54 39.19 -2.41
N ARG A 24 23.93 40.25 -2.91
CA ARG A 24 23.50 41.35 -2.05
C ARG A 24 21.99 41.48 -2.09
N ALA A 25 21.37 41.46 -0.92
CA ALA A 25 19.93 41.65 -0.81
C ALA A 25 19.62 43.13 -0.56
N SER A 26 18.51 43.61 -1.13
CA SER A 26 18.15 45.02 -1.02
C SER A 26 17.69 45.40 0.38
N GLN A 27 17.15 44.43 1.11
CA GLN A 27 16.86 44.59 2.53
C GLN A 27 17.40 43.36 3.27
N GLY A 28 17.55 43.45 4.59
CA GLY A 28 18.00 42.32 5.38
C GLY A 28 17.09 41.11 5.28
N ILE A 29 17.68 39.92 5.18
CA ILE A 29 16.92 38.68 5.12
C ILE A 29 17.51 37.63 6.07
N SER A 30 18.20 38.09 7.12
CA SER A 30 18.94 37.23 8.05
C SER A 30 19.70 36.14 7.30
N SER A 31 19.35 34.88 7.55
CA SER A 31 20.04 33.75 6.92
C SER A 31 19.15 32.96 5.98
N TYR A 32 18.09 33.59 5.48
CA TYR A 32 17.16 32.91 4.59
C TYR A 32 17.64 32.97 3.15
N LEU A 33 18.79 32.34 2.91
CA LEU A 33 19.39 32.36 1.59
C LEU A 33 19.98 31.00 1.24
N ALA A 34 19.79 30.59 -0.01
CA ALA A 34 20.39 29.37 -0.54
C ALA A 34 21.14 29.65 -1.84
N TRP A 35 22.10 28.78 -2.17
CA TRP A 35 22.82 28.85 -3.45
C TRP A 35 22.60 27.60 -4.30
N TYR A 36 22.34 27.80 -5.59
CA TYR A 36 22.20 26.68 -6.52
C TYR A 36 23.22 26.73 -7.65
N GLN A 37 23.58 25.54 -8.12
CA GLN A 37 24.46 25.37 -9.27
C GLN A 37 23.64 24.90 -10.46
N GLN A 38 23.78 25.55 -11.61
CA GLN A 38 23.05 25.08 -12.78
C GLN A 38 23.90 25.05 -14.04
N LYS A 39 23.89 23.91 -14.71
CA LYS A 39 24.57 23.71 -15.98
C LYS A 39 23.55 23.76 -17.11
N PRO A 40 23.99 24.08 -18.34
CA PRO A 40 23.02 24.29 -19.43
C PRO A 40 22.16 23.06 -19.71
N GLY A 41 20.88 23.28 -19.95
CA GLY A 41 19.95 22.21 -20.26
C GLY A 41 19.57 21.36 -19.05
N LYS A 42 20.00 21.78 -17.86
CA LYS A 42 19.77 20.98 -16.66
C LYS A 42 19.10 21.76 -15.53
N ALA A 43 18.61 21.02 -14.54
CA ALA A 43 17.94 21.62 -13.40
C ALA A 43 18.98 22.12 -12.41
N PRO A 44 18.61 23.15 -11.61
CA PRO A 44 19.55 23.61 -10.58
C PRO A 44 19.84 22.50 -9.57
N LYS A 45 21.01 22.54 -8.96
CA LYS A 45 21.36 21.64 -7.87
C LYS A 45 21.67 22.46 -6.63
N LEU A 46 21.13 22.02 -5.51
CA LEU A 46 21.32 22.69 -4.23
C LEU A 46 22.75 22.56 -3.74
N VAL A 47 23.36 23.68 -3.36
CA VAL A 47 24.72 23.68 -2.89
C VAL A 47 24.76 24.02 -1.41
N ILE A 48 24.17 25.15 -1.07
CA ILE A 48 24.20 25.67 0.28
C ILE A 48 22.84 26.25 0.65
N TYR A 49 22.40 26.01 1.90
CA TYR A 49 21.19 26.64 2.42
C TYR A 49 21.48 27.28 3.77
N ALA A 50 20.52 28.07 4.27
CA ALA A 50 20.70 28.87 5.49
C ALA A 50 22.02 29.63 5.45
N ALA A 51 22.34 30.19 4.28
CA ALA A 51 23.52 31.01 4.02
C ALA A 51 24.87 30.28 4.07
N SER A 52 25.06 29.36 5.01
CA SER A 52 26.38 28.80 5.23
C SER A 52 26.42 27.28 5.39
N THR A 53 25.28 26.64 5.27
CA THR A 53 25.20 25.20 5.50
C THR A 53 25.22 24.42 4.20
N LEU A 54 26.19 23.51 4.07
CA LEU A 54 26.31 22.66 2.88
C LEU A 54 25.23 21.60 2.80
N GLN A 55 24.69 21.39 1.61
CA GLN A 55 23.79 20.28 1.38
C GLN A 55 24.62 18.99 1.40
N SER A 56 24.03 17.90 1.89
CA SER A 56 24.76 16.63 1.98
C SER A 56 25.25 16.18 0.61
N GLY A 57 26.47 15.67 0.57
CA GLY A 57 27.06 15.24 -0.68
C GLY A 57 27.90 16.30 -1.36
N VAL A 58 27.68 17.57 -1.00
CA VAL A 58 28.43 18.66 -1.60
C VAL A 58 29.88 18.66 -1.06
N PRO A 59 30.86 18.76 -1.97
CA PRO A 59 32.28 18.71 -1.60
C PRO A 59 32.73 19.88 -0.72
N SER A 60 33.72 19.62 0.12
CA SER A 60 34.16 20.57 1.13
C SER A 60 34.83 21.84 0.57
N ARG A 61 35.21 21.82 -0.71
CA ARG A 61 35.82 22.99 -1.32
C ARG A 61 34.80 24.13 -1.47
N PHE A 62 33.52 23.79 -1.38
CA PHE A 62 32.44 24.79 -1.33
C PHE A 62 32.22 25.29 0.09
N SER A 63 32.01 26.60 0.23
CA SER A 63 31.59 27.17 1.50
C SER A 63 30.82 28.44 1.24
N GLY A 64 30.05 28.88 2.24
CA GLY A 64 29.30 30.12 2.13
C GLY A 64 29.28 30.85 3.46
N SER A 65 29.11 32.16 3.40
CA SER A 65 28.90 32.92 4.63
C SER A 65 28.13 34.21 4.37
N GLY A 66 27.78 34.89 5.45
CA GLY A 66 27.02 36.12 5.36
C GLY A 66 25.70 36.05 6.11
N SER A 67 25.17 37.22 6.43
CA SER A 67 23.85 37.34 7.03
C SER A 67 23.37 38.77 6.87
N GLY A 68 22.06 38.94 6.74
CA GLY A 68 21.50 40.26 6.54
C GLY A 68 21.37 40.61 5.07
N THR A 69 22.37 41.32 4.53
CA THR A 69 22.29 41.81 3.18
C THR A 69 23.45 41.36 2.27
N GLU A 70 24.55 40.92 2.88
CA GLU A 70 25.73 40.54 2.11
C GLU A 70 26.06 39.06 2.30
N PHE A 71 26.09 38.32 1.20
CA PHE A 71 26.35 36.88 1.25
C PHE A 71 27.44 36.48 0.27
N THR A 72 28.10 35.38 0.59
CA THR A 72 29.27 34.93 -0.16
C THR A 72 29.19 33.45 -0.46
N LEU A 73 29.50 33.07 -1.69
CA LEU A 73 29.75 31.68 -2.04
C LEU A 73 31.20 31.56 -2.50
N THR A 74 31.93 30.61 -1.94
CA THR A 74 33.35 30.45 -2.24
C THR A 74 33.68 29.02 -2.66
N ILE A 75 34.48 28.88 -3.70
CA ILE A 75 35.09 27.60 -4.05
C ILE A 75 36.59 27.72 -3.90
N SER A 76 37.18 26.96 -2.97
CA SER A 76 38.57 27.15 -2.57
C SER A 76 39.57 26.73 -3.66
N SER A 77 39.18 25.80 -4.52
CA SER A 77 40.03 25.34 -5.61
C SER A 77 39.17 24.66 -6.67
N LEU A 78 38.96 25.34 -7.79
CA LEU A 78 38.01 24.88 -8.80
C LEU A 78 38.43 23.58 -9.52
N GLN A 79 37.46 22.68 -9.70
CA GLN A 79 37.64 21.54 -10.60
C GLN A 79 36.72 21.74 -11.81
N PRO A 80 37.04 21.10 -12.95
CA PRO A 80 36.28 21.33 -14.19
C PRO A 80 34.78 21.22 -14.03
N GLU A 81 34.31 20.33 -13.17
CA GLU A 81 32.88 20.12 -12.99
C GLU A 81 32.20 21.29 -12.29
N ASP A 82 32.97 22.17 -11.65
CA ASP A 82 32.42 23.30 -10.89
C ASP A 82 31.99 24.47 -11.77
N PHE A 83 32.44 24.49 -13.01
CA PHE A 83 32.10 25.61 -13.89
C PHE A 83 30.65 25.52 -14.32
N ALA A 84 29.92 26.59 -14.07
CA ALA A 84 28.47 26.58 -14.17
C ALA A 84 27.92 27.96 -13.85
N THR A 85 26.59 28.11 -13.89
CA THR A 85 25.96 29.33 -13.42
C THR A 85 25.43 29.12 -12.00
N TYR A 86 25.76 30.04 -11.11
CA TYR A 86 25.33 29.95 -9.71
C TYR A 86 24.26 31.00 -9.40
N TYR A 87 23.17 30.54 -8.78
CA TYR A 87 22.10 31.43 -8.35
C TYR A 87 21.97 31.47 -6.85
N CYS A 88 21.75 32.65 -6.29
CA CYS A 88 21.33 32.74 -4.90
C CYS A 88 19.81 32.87 -4.87
N GLN A 89 19.19 32.52 -3.75
CA GLN A 89 17.74 32.55 -3.61
C GLN A 89 17.30 32.92 -2.20
N HIS A 90 16.38 33.89 -2.13
CA HIS A 90 15.70 34.23 -0.88
C HIS A 90 14.70 33.12 -0.54
N LEU A 91 14.82 32.56 0.66
CA LEU A 91 14.10 31.32 0.98
C LEU A 91 12.64 31.53 1.42
N ILE A 92 12.29 32.76 1.75
CA ILE A 92 10.90 33.08 2.10
C ILE A 92 10.42 34.29 1.31
N GLY A 93 9.25 34.82 1.66
CA GLY A 93 8.71 35.97 0.97
C GLY A 93 8.31 35.66 -0.45
N LEU A 94 8.80 36.45 -1.41
CA LEU A 94 8.54 36.20 -2.83
C LEU A 94 9.45 35.12 -3.41
N ARG A 95 10.35 34.58 -2.59
CA ARG A 95 11.29 33.55 -3.02
C ARG A 95 12.07 33.97 -4.27
N SER A 96 12.54 35.21 -4.32
CA SER A 96 13.19 35.70 -5.53
C SER A 96 14.63 35.19 -5.62
N PHE A 97 15.08 34.99 -6.86
CA PHE A 97 16.47 34.58 -7.11
C PHE A 97 17.30 35.77 -7.57
N GLY A 98 18.62 35.65 -7.44
CA GLY A 98 19.53 36.60 -8.05
C GLY A 98 19.53 36.36 -9.56
N GLN A 99 20.22 37.22 -10.31
CA GLN A 99 20.21 37.10 -11.77
C GLN A 99 21.22 36.06 -12.25
N GLY A 100 22.03 35.54 -11.34
CA GLY A 100 22.96 34.49 -11.68
C GLY A 100 24.38 34.97 -11.96
N THR A 101 25.36 34.15 -11.60
CA THR A 101 26.74 34.41 -11.93
C THR A 101 27.30 33.25 -12.72
N LYS A 102 27.69 33.50 -13.96
CA LYS A 102 28.27 32.47 -14.79
C LYS A 102 29.76 32.37 -14.57
N LEU A 103 30.21 31.19 -14.18
CA LEU A 103 31.61 30.93 -13.92
C LEU A 103 32.24 30.18 -15.09
N GLU A 104 33.10 30.85 -15.85
CA GLU A 104 33.69 30.28 -17.06
C GLU A 104 35.18 29.97 -16.89
N ILE A 105 35.70 29.06 -17.72
CA ILE A 105 37.10 28.63 -17.62
C ILE A 105 38.05 29.59 -18.31
N LYS A 106 39.04 30.08 -17.57
CA LYS A 106 40.06 30.96 -18.11
C LYS A 106 41.14 30.17 -18.85
N ARG A 107 41.61 30.71 -19.97
CA ARG A 107 42.74 30.14 -20.69
C ARG A 107 43.41 31.26 -21.49
N THR A 108 44.46 30.94 -22.23
CA THR A 108 45.21 31.97 -22.95
C THR A 108 44.37 32.58 -24.06
N VAL A 109 44.68 33.82 -24.41
CA VAL A 109 44.00 34.48 -25.52
C VAL A 109 44.27 33.70 -26.81
N ALA A 110 43.22 33.48 -27.59
CA ALA A 110 43.33 32.77 -28.85
C ALA A 110 42.54 33.50 -29.93
N ALA A 111 43.22 33.88 -31.01
CA ALA A 111 42.60 34.61 -32.09
C ALA A 111 41.62 33.72 -32.86
N PRO A 112 40.52 34.31 -33.35
CA PRO A 112 39.58 33.53 -34.16
C PRO A 112 40.09 33.30 -35.58
N SER A 113 39.76 32.14 -36.14
CA SER A 113 39.87 31.93 -37.57
C SER A 113 38.56 32.41 -38.19
N VAL A 114 38.64 33.26 -39.20
CA VAL A 114 37.45 33.89 -39.76
C VAL A 114 37.13 33.37 -41.16
N PHE A 115 35.88 32.97 -41.37
CA PHE A 115 35.44 32.48 -42.66
C PHE A 115 34.14 33.17 -43.09
N ILE A 116 34.03 33.49 -44.37
CA ILE A 116 32.78 34.05 -44.87
C ILE A 116 32.18 33.10 -45.91
N PHE A 117 30.85 33.02 -45.93
CA PHE A 117 30.14 32.15 -46.86
C PHE A 117 29.09 32.92 -47.63
N PRO A 118 29.20 32.96 -48.96
CA PRO A 118 28.13 33.59 -49.75
C PRO A 118 26.88 32.73 -49.73
N PRO A 119 25.71 33.33 -49.98
CA PRO A 119 24.51 32.50 -50.07
C PRO A 119 24.58 31.50 -51.21
N SER A 120 23.96 30.35 -51.03
CA SER A 120 23.87 29.35 -52.08
C SER A 120 22.91 29.80 -53.17
N ASP A 121 23.09 29.26 -54.37
CA ASP A 121 22.17 29.56 -55.46
C ASP A 121 20.79 29.00 -55.14
N GLU A 122 20.77 27.89 -54.42
CA GLU A 122 19.52 27.27 -54.01
C GLU A 122 18.69 28.22 -53.15
N GLN A 123 19.34 28.92 -52.23
CA GLN A 123 18.61 29.84 -51.37
C GLN A 123 18.13 31.08 -52.14
N LEU A 124 18.88 31.49 -53.15
CA LEU A 124 18.49 32.64 -53.94
C LEU A 124 17.18 32.40 -54.71
N LYS A 125 16.91 31.15 -55.06
CA LYS A 125 15.65 30.78 -55.69
C LYS A 125 14.46 31.11 -54.79
N SER A 126 14.65 30.99 -53.49
CA SER A 126 13.56 31.11 -52.52
C SER A 126 13.17 32.56 -52.23
N GLY A 127 14.10 33.49 -52.44
CA GLY A 127 13.80 34.89 -52.24
C GLY A 127 14.52 35.57 -51.09
N THR A 128 15.43 34.85 -50.46
CA THR A 128 16.19 35.39 -49.33
C THR A 128 17.65 35.03 -49.50
N ALA A 129 18.55 35.91 -49.07
CA ALA A 129 19.98 35.63 -49.12
C ALA A 129 20.59 35.73 -47.73
N SER A 130 21.20 34.64 -47.28
CA SER A 130 21.92 34.64 -46.02
C SER A 130 23.42 34.61 -46.25
N VAL A 131 24.11 35.61 -45.70
CA VAL A 131 25.56 35.62 -45.74
C VAL A 131 26.05 35.28 -44.34
N VAL A 132 26.91 34.27 -44.25
CA VAL A 132 27.35 33.80 -42.93
C VAL A 132 28.83 34.08 -42.71
N CYS A 133 29.13 34.65 -41.56
CA CYS A 133 30.50 34.92 -41.13
C CYS A 133 30.79 34.06 -39.92
N LEU A 134 31.83 33.24 -40.01
CA LEU A 134 32.20 32.34 -38.93
C LEU A 134 33.50 32.77 -38.25
N LEU A 135 33.46 32.85 -36.92
CA LEU A 135 34.65 33.03 -36.10
C LEU A 135 34.87 31.74 -35.33
N ASN A 136 35.98 31.05 -35.59
CA ASN A 136 36.17 29.73 -35.03
C ASN A 136 37.25 29.66 -33.95
N ASN A 137 36.90 29.02 -32.83
CA ASN A 137 37.85 28.68 -31.77
C ASN A 137 38.66 29.83 -31.19
N PHE A 138 37.99 30.76 -30.51
CA PHE A 138 38.68 31.93 -29.96
C PHE A 138 38.43 32.11 -28.47
N TYR A 139 39.29 32.91 -27.84
CA TYR A 139 39.13 33.28 -26.45
C TYR A 139 39.85 34.62 -26.25
N PRO A 140 39.26 35.53 -25.46
CA PRO A 140 37.98 35.42 -24.75
C PRO A 140 36.75 35.54 -25.64
N ARG A 141 35.59 35.48 -25.00
CA ARG A 141 34.30 35.39 -25.68
C ARG A 141 33.96 36.66 -26.47
N GLU A 142 34.39 37.80 -25.96
CA GLU A 142 34.04 39.09 -26.56
C GLU A 142 34.67 39.30 -27.93
N ALA A 143 33.84 39.61 -28.92
CA ALA A 143 34.31 39.91 -30.26
C ALA A 143 33.33 40.85 -30.93
N LYS A 144 33.84 41.75 -31.76
CA LYS A 144 32.96 42.64 -32.51
C LYS A 144 32.91 42.19 -33.96
N VAL A 145 31.71 41.99 -34.48
CA VAL A 145 31.53 41.62 -35.87
C VAL A 145 30.73 42.68 -36.59
N GLN A 146 31.32 43.25 -37.63
CA GLN A 146 30.66 44.25 -38.44
C GLN A 146 30.48 43.78 -39.87
N TRP A 147 29.28 43.98 -40.39
CA TRP A 147 29.00 43.67 -41.79
C TRP A 147 29.14 44.91 -42.64
N LYS A 148 29.74 44.75 -43.82
CA LYS A 148 29.87 45.84 -44.77
C LYS A 148 29.40 45.39 -46.14
N VAL A 149 28.45 46.14 -46.70
CA VAL A 149 27.98 45.88 -48.05
C VAL A 149 28.32 47.07 -48.93
N ASP A 150 29.14 46.83 -49.95
CA ASP A 150 29.75 47.89 -50.75
C ASP A 150 30.30 48.98 -49.84
N ASN A 151 30.99 48.53 -48.78
CA ASN A 151 31.66 49.40 -47.82
C ASN A 151 30.72 50.22 -46.93
N ALA A 152 29.44 49.88 -46.92
CA ALA A 152 28.50 50.51 -46.02
C ALA A 152 28.20 49.62 -44.82
N LEU A 153 28.40 50.16 -43.62
CA LEU A 153 28.16 49.42 -42.39
C LEU A 153 26.68 49.07 -42.27
N GLN A 154 26.40 47.81 -42.00
CA GLN A 154 25.02 47.35 -41.88
C GLN A 154 24.55 47.41 -40.44
N SER A 155 23.24 47.64 -40.27
CA SER A 155 22.66 47.70 -38.94
C SER A 155 21.28 47.08 -38.94
N GLY A 156 21.02 46.20 -37.97
CA GLY A 156 19.69 45.66 -37.76
C GLY A 156 19.25 44.52 -38.67
N ASN A 157 20.16 44.02 -39.49
CA ASN A 157 19.82 42.89 -40.35
C ASN A 157 20.75 41.69 -40.19
N SER A 158 21.30 41.53 -38.99
CA SER A 158 22.15 40.37 -38.71
C SER A 158 21.85 39.80 -37.33
N GLN A 159 22.07 38.50 -37.18
CA GLN A 159 21.95 37.86 -35.88
C GLN A 159 23.19 37.02 -35.60
N GLU A 160 23.58 37.00 -34.32
CA GLU A 160 24.72 36.20 -33.88
C GLU A 160 24.29 35.01 -33.04
N SER A 161 25.11 33.96 -33.06
CA SER A 161 24.92 32.82 -32.18
C SER A 161 26.29 32.38 -31.69
N VAL A 162 26.41 32.12 -30.39
CA VAL A 162 27.68 31.73 -29.80
C VAL A 162 27.57 30.36 -29.14
N THR A 163 28.57 29.50 -29.32
CA THR A 163 28.56 28.20 -28.67
C THR A 163 28.96 28.30 -27.20
N GLU A 164 28.60 27.30 -26.41
CA GLU A 164 29.12 27.23 -25.05
C GLU A 164 30.62 26.92 -25.14
N GLN A 165 31.35 27.17 -24.06
CA GLN A 165 32.76 26.85 -24.05
C GLN A 165 32.99 25.39 -24.37
N ASP A 166 33.88 25.12 -25.30
CA ASP A 166 34.24 23.76 -25.66
C ASP A 166 34.79 23.05 -24.42
N SER A 167 34.32 21.82 -24.19
CA SER A 167 34.66 21.09 -22.97
C SER A 167 36.13 20.67 -22.88
N LYS A 168 36.86 20.77 -23.99
CA LYS A 168 38.27 20.40 -23.99
C LYS A 168 39.21 21.61 -24.04
N ASP A 169 39.09 22.44 -25.08
CA ASP A 169 40.02 23.55 -25.25
C ASP A 169 39.50 24.89 -24.71
N SER A 170 38.25 24.90 -24.24
CA SER A 170 37.66 26.07 -23.60
C SER A 170 37.56 27.29 -24.51
N THR A 171 37.49 27.09 -25.82
CA THR A 171 37.33 28.21 -26.73
C THR A 171 35.88 28.41 -27.11
N TYR A 172 35.60 29.51 -27.79
CA TYR A 172 34.27 29.81 -28.31
C TYR A 172 34.28 29.80 -29.83
N SER A 173 33.13 29.57 -30.41
CA SER A 173 32.93 29.84 -31.83
C SER A 173 31.67 30.68 -31.99
N LEU A 174 31.65 31.49 -33.04
CA LEU A 174 30.57 32.46 -33.21
C LEU A 174 30.18 32.54 -34.68
N SER A 175 28.88 32.56 -34.93
CA SER A 175 28.38 32.79 -36.27
C SER A 175 27.61 34.10 -36.30
N SER A 176 27.82 34.88 -37.35
CA SER A 176 27.01 36.04 -37.61
C SER A 176 26.37 35.86 -38.97
N THR A 177 25.05 35.99 -39.03
CA THR A 177 24.32 35.77 -40.27
C THR A 177 23.66 37.06 -40.71
N LEU A 178 24.02 37.52 -41.90
CA LEU A 178 23.39 38.69 -42.50
C LEU A 178 22.26 38.23 -43.40
N THR A 179 21.06 38.76 -43.18
CA THR A 179 19.92 38.35 -43.97
C THR A 179 19.43 39.48 -44.87
N LEU A 180 19.42 39.23 -46.16
CA LEU A 180 18.94 40.21 -47.14
C LEU A 180 17.89 39.58 -48.05
N SER A 181 17.05 40.42 -48.64
CA SER A 181 16.16 39.95 -49.70
C SER A 181 17.00 39.64 -50.95
N LYS A 182 16.47 38.80 -51.84
CA LYS A 182 17.15 38.48 -53.08
C LYS A 182 17.48 39.73 -53.89
N ALA A 183 16.51 40.63 -54.03
CA ALA A 183 16.70 41.86 -54.81
C ALA A 183 17.83 42.69 -54.23
N ASP A 184 17.81 42.86 -52.91
CA ASP A 184 18.84 43.63 -52.21
C ASP A 184 20.23 43.02 -52.38
N TYR A 185 20.32 41.70 -52.21
CA TYR A 185 21.60 41.03 -52.36
C TYR A 185 22.14 41.26 -53.76
N GLU A 186 21.29 41.13 -54.76
CA GLU A 186 21.75 41.20 -56.14
C GLU A 186 21.98 42.62 -56.67
N LYS A 187 21.73 43.65 -55.87
CA LYS A 187 22.04 45.00 -56.33
C LYS A 187 23.37 45.50 -55.76
N HIS A 188 24.07 44.63 -55.03
CA HIS A 188 25.36 45.01 -54.49
C HIS A 188 26.47 44.03 -54.89
N LYS A 189 27.72 44.46 -54.77
CA LYS A 189 28.85 43.68 -55.26
C LYS A 189 29.72 43.12 -54.13
N VAL A 190 30.19 43.98 -53.24
CA VAL A 190 31.16 43.56 -52.22
C VAL A 190 30.51 43.25 -50.87
N TYR A 191 30.75 42.06 -50.37
CA TYR A 191 30.26 41.65 -49.07
C TYR A 191 31.42 41.34 -48.15
N ALA A 192 31.46 41.98 -47.00
CA ALA A 192 32.59 41.83 -46.10
C ALA A 192 32.12 41.72 -44.65
N CYS A 193 32.80 40.89 -43.87
CA CYS A 193 32.62 40.96 -42.43
C CYS A 193 33.96 41.28 -41.80
N GLU A 194 33.94 42.21 -40.85
CA GLU A 194 35.15 42.68 -40.20
C GLU A 194 35.13 42.28 -38.74
N VAL A 195 36.20 41.60 -38.30
CA VAL A 195 36.23 41.05 -36.97
C VAL A 195 37.29 41.72 -36.10
N THR A 196 36.85 42.21 -34.95
CA THR A 196 37.76 42.78 -33.96
C THR A 196 37.79 41.88 -32.74
N HIS A 197 38.99 41.52 -32.30
CA HIS A 197 39.15 40.62 -31.17
C HIS A 197 40.53 40.81 -30.55
N GLN A 198 40.59 40.68 -29.24
CA GLN A 198 41.83 40.90 -28.48
C GLN A 198 43.01 40.07 -28.98
N GLY A 199 42.73 38.96 -29.65
CA GLY A 199 43.77 38.09 -30.14
C GLY A 199 44.36 38.49 -31.47
N LEU A 200 43.75 39.49 -32.11
CA LEU A 200 44.21 39.96 -33.41
C LEU A 200 45.01 41.24 -33.27
N SER A 201 46.07 41.38 -34.08
CA SER A 201 46.88 42.59 -34.04
C SER A 201 46.10 43.78 -34.60
N SER A 202 45.20 43.49 -35.53
CA SER A 202 44.32 44.50 -36.11
C SER A 202 43.07 43.82 -36.65
N PRO A 203 42.00 44.60 -36.89
CA PRO A 203 40.77 43.99 -37.41
C PRO A 203 40.99 43.20 -38.69
N VAL A 204 40.39 42.02 -38.76
CA VAL A 204 40.53 41.15 -39.93
C VAL A 204 39.24 41.20 -40.75
N THR A 205 39.38 41.35 -42.06
CA THR A 205 38.23 41.43 -42.93
C THR A 205 38.25 40.29 -43.93
N LYS A 206 37.14 39.57 -44.02
CA LYS A 206 36.96 38.55 -45.04
C LYS A 206 35.86 39.00 -45.97
N SER A 207 36.08 38.89 -47.27
CA SER A 207 35.09 39.38 -48.20
C SER A 207 35.01 38.58 -49.49
N PHE A 208 33.93 38.81 -50.22
CA PHE A 208 33.80 38.24 -51.55
C PHE A 208 33.04 39.20 -52.43
N ASN A 209 33.15 39.00 -53.74
CA ASN A 209 32.34 39.72 -54.70
C ASN A 209 31.26 38.77 -55.21
N ARG A 210 30.03 39.26 -55.25
CA ARG A 210 28.92 38.46 -55.75
C ARG A 210 29.17 38.04 -57.19
N GLN B 1 16.30 6.88 -2.73
CA GLN B 1 16.43 8.16 -3.43
C GLN B 1 15.14 8.50 -4.14
N VAL B 2 15.02 9.77 -4.49
CA VAL B 2 13.75 10.31 -4.96
C VAL B 2 13.90 10.94 -6.33
N GLN B 3 12.96 10.64 -7.22
CA GLN B 3 12.96 11.24 -8.54
C GLN B 3 11.67 12.00 -8.76
N LEU B 4 11.78 13.21 -9.30
CA LEU B 4 10.61 13.94 -9.77
C LEU B 4 10.60 13.87 -11.29
N GLN B 5 9.56 13.28 -11.85
CA GLN B 5 9.45 13.22 -13.30
C GLN B 5 8.29 14.08 -13.77
N GLN B 6 8.51 14.85 -14.83
CA GLN B 6 7.49 15.75 -15.35
C GLN B 6 7.04 15.35 -16.74
N TRP B 7 5.77 15.63 -17.03
CA TRP B 7 5.22 15.46 -18.36
C TRP B 7 4.11 16.48 -18.57
N GLY B 8 3.59 16.56 -19.79
CA GLY B 8 2.62 17.58 -20.16
C GLY B 8 3.01 18.23 -21.47
N ALA B 9 2.04 18.80 -22.18
CA ALA B 9 2.29 19.40 -23.49
C ALA B 9 3.09 20.71 -23.37
N GLY B 10 4.16 20.81 -24.15
CA GLY B 10 5.03 21.97 -24.08
C GLY B 10 4.92 22.95 -25.25
N LEU B 11 4.23 22.54 -26.30
CA LEU B 11 4.02 23.44 -27.43
C LEU B 11 2.61 24.01 -27.40
N LEU B 12 2.51 25.32 -27.17
CA LEU B 12 1.20 25.94 -26.97
C LEU B 12 0.96 27.14 -27.86
N LYS B 13 -0.32 27.42 -28.12
CA LYS B 13 -0.72 28.63 -28.81
C LYS B 13 -1.22 29.65 -27.79
N PRO B 14 -1.12 30.94 -28.13
CA PRO B 14 -1.61 31.99 -27.22
C PRO B 14 -3.06 31.76 -26.80
N SER B 15 -3.36 32.06 -25.53
CA SER B 15 -4.69 31.93 -24.91
C SER B 15 -5.06 30.50 -24.51
N GLU B 16 -4.21 29.52 -24.84
CA GLU B 16 -4.46 28.15 -24.37
C GLU B 16 -4.01 27.99 -22.92
N THR B 17 -4.18 26.78 -22.38
CA THR B 17 -3.84 26.51 -20.99
C THR B 17 -2.64 25.58 -20.86
N LEU B 18 -1.59 26.04 -20.20
CA LEU B 18 -0.47 25.18 -19.87
C LEU B 18 -0.88 24.22 -18.75
N SER B 19 -0.67 22.93 -18.97
CA SER B 19 -1.05 21.93 -18.00
C SER B 19 0.07 20.89 -17.82
N LEU B 20 0.86 21.06 -16.76
CA LEU B 20 1.99 20.18 -16.49
C LEU B 20 1.76 19.35 -15.25
N THR B 21 2.36 18.17 -15.22
CA THR B 21 2.23 17.26 -14.07
C THR B 21 3.60 16.76 -13.62
N CYS B 22 3.78 16.67 -12.32
CA CYS B 22 5.02 16.19 -11.72
C CYS B 22 4.73 14.94 -10.91
N GLY B 23 5.40 13.84 -11.26
CA GLY B 23 5.26 12.61 -10.52
C GLY B 23 6.42 12.42 -9.55
N VAL B 24 6.12 11.96 -8.33
CA VAL B 24 7.15 11.78 -7.32
C VAL B 24 7.38 10.29 -7.05
N TYR B 25 8.62 9.83 -7.24
CA TYR B 25 8.92 8.41 -7.09
C TYR B 25 10.05 8.19 -6.09
N GLY B 26 9.74 7.48 -5.01
CA GLY B 26 10.72 7.20 -3.97
C GLY B 26 10.34 7.90 -2.69
N GLU B 27 9.29 8.71 -2.76
CA GLU B 27 8.80 9.49 -1.62
C GLU B 27 7.32 9.80 -1.80
N SER B 28 6.63 9.98 -0.68
CA SER B 28 5.24 10.40 -0.64
C SER B 28 5.14 11.93 -0.64
N LEU B 29 4.00 12.46 -1.07
CA LEU B 29 3.75 13.90 -1.00
C LEU B 29 3.63 14.40 0.43
N SER B 30 3.35 13.50 1.37
CA SER B 30 3.07 13.88 2.75
C SER B 30 4.20 14.68 3.42
N GLY B 31 3.82 15.65 4.23
CA GLY B 31 4.76 16.37 5.08
C GLY B 31 5.69 17.33 4.38
N HIS B 32 5.40 17.62 3.12
CA HIS B 32 6.27 18.51 2.33
C HIS B 32 5.46 19.45 1.46
N TYR B 33 6.11 20.54 1.05
CA TYR B 33 5.55 21.45 0.05
C TYR B 33 6.04 21.04 -1.32
N TRP B 34 5.19 21.24 -2.33
CA TRP B 34 5.55 20.87 -3.69
C TRP B 34 5.34 22.07 -4.60
N SER B 35 6.37 22.38 -5.37
CA SER B 35 6.52 23.72 -5.95
C SER B 35 6.79 23.71 -7.45
N TRP B 36 6.53 24.85 -8.09
CA TRP B 36 6.87 25.04 -9.50
C TRP B 36 7.70 26.30 -9.67
N VAL B 37 8.73 26.19 -10.50
CA VAL B 37 9.67 27.28 -10.74
C VAL B 37 9.92 27.36 -12.24
N ARG B 38 9.94 28.55 -12.82
CA ARG B 38 10.15 28.62 -14.25
C ARG B 38 11.35 29.49 -14.62
N GLN B 39 11.85 29.28 -15.84
CA GLN B 39 13.04 29.96 -16.29
C GLN B 39 12.92 30.35 -17.76
N PRO B 40 12.58 31.63 -18.02
CA PRO B 40 12.56 32.14 -19.39
C PRO B 40 13.94 32.00 -20.03
N PRO B 41 13.98 31.85 -21.36
CA PRO B 41 15.25 31.70 -22.10
C PRO B 41 16.24 32.80 -21.78
N GLY B 42 17.39 32.42 -21.23
CA GLY B 42 18.45 33.37 -20.92
C GLY B 42 18.18 34.24 -19.71
N LYS B 43 17.19 33.87 -18.90
CA LYS B 43 16.87 34.66 -17.71
C LYS B 43 16.91 33.82 -16.43
N ARG B 44 16.60 34.47 -15.31
CA ARG B 44 16.77 33.84 -14.00
C ARG B 44 15.59 32.96 -13.64
N LEU B 45 15.77 32.12 -12.63
CA LEU B 45 14.69 31.31 -12.11
C LEU B 45 13.63 32.18 -11.43
N GLU B 46 12.38 31.82 -11.62
CA GLU B 46 11.26 32.52 -10.99
C GLU B 46 10.28 31.56 -10.31
N TRP B 47 10.10 31.73 -9.01
CA TRP B 47 9.14 30.95 -8.23
C TRP B 47 7.71 31.26 -8.65
N ILE B 48 6.93 30.21 -8.89
CA ILE B 48 5.55 30.36 -9.32
C ILE B 48 4.59 30.16 -8.15
N GLY B 49 4.85 29.14 -7.36
CA GLY B 49 4.02 28.82 -6.23
C GLY B 49 4.31 27.44 -5.70
N GLU B 50 3.62 27.07 -4.62
CA GLU B 50 3.82 25.79 -3.98
C GLU B 50 2.58 25.44 -3.17
N ILE B 51 2.45 24.18 -2.78
CA ILE B 51 1.30 23.75 -1.98
C ILE B 51 1.66 22.55 -1.11
N LYS B 52 1.05 22.44 0.07
CA LYS B 52 1.17 21.25 0.89
C LYS B 52 -0.18 20.56 1.07
N HIS B 53 -1.20 21.37 1.36
CA HIS B 53 -2.57 20.87 1.46
C HIS B 53 -3.43 21.51 0.39
N ASN B 54 -4.18 20.68 -0.33
CA ASN B 54 -5.19 21.18 -1.26
C ASN B 54 -6.07 22.21 -0.57
N GLY B 55 -6.31 23.34 -1.22
CA GLY B 55 -7.09 24.39 -0.59
C GLY B 55 -6.23 25.48 0.03
N SER B 56 -4.95 25.17 0.26
CA SER B 56 -4.01 26.16 0.77
C SER B 56 -2.78 26.36 -0.12
N PRO B 57 -3.00 26.80 -1.37
CA PRO B 57 -1.83 27.08 -2.19
C PRO B 57 -1.20 28.41 -1.80
N ASN B 58 0.06 28.61 -2.17
CA ASN B 58 0.72 29.90 -2.01
C ASN B 58 1.33 30.31 -3.35
N TYR B 59 0.82 31.39 -3.95
CA TYR B 59 1.27 31.79 -5.27
C TYR B 59 2.08 33.08 -5.30
N HIS B 60 2.92 33.19 -6.33
CA HIS B 60 3.54 34.46 -6.69
C HIS B 60 2.43 35.40 -7.14
N PRO B 61 2.29 36.56 -6.45
CA PRO B 61 1.14 37.47 -6.60
C PRO B 61 0.81 37.84 -8.05
N SER B 62 1.82 38.04 -8.88
CA SER B 62 1.59 38.49 -10.26
C SER B 62 0.99 37.38 -11.13
N LEU B 63 0.89 36.17 -10.61
CA LEU B 63 0.42 35.02 -11.38
C LEU B 63 -0.82 34.38 -10.77
N LYS B 64 -1.26 34.91 -9.64
CA LYS B 64 -2.32 34.31 -8.84
C LYS B 64 -3.60 34.04 -9.64
N SER B 65 -4.03 35.03 -10.42
CA SER B 65 -5.30 34.93 -11.14
C SER B 65 -5.25 33.94 -12.30
N ARG B 66 -4.06 33.52 -12.71
CA ARG B 66 -3.92 32.60 -13.84
C ARG B 66 -3.47 31.21 -13.42
N VAL B 67 -2.88 31.10 -12.23
CA VAL B 67 -2.21 29.88 -11.81
C VAL B 67 -3.04 29.03 -10.84
N THR B 68 -3.12 27.74 -11.14
CA THR B 68 -3.62 26.77 -10.18
C THR B 68 -2.58 25.68 -9.96
N ILE B 69 -2.26 25.42 -8.69
CA ILE B 69 -1.40 24.28 -8.34
C ILE B 69 -2.21 23.33 -7.46
N SER B 70 -2.18 22.04 -7.79
CA SER B 70 -3.00 21.08 -7.08
C SER B 70 -2.29 19.75 -6.86
N LEU B 71 -2.72 19.00 -5.84
CA LEU B 71 -2.16 17.70 -5.55
C LEU B 71 -3.10 16.57 -5.98
N ASP B 72 -2.55 15.53 -6.59
CA ASP B 72 -3.26 14.29 -6.82
C ASP B 72 -2.70 13.27 -5.84
N MET B 73 -3.30 13.22 -4.65
CA MET B 73 -2.70 12.51 -3.53
C MET B 73 -2.72 10.99 -3.66
N SER B 74 -3.70 10.45 -4.38
CA SER B 74 -3.77 8.99 -4.53
C SER B 74 -2.66 8.48 -5.43
N LYS B 75 -2.12 9.35 -6.28
CA LYS B 75 -1.04 8.96 -7.20
C LYS B 75 0.33 9.53 -6.83
N ASN B 76 0.38 10.35 -5.76
CA ASN B 76 1.60 11.07 -5.39
C ASN B 76 2.11 11.93 -6.54
N GLN B 77 1.21 12.70 -7.13
CA GLN B 77 1.52 13.59 -8.23
C GLN B 77 0.98 14.98 -7.92
N PHE B 78 1.59 16.00 -8.50
CA PHE B 78 1.00 17.33 -8.42
C PHE B 78 1.14 18.03 -9.75
N SER B 79 0.29 19.03 -9.97
CA SER B 79 0.13 19.61 -11.28
C SER B 79 0.14 21.11 -11.24
N LEU B 80 0.50 21.71 -12.39
CA LEU B 80 0.47 23.15 -12.57
C LEU B 80 -0.45 23.51 -13.73
N ASN B 81 -1.32 24.47 -13.50
CA ASN B 81 -2.16 25.00 -14.56
C ASN B 81 -1.95 26.50 -14.69
N LEU B 82 -1.75 26.94 -15.93
CA LEU B 82 -1.55 28.35 -16.23
C LEU B 82 -2.39 28.73 -17.44
N THR B 83 -3.41 29.56 -17.20
CA THR B 83 -4.38 29.91 -18.23
C THR B 83 -3.98 31.14 -19.04
N SER B 84 -4.60 31.27 -20.22
CA SER B 84 -4.38 32.39 -21.11
C SER B 84 -2.90 32.70 -21.33
N VAL B 85 -2.15 31.72 -21.78
CA VAL B 85 -0.72 31.91 -21.93
C VAL B 85 -0.43 32.83 -23.11
N THR B 86 0.65 33.59 -23.00
CA THR B 86 1.15 34.40 -24.09
C THR B 86 2.59 33.99 -24.32
N ALA B 87 3.24 34.61 -25.29
CA ALA B 87 4.63 34.32 -25.61
C ALA B 87 5.54 34.52 -24.41
N ALA B 88 5.15 35.45 -23.54
CA ALA B 88 5.93 35.75 -22.33
C ALA B 88 5.97 34.60 -21.32
N ASP B 89 5.14 33.58 -21.53
CA ASP B 89 5.12 32.44 -20.63
C ASP B 89 6.04 31.34 -21.16
N THR B 90 6.73 31.65 -22.26
CA THR B 90 7.71 30.73 -22.83
C THR B 90 8.87 30.60 -21.86
N ALA B 91 9.17 29.36 -21.47
CA ALA B 91 10.16 29.09 -20.44
C ALA B 91 10.37 27.60 -20.25
N VAL B 92 11.44 27.25 -19.54
CA VAL B 92 11.51 25.90 -18.97
C VAL B 92 10.85 25.92 -17.60
N TYR B 93 9.90 25.01 -17.40
CA TYR B 93 9.19 24.89 -16.13
C TYR B 93 9.71 23.71 -15.32
N PHE B 94 10.09 23.98 -14.07
CA PHE B 94 10.58 22.93 -13.16
C PHE B 94 9.58 22.68 -12.03
N CYS B 95 9.47 21.44 -11.60
CA CYS B 95 8.82 21.13 -10.33
C CYS B 95 9.91 20.82 -9.30
N ALA B 96 9.60 20.98 -8.02
CA ALA B 96 10.58 20.76 -6.96
C ALA B 96 9.92 20.52 -5.61
N ARG B 97 10.64 19.85 -4.72
CA ARG B 97 10.19 19.67 -3.35
C ARG B 97 10.71 20.80 -2.47
N ARG B 98 9.90 21.22 -1.51
CA ARG B 98 10.33 22.25 -0.55
C ARG B 98 9.95 21.78 0.84
N SER B 99 10.94 21.62 1.71
CA SER B 99 10.71 21.02 3.02
C SER B 99 10.36 22.03 4.10
N ASN B 100 9.89 21.54 5.25
CA ASN B 100 9.45 22.42 6.31
C ASN B 100 10.62 23.16 6.95
N TRP B 101 10.33 24.39 7.40
CA TRP B 101 11.24 25.16 8.22
C TRP B 101 11.85 24.26 9.29
N PRO B 102 13.16 24.39 9.53
CA PRO B 102 14.08 25.40 9.01
C PRO B 102 14.83 24.98 7.75
N TYR B 103 14.38 23.92 7.10
CA TYR B 103 15.06 23.41 5.92
C TYR B 103 14.28 23.81 4.66
N LEU B 104 14.46 25.05 4.23
CA LEU B 104 13.62 25.63 3.19
C LEU B 104 14.09 25.59 1.71
N PRO B 105 15.28 25.02 1.41
CA PRO B 105 15.61 25.16 -0.02
C PRO B 105 14.80 24.23 -0.93
N PHE B 106 14.89 24.46 -2.23
CA PHE B 106 14.27 23.57 -3.21
C PHE B 106 15.17 22.36 -3.46
N ASP B 107 14.65 21.16 -3.18
CA ASP B 107 15.39 19.92 -3.36
C ASP B 107 14.53 18.69 -3.04
N PRO B 108 14.43 17.73 -3.96
CA PRO B 108 15.01 17.65 -5.31
C PRO B 108 14.23 18.45 -6.35
N TRP B 109 14.70 18.39 -7.60
CA TRP B 109 14.10 19.09 -8.73
C TRP B 109 13.69 18.10 -9.82
N GLY B 110 12.62 18.39 -10.54
CA GLY B 110 12.30 17.67 -11.76
C GLY B 110 13.29 18.09 -12.85
N GLN B 111 13.25 17.40 -13.99
CA GLN B 111 14.20 17.65 -15.06
C GLN B 111 13.83 18.88 -15.88
N GLY B 112 12.62 19.39 -15.67
CA GLY B 112 12.14 20.55 -16.40
C GLY B 112 11.38 20.20 -17.67
N THR B 113 10.43 21.04 -18.03
CA THR B 113 9.71 20.91 -19.29
C THR B 113 9.87 22.19 -20.10
N LEU B 114 10.35 22.06 -21.32
CA LEU B 114 10.45 23.21 -22.20
C LEU B 114 9.06 23.58 -22.70
N VAL B 115 8.64 24.82 -22.43
CA VAL B 115 7.33 25.28 -22.88
C VAL B 115 7.48 26.46 -23.81
N THR B 116 6.96 26.30 -25.02
CA THR B 116 7.02 27.33 -26.04
C THR B 116 5.61 27.79 -26.40
N VAL B 117 5.35 29.08 -26.24
CA VAL B 117 4.07 29.63 -26.62
C VAL B 117 4.24 30.49 -27.86
N SER B 118 3.62 30.07 -28.96
CA SER B 118 3.67 30.86 -30.19
C SER B 118 2.50 30.53 -31.08
N SER B 119 2.17 31.47 -31.96
CA SER B 119 1.14 31.26 -32.96
C SER B 119 1.72 30.61 -34.20
N ALA B 120 3.04 30.49 -34.24
CA ALA B 120 3.72 29.94 -35.41
C ALA B 120 3.23 28.53 -35.74
N SER B 121 3.09 28.25 -37.03
CA SER B 121 2.70 26.93 -37.48
C SER B 121 3.93 26.04 -37.61
N THR B 122 3.74 24.74 -37.43
CA THR B 122 4.84 23.79 -37.60
C THR B 122 5.37 23.83 -39.03
N LYS B 123 6.68 23.99 -39.16
CA LYS B 123 7.32 24.06 -40.46
C LYS B 123 8.66 23.35 -40.44
N GLY B 124 8.94 22.60 -41.50
CA GLY B 124 10.22 21.92 -41.65
C GLY B 124 11.28 22.88 -42.16
N PRO B 125 12.55 22.58 -41.81
CA PRO B 125 13.67 23.45 -42.17
C PRO B 125 14.10 23.33 -43.62
N SER B 126 14.58 24.44 -44.19
CA SER B 126 15.29 24.40 -45.45
C SER B 126 16.77 24.23 -45.12
N VAL B 127 17.46 23.37 -45.85
CA VAL B 127 18.87 23.15 -45.60
C VAL B 127 19.70 23.64 -46.78
N PHE B 128 20.59 24.59 -46.51
CA PHE B 128 21.43 25.16 -47.54
C PHE B 128 22.89 24.87 -47.24
N PRO B 129 23.70 24.66 -48.29
CA PRO B 129 25.12 24.39 -48.09
C PRO B 129 25.90 25.65 -47.75
N LEU B 130 26.88 25.51 -46.86
CA LEU B 130 27.88 26.56 -46.67
C LEU B 130 29.15 26.02 -47.30
N ALA B 131 29.35 26.36 -48.57
CA ALA B 131 30.37 25.71 -49.38
C ALA B 131 31.77 26.20 -49.03
N PRO B 132 32.72 25.26 -48.94
CA PRO B 132 34.12 25.64 -48.72
C PRO B 132 34.70 26.26 -49.98
N SER B 133 35.66 27.15 -49.83
CA SER B 133 36.30 27.77 -50.98
C SER B 133 37.74 28.14 -50.66
N SER B 134 38.52 28.43 -51.70
CA SER B 134 39.94 28.73 -51.54
C SER B 134 40.16 30.06 -50.82
N LYS B 135 39.11 30.87 -50.74
CA LYS B 135 39.11 32.05 -49.88
C LYS B 135 38.44 31.69 -48.56
N SER B 136 38.82 30.53 -48.03
CA SER B 136 38.38 30.05 -46.73
C SER B 136 39.36 28.98 -46.26
N THR B 137 40.53 28.98 -46.88
CA THR B 137 41.58 28.04 -46.53
C THR B 137 42.55 28.71 -45.57
N SER B 138 42.19 28.67 -44.29
CA SER B 138 43.01 29.28 -43.24
C SER B 138 44.23 28.42 -42.91
N GLY B 139 45.30 28.62 -43.68
CA GLY B 139 46.55 27.92 -43.47
C GLY B 139 46.45 26.40 -43.49
N GLY B 140 45.87 25.86 -44.55
CA GLY B 140 45.71 24.41 -44.67
C GLY B 140 44.43 23.88 -44.04
N THR B 141 43.61 24.78 -43.50
CA THR B 141 42.34 24.40 -42.92
C THR B 141 41.17 25.08 -43.63
N ALA B 142 40.26 24.27 -44.16
CA ALA B 142 39.04 24.80 -44.78
C ALA B 142 37.87 24.70 -43.81
N ALA B 143 36.87 25.57 -43.98
CA ALA B 143 35.65 25.47 -43.20
C ALA B 143 34.45 25.29 -44.14
N LEU B 144 33.49 24.49 -43.70
CA LEU B 144 32.26 24.27 -44.46
C LEU B 144 31.13 24.00 -43.50
N GLY B 145 29.91 24.00 -44.01
CA GLY B 145 28.78 23.73 -43.14
C GLY B 145 27.43 23.65 -43.82
N CYS B 146 26.39 23.69 -43.00
CA CYS B 146 25.02 23.65 -43.46
C CYS B 146 24.22 24.72 -42.73
N LEU B 147 23.41 25.47 -43.48
CA LEU B 147 22.49 26.42 -42.91
C LEU B 147 21.11 25.78 -42.79
N VAL B 148 20.62 25.64 -41.56
CA VAL B 148 19.33 25.02 -41.32
C VAL B 148 18.31 26.11 -40.93
N LYS B 149 17.43 26.46 -41.86
CA LYS B 149 16.68 27.71 -41.76
C LYS B 149 15.15 27.54 -41.75
N ASP B 150 14.47 28.43 -41.03
CA ASP B 150 13.01 28.56 -41.03
C ASP B 150 12.27 27.30 -40.60
N TYR B 151 12.52 26.84 -39.38
CA TYR B 151 11.78 25.71 -38.86
C TYR B 151 11.12 26.05 -37.54
N PHE B 152 10.09 25.27 -37.21
CA PHE B 152 9.35 25.45 -35.97
C PHE B 152 8.58 24.17 -35.63
N PRO B 153 8.64 23.74 -34.37
CA PRO B 153 9.45 24.38 -33.33
C PRO B 153 10.82 23.72 -33.22
N GLU B 154 11.50 24.02 -32.12
CA GLU B 154 12.74 23.32 -31.78
C GLU B 154 12.40 21.89 -31.40
N PRO B 155 13.38 20.98 -31.46
CA PRO B 155 14.74 21.18 -31.96
C PRO B 155 14.96 20.54 -33.32
N VAL B 156 16.15 20.76 -33.88
CA VAL B 156 16.64 19.95 -34.97
C VAL B 156 17.91 19.27 -34.50
N THR B 157 18.21 18.10 -35.07
CA THR B 157 19.49 17.47 -34.82
C THR B 157 20.33 17.54 -36.08
N VAL B 158 21.63 17.72 -35.91
CA VAL B 158 22.55 17.74 -37.04
C VAL B 158 23.75 16.82 -36.80
N SER B 159 24.01 15.94 -37.75
CA SER B 159 25.23 15.14 -37.73
C SER B 159 25.99 15.33 -39.05
N TRP B 160 27.22 14.82 -39.10
CA TRP B 160 28.03 14.90 -40.31
C TRP B 160 28.55 13.53 -40.72
N ASN B 161 28.32 13.18 -41.99
CA ASN B 161 28.61 11.83 -42.50
C ASN B 161 28.08 10.75 -41.58
N SER B 162 26.80 10.89 -41.22
CA SER B 162 26.08 9.90 -40.42
C SER B 162 26.72 9.61 -39.07
N GLY B 163 27.50 10.56 -38.57
CA GLY B 163 28.11 10.41 -37.26
C GLY B 163 29.57 10.00 -37.31
N ALA B 164 30.11 9.83 -38.51
CA ALA B 164 31.52 9.49 -38.65
C ALA B 164 32.40 10.73 -38.46
N LEU B 165 31.90 11.88 -38.89
CA LEU B 165 32.64 13.13 -38.76
C LEU B 165 32.22 13.86 -37.50
N THR B 166 33.14 13.96 -36.55
CA THR B 166 32.79 14.46 -35.23
C THR B 166 33.78 15.53 -34.76
N SER B 167 35.03 15.43 -35.20
CA SER B 167 36.09 16.34 -34.81
C SER B 167 35.99 17.68 -35.55
N GLY B 168 36.13 18.78 -34.82
CA GLY B 168 36.09 20.11 -35.42
C GLY B 168 34.71 20.60 -35.78
N VAL B 169 33.68 19.87 -35.33
CA VAL B 169 32.29 20.22 -35.61
C VAL B 169 31.71 21.17 -34.56
N HIS B 170 31.11 22.27 -35.03
CA HIS B 170 30.38 23.17 -34.15
C HIS B 170 28.96 23.39 -34.67
N THR B 171 27.98 22.91 -33.91
CA THR B 171 26.58 23.16 -34.22
C THR B 171 26.05 24.22 -33.29
N PHE B 172 25.82 25.42 -33.83
CA PHE B 172 25.42 26.56 -33.04
C PHE B 172 24.02 26.42 -32.44
N PRO B 173 23.79 27.07 -31.30
CA PRO B 173 22.46 27.22 -30.72
C PRO B 173 21.50 27.88 -31.71
N ALA B 174 20.27 27.41 -31.76
CA ALA B 174 19.25 28.02 -32.61
C ALA B 174 19.01 29.48 -32.18
N VAL B 175 18.71 30.33 -33.14
CA VAL B 175 18.26 31.68 -32.83
C VAL B 175 16.85 31.86 -33.35
N LEU B 176 16.04 32.62 -32.61
CA LEU B 176 14.69 32.94 -33.03
C LEU B 176 14.70 34.17 -33.94
N GLN B 177 14.31 33.97 -35.19
CA GLN B 177 14.28 35.05 -36.17
C GLN B 177 13.05 35.93 -35.98
N SER B 178 13.05 37.12 -36.58
CA SER B 178 11.94 38.05 -36.45
C SER B 178 10.67 37.51 -37.10
N SER B 179 10.80 36.41 -37.84
CA SER B 179 9.65 35.74 -38.44
C SER B 179 8.98 34.78 -37.46
N GLY B 180 9.63 34.50 -36.33
CA GLY B 180 9.09 33.55 -35.37
C GLY B 180 9.51 32.13 -35.68
N LEU B 181 10.39 31.99 -36.66
CA LEU B 181 10.95 30.69 -37.03
C LEU B 181 12.39 30.60 -36.53
N TYR B 182 12.84 29.39 -36.23
CA TYR B 182 14.21 29.20 -35.76
C TYR B 182 15.15 29.02 -36.93
N SER B 183 16.42 29.30 -36.68
CA SER B 183 17.46 29.09 -37.67
C SER B 183 18.76 28.75 -36.96
N LEU B 184 19.62 28.04 -37.68
CA LEU B 184 20.78 27.42 -37.09
C LEU B 184 21.80 27.10 -38.17
N SER B 185 23.08 27.15 -37.82
CA SER B 185 24.13 26.65 -38.70
C SER B 185 24.96 25.60 -37.99
N SER B 186 25.44 24.63 -38.75
CA SER B 186 26.42 23.67 -38.27
C SER B 186 27.64 23.72 -39.17
N VAL B 187 28.81 23.90 -38.57
CA VAL B 187 30.04 24.02 -39.34
C VAL B 187 31.08 23.00 -38.89
N VAL B 188 32.08 22.78 -39.73
CA VAL B 188 33.17 21.89 -39.40
C VAL B 188 34.43 22.38 -40.11
N THR B 189 35.57 22.28 -39.45
CA THR B 189 36.84 22.61 -40.10
C THR B 189 37.57 21.33 -40.48
N VAL B 190 37.96 21.24 -41.74
CA VAL B 190 38.62 20.04 -42.26
C VAL B 190 39.92 20.41 -42.95
N PRO B 191 40.83 19.43 -43.14
CA PRO B 191 42.01 19.74 -43.94
C PRO B 191 41.62 20.11 -45.38
N SER B 192 42.25 21.13 -45.92
CA SER B 192 41.99 21.57 -47.29
C SER B 192 42.27 20.48 -48.31
N SER B 193 43.35 19.73 -48.08
CA SER B 193 43.77 18.68 -49.01
C SER B 193 42.69 17.63 -49.21
N SER B 194 41.80 17.51 -48.22
CA SER B 194 40.75 16.50 -48.24
C SER B 194 39.55 16.91 -49.10
N LEU B 195 39.47 18.19 -49.44
CA LEU B 195 38.31 18.73 -50.16
C LEU B 195 38.01 18.04 -51.49
N GLY B 196 39.06 17.70 -52.23
CA GLY B 196 38.89 17.09 -53.52
C GLY B 196 38.73 15.58 -53.48
N THR B 197 38.91 14.99 -52.30
CA THR B 197 38.91 13.53 -52.19
C THR B 197 37.99 12.98 -51.09
N GLN B 198 37.28 13.86 -50.39
CA GLN B 198 36.42 13.44 -49.29
C GLN B 198 35.03 14.05 -49.39
N THR B 199 34.01 13.23 -49.16
CA THR B 199 32.62 13.69 -49.23
C THR B 199 32.14 14.19 -47.87
N TYR B 200 31.48 15.35 -47.87
CA TYR B 200 30.90 15.88 -46.64
C TYR B 200 29.39 16.08 -46.77
N ILE B 201 28.64 15.31 -45.97
CA ILE B 201 27.19 15.39 -45.95
C ILE B 201 26.68 15.73 -44.56
N CYS B 202 25.85 16.76 -44.44
CA CYS B 202 25.21 17.04 -43.17
C CYS B 202 23.85 16.33 -43.14
N ASN B 203 23.57 15.67 -42.02
CA ASN B 203 22.30 14.99 -41.84
C ASN B 203 21.41 15.78 -40.89
N VAL B 204 20.24 16.19 -41.38
CA VAL B 204 19.35 17.05 -40.61
C VAL B 204 17.99 16.44 -40.38
N ASN B 205 17.58 16.37 -39.12
CA ASN B 205 16.29 15.80 -38.78
C ASN B 205 15.44 16.74 -37.94
N HIS B 206 14.20 16.97 -38.38
CA HIS B 206 13.25 17.77 -37.63
C HIS B 206 12.00 16.94 -37.37
N LYS B 207 11.98 16.24 -36.24
CA LYS B 207 10.90 15.32 -35.91
C LYS B 207 9.48 15.94 -35.89
N PRO B 208 9.32 17.16 -35.33
CA PRO B 208 7.97 17.75 -35.32
C PRO B 208 7.27 17.81 -36.68
N SER B 209 8.03 17.79 -37.77
CA SER B 209 7.46 17.78 -39.10
C SER B 209 7.89 16.55 -39.91
N ASN B 210 8.50 15.58 -39.22
CA ASN B 210 9.07 14.39 -39.86
C ASN B 210 9.91 14.70 -41.09
N THR B 211 10.91 15.57 -40.91
CA THR B 211 11.76 15.99 -42.00
C THR B 211 13.16 15.39 -41.86
N LYS B 212 13.60 14.70 -42.90
CA LYS B 212 14.95 14.16 -42.95
C LYS B 212 15.67 14.65 -44.20
N VAL B 213 16.76 15.37 -44.00
CA VAL B 213 17.51 15.92 -45.12
C VAL B 213 18.98 15.53 -45.09
N ASP B 214 19.47 15.03 -46.21
CA ASP B 214 20.90 14.83 -46.39
C ASP B 214 21.36 15.76 -47.50
N LYS B 215 22.25 16.69 -47.16
CA LYS B 215 22.74 17.64 -48.14
C LYS B 215 24.25 17.55 -48.23
N LYS B 216 24.74 17.09 -49.38
CA LYS B 216 26.17 17.04 -49.64
C LYS B 216 26.69 18.46 -49.84
N VAL B 217 27.85 18.76 -49.26
CA VAL B 217 28.42 20.10 -49.35
C VAL B 217 29.70 20.07 -50.19
N GLU B 218 29.63 20.66 -51.37
CA GLU B 218 30.74 20.62 -52.31
C GLU B 218 31.41 21.98 -52.47
N PRO B 219 32.73 21.98 -52.73
CA PRO B 219 33.48 23.22 -52.90
C PRO B 219 33.04 24.08 -54.08
N LYS B 220 33.60 25.28 -54.18
CA LYS B 220 33.31 26.18 -55.29
C LYS B 220 34.47 27.14 -55.51
N ASP C 1 -30.38 -31.89 -16.83
CA ASP C 1 -29.73 -31.23 -15.70
C ASP C 1 -29.86 -32.08 -14.43
N ILE C 2 -28.80 -32.09 -13.62
CA ILE C 2 -28.78 -32.87 -12.40
C ILE C 2 -29.66 -32.23 -11.32
N GLN C 3 -30.57 -33.02 -10.77
CA GLN C 3 -31.49 -32.55 -9.73
C GLN C 3 -31.07 -33.05 -8.36
N MET C 4 -31.09 -32.17 -7.36
CA MET C 4 -30.88 -32.57 -5.97
C MET C 4 -32.22 -32.59 -5.25
N THR C 5 -32.54 -33.71 -4.60
CA THR C 5 -33.76 -33.80 -3.82
C THR C 5 -33.45 -34.25 -2.41
N GLN C 6 -33.90 -33.46 -1.44
CA GLN C 6 -33.67 -33.75 -0.03
C GLN C 6 -34.87 -34.45 0.60
N SER C 7 -34.62 -35.27 1.61
CA SER C 7 -35.69 -35.85 2.39
C SER C 7 -35.24 -36.08 3.84
N PRO C 8 -36.14 -35.82 4.80
CA PRO C 8 -37.47 -35.22 4.59
C PRO C 8 -37.35 -33.75 4.19
N SER C 9 -38.47 -33.11 3.88
CA SER C 9 -38.44 -31.68 3.61
C SER C 9 -38.64 -30.92 4.91
N PHE C 10 -39.10 -31.63 5.92
CA PHE C 10 -39.45 -31.02 7.20
C PHE C 10 -39.29 -32.04 8.32
N VAL C 11 -38.61 -31.63 9.38
CA VAL C 11 -38.41 -32.49 10.54
C VAL C 11 -38.69 -31.71 11.82
N SER C 12 -39.54 -32.25 12.67
CA SER C 12 -39.79 -31.65 13.96
C SER C 12 -39.12 -32.48 15.05
N ALA C 13 -38.16 -31.88 15.75
CA ALA C 13 -37.36 -32.64 16.72
C ALA C 13 -37.11 -31.86 18.01
N SER C 14 -37.01 -32.58 19.11
CA SER C 14 -36.65 -31.99 20.39
C SER C 14 -35.18 -31.64 20.40
N VAL C 15 -34.83 -30.63 21.19
CA VAL C 15 -33.43 -30.39 21.53
C VAL C 15 -32.86 -31.68 22.11
N GLY C 16 -31.65 -32.04 21.69
CA GLY C 16 -31.01 -33.25 22.19
C GLY C 16 -31.23 -34.47 21.31
N ASP C 17 -32.20 -34.40 20.40
CA ASP C 17 -32.45 -35.51 19.49
C ASP C 17 -31.35 -35.64 18.45
N ARG C 18 -31.19 -36.85 17.94
CA ARG C 18 -30.33 -37.12 16.79
C ARG C 18 -31.18 -37.02 15.52
N VAL C 19 -30.64 -36.38 14.48
CA VAL C 19 -31.36 -36.30 13.22
C VAL C 19 -30.41 -36.51 12.04
N THR C 20 -30.90 -37.23 11.04
CA THR C 20 -30.17 -37.45 9.80
C THR C 20 -31.06 -37.05 8.64
N ILE C 21 -30.57 -36.13 7.81
CA ILE C 21 -31.31 -35.79 6.60
C ILE C 21 -30.51 -36.24 5.40
N THR C 22 -31.20 -36.55 4.31
CA THR C 22 -30.50 -37.06 3.15
C THR C 22 -30.70 -36.19 1.93
N CYS C 23 -29.75 -36.30 1.00
CA CYS C 23 -29.79 -35.60 -0.27
C CYS C 23 -29.59 -36.64 -1.37
N ARG C 24 -30.49 -36.66 -2.36
CA ARG C 24 -30.30 -37.55 -3.50
C ARG C 24 -30.10 -36.78 -4.80
N ALA C 25 -29.05 -37.15 -5.53
CA ALA C 25 -28.80 -36.57 -6.86
C ALA C 25 -29.36 -37.49 -7.94
N SER C 26 -29.91 -36.91 -9.00
CA SER C 26 -30.53 -37.70 -10.05
C SER C 26 -29.49 -38.49 -10.86
N GLN C 27 -28.24 -38.04 -10.83
CA GLN C 27 -27.12 -38.79 -11.38
C GLN C 27 -25.96 -38.75 -10.40
N GLY C 28 -24.98 -39.63 -10.58
CA GLY C 28 -23.81 -39.64 -9.72
C GLY C 28 -23.01 -38.35 -9.81
N ILE C 29 -22.64 -37.82 -8.64
CA ILE C 29 -21.82 -36.61 -8.57
C ILE C 29 -20.58 -36.85 -7.71
N SER C 30 -20.19 -38.11 -7.60
CA SER C 30 -19.10 -38.57 -6.74
C SER C 30 -19.11 -37.87 -5.38
N SER C 31 -18.08 -37.09 -5.08
CA SER C 31 -18.03 -36.44 -3.78
C SER C 31 -18.14 -34.92 -3.88
N TYR C 32 -18.64 -34.43 -5.01
CA TYR C 32 -18.78 -32.99 -5.21
C TYR C 32 -20.08 -32.45 -4.59
N LEU C 33 -20.15 -32.52 -3.26
CA LEU C 33 -21.35 -32.10 -2.54
C LEU C 33 -21.00 -31.37 -1.26
N ALA C 34 -21.76 -30.31 -0.97
CA ALA C 34 -21.60 -29.56 0.26
C ALA C 34 -22.94 -29.38 0.96
N TRP C 35 -22.90 -29.09 2.26
CA TRP C 35 -24.08 -28.77 3.04
C TRP C 35 -24.01 -27.37 3.64
N TYR C 36 -25.13 -26.65 3.61
CA TYR C 36 -25.20 -25.32 4.19
C TYR C 36 -26.32 -25.22 5.21
N GLN C 37 -26.12 -24.36 6.18
CA GLN C 37 -27.14 -24.06 7.17
C GLN C 37 -27.64 -22.63 6.95
N GLN C 38 -28.96 -22.45 6.87
CA GLN C 38 -29.50 -21.11 6.68
C GLN C 38 -30.63 -20.80 7.64
N LYS C 39 -30.51 -19.65 8.32
CA LYS C 39 -31.53 -19.14 9.21
C LYS C 39 -32.27 -18.00 8.52
N PRO C 40 -33.53 -17.74 8.93
CA PRO C 40 -34.37 -16.73 8.27
C PRO C 40 -33.73 -15.34 8.22
N GLY C 41 -33.73 -14.73 7.03
CA GLY C 41 -33.17 -13.40 6.84
C GLY C 41 -31.65 -13.36 6.75
N LYS C 42 -31.02 -14.52 6.84
CA LYS C 42 -29.56 -14.58 6.84
C LYS C 42 -29.02 -15.32 5.62
N ALA C 43 -27.72 -15.20 5.39
CA ALA C 43 -27.06 -15.94 4.31
C ALA C 43 -26.75 -17.36 4.76
N PRO C 44 -26.64 -18.30 3.82
CA PRO C 44 -26.29 -19.67 4.21
C PRO C 44 -24.91 -19.74 4.89
N LYS C 45 -24.69 -20.78 5.70
CA LYS C 45 -23.40 -20.97 6.33
C LYS C 45 -22.88 -22.37 6.00
N LEU C 46 -21.65 -22.43 5.49
CA LEU C 46 -21.05 -23.70 5.12
C LEU C 46 -20.90 -24.61 6.32
N VAL C 47 -21.41 -25.84 6.20
CA VAL C 47 -21.27 -26.82 7.28
C VAL C 47 -20.26 -27.90 6.90
N ILE C 48 -20.47 -28.51 5.73
CA ILE C 48 -19.66 -29.64 5.29
C ILE C 48 -19.33 -29.52 3.80
N TYR C 49 -18.14 -29.96 3.40
CA TYR C 49 -17.80 -29.97 1.99
C TYR C 49 -17.13 -31.30 1.59
N ALA C 50 -17.08 -31.55 0.29
CA ALA C 50 -16.57 -32.81 -0.24
C ALA C 50 -17.21 -33.99 0.47
N ALA C 51 -18.51 -33.84 0.76
CA ALA C 51 -19.39 -34.88 1.29
C ALA C 51 -19.19 -35.17 2.77
N SER C 52 -17.95 -35.17 3.25
CA SER C 52 -17.69 -35.67 4.61
C SER C 52 -16.77 -34.80 5.46
N THR C 53 -16.19 -33.77 4.85
CA THR C 53 -15.23 -32.91 5.54
C THR C 53 -15.91 -31.70 6.20
N LEU C 54 -15.73 -31.56 7.50
CA LEU C 54 -16.27 -30.41 8.22
C LEU C 54 -15.49 -29.14 7.91
N GLN C 55 -16.21 -28.04 7.68
CA GLN C 55 -15.59 -26.73 7.64
C GLN C 55 -15.01 -26.45 9.02
N SER C 56 -13.86 -25.78 9.08
CA SER C 56 -13.25 -25.44 10.35
C SER C 56 -14.18 -24.53 11.16
N GLY C 57 -14.30 -24.81 12.45
CA GLY C 57 -15.19 -24.06 13.31
C GLY C 57 -16.49 -24.81 13.59
N VAL C 58 -16.90 -25.66 12.67
CA VAL C 58 -18.10 -26.45 12.83
C VAL C 58 -17.90 -27.51 13.93
N PRO C 59 -18.84 -27.61 14.87
CA PRO C 59 -18.75 -28.53 16.01
C PRO C 59 -18.83 -30.00 15.59
N SER C 60 -18.25 -30.89 16.39
CA SER C 60 -18.14 -32.30 16.04
C SER C 60 -19.46 -33.06 15.98
N ARG C 61 -20.54 -32.46 16.49
CA ARG C 61 -21.85 -33.13 16.44
C ARG C 61 -22.37 -33.22 15.01
N PHE C 62 -21.80 -32.41 14.12
CA PHE C 62 -22.09 -32.50 12.69
C PHE C 62 -21.20 -33.51 12.00
N SER C 63 -21.79 -34.37 11.18
CA SER C 63 -21.01 -35.25 10.33
C SER C 63 -21.74 -35.45 9.00
N GLY C 64 -20.99 -35.84 7.98
CA GLY C 64 -21.57 -36.08 6.67
C GLY C 64 -20.92 -37.27 6.01
N SER C 65 -21.66 -37.92 5.11
CA SER C 65 -21.11 -39.01 4.34
C SER C 65 -21.91 -39.25 3.08
N GLY C 66 -21.39 -40.11 2.22
CA GLY C 66 -22.08 -40.47 1.00
C GLY C 66 -21.22 -40.20 -0.21
N SER C 67 -21.48 -40.93 -1.28
CA SER C 67 -20.84 -40.68 -2.55
C SER C 67 -21.76 -41.09 -3.68
N GLY C 68 -21.64 -40.41 -4.81
CA GLY C 68 -22.42 -40.77 -5.98
C GLY C 68 -23.77 -40.09 -6.02
N THR C 69 -24.80 -40.81 -5.57
CA THR C 69 -26.16 -40.31 -5.68
C THR C 69 -26.87 -40.09 -4.34
N GLU C 70 -26.32 -40.64 -3.26
CA GLU C 70 -27.01 -40.53 -1.97
C GLU C 70 -26.07 -40.01 -0.89
N PHE C 71 -26.46 -38.93 -0.24
CA PHE C 71 -25.64 -38.27 0.77
C PHE C 71 -26.45 -38.03 2.04
N THR C 72 -25.77 -38.10 3.18
CA THR C 72 -26.44 -37.83 4.45
C THR C 72 -25.72 -36.78 5.28
N LEU C 73 -26.51 -36.06 6.06
CA LEU C 73 -25.98 -35.14 7.06
C LEU C 73 -26.61 -35.50 8.39
N THR C 74 -25.77 -35.68 9.40
CA THR C 74 -26.24 -36.11 10.71
C THR C 74 -25.82 -35.15 11.81
N ILE C 75 -26.78 -34.78 12.65
CA ILE C 75 -26.50 -34.07 13.88
C ILE C 75 -26.70 -35.05 15.02
N SER C 76 -25.63 -35.34 15.77
CA SER C 76 -25.69 -36.43 16.75
C SER C 76 -26.60 -36.08 17.93
N SER C 77 -26.73 -34.79 18.21
CA SER C 77 -27.58 -34.32 19.30
C SER C 77 -27.85 -32.82 19.11
N LEU C 78 -29.07 -32.50 18.72
CA LEU C 78 -29.43 -31.12 18.37
C LEU C 78 -29.30 -30.15 19.53
N GLN C 79 -28.65 -29.02 19.28
CA GLN C 79 -28.65 -27.90 20.20
C GLN C 79 -29.57 -26.83 19.62
N PRO C 80 -30.08 -25.91 20.47
CA PRO C 80 -31.08 -24.94 19.98
C PRO C 80 -30.65 -24.13 18.75
N GLU C 81 -29.37 -23.80 18.65
CA GLU C 81 -28.89 -23.02 17.52
C GLU C 81 -28.80 -23.84 16.22
N ASP C 82 -29.05 -25.14 16.31
CA ASP C 82 -28.93 -26.00 15.12
C ASP C 82 -30.20 -26.01 14.29
N PHE C 83 -31.29 -25.52 14.85
CA PHE C 83 -32.56 -25.52 14.13
C PHE C 83 -32.56 -24.44 13.06
N ALA C 84 -32.64 -24.88 11.81
CA ALA C 84 -32.59 -24.00 10.66
C ALA C 84 -33.04 -24.77 9.43
N THR C 85 -32.84 -24.17 8.26
CA THR C 85 -33.03 -24.89 7.01
C THR C 85 -31.66 -25.30 6.49
N TYR C 86 -31.55 -26.56 6.07
CA TYR C 86 -30.30 -27.09 5.54
C TYR C 86 -30.42 -27.38 4.05
N TYR C 87 -29.41 -26.94 3.29
CA TYR C 87 -29.36 -27.15 1.85
C TYR C 87 -28.15 -27.99 1.45
N CYS C 88 -28.34 -28.91 0.52
CA CYS C 88 -27.22 -29.58 -0.11
C CYS C 88 -26.93 -28.91 -1.45
N GLN C 89 -25.70 -29.01 -1.93
CA GLN C 89 -25.32 -28.36 -3.19
C GLN C 89 -24.30 -29.17 -3.98
N HIS C 90 -24.59 -29.35 -5.28
CA HIS C 90 -23.63 -29.89 -6.22
C HIS C 90 -22.53 -28.87 -6.43
N LEU C 91 -21.28 -29.27 -6.20
CA LEU C 91 -20.19 -28.31 -6.17
C LEU C 91 -19.63 -27.94 -7.55
N ILE C 92 -20.00 -28.72 -8.58
CA ILE C 92 -19.61 -28.38 -9.95
C ILE C 92 -20.81 -28.43 -10.87
N GLY C 93 -20.56 -28.37 -12.18
CA GLY C 93 -21.62 -28.43 -13.16
C GLY C 93 -22.47 -27.19 -13.09
N LEU C 94 -23.78 -27.38 -12.92
CA LEU C 94 -24.69 -26.24 -12.80
C LEU C 94 -24.84 -25.77 -11.36
N ARG C 95 -24.07 -26.36 -10.46
CA ARG C 95 -24.04 -25.96 -9.04
C ARG C 95 -25.43 -25.89 -8.41
N SER C 96 -26.30 -26.85 -8.74
CA SER C 96 -27.67 -26.82 -8.26
C SER C 96 -27.77 -27.17 -6.78
N PHE C 97 -28.81 -26.64 -6.14
CA PHE C 97 -29.08 -26.88 -4.73
C PHE C 97 -30.29 -27.80 -4.57
N GLY C 98 -30.37 -28.48 -3.43
CA GLY C 98 -31.58 -29.20 -3.06
C GLY C 98 -32.65 -28.21 -2.66
N GLN C 99 -33.86 -28.70 -2.36
CA GLN C 99 -34.96 -27.80 -2.06
C GLN C 99 -34.94 -27.32 -0.60
N GLY C 100 -34.08 -27.92 0.22
CA GLY C 100 -33.98 -27.53 1.62
C GLY C 100 -34.77 -28.42 2.55
N THR C 101 -34.25 -28.62 3.76
CA THR C 101 -34.90 -29.39 4.80
C THR C 101 -34.99 -28.54 6.04
N LYS C 102 -36.21 -28.29 6.52
CA LYS C 102 -36.40 -27.43 7.67
C LYS C 102 -36.51 -28.23 8.96
N LEU C 103 -35.74 -27.83 9.97
CA LEU C 103 -35.85 -28.42 11.31
C LEU C 103 -36.62 -27.49 12.23
N GLU C 104 -37.74 -27.97 12.76
CA GLU C 104 -38.54 -27.22 13.71
C GLU C 104 -38.26 -27.71 15.13
N ILE C 105 -38.31 -26.81 16.11
CA ILE C 105 -38.17 -27.21 17.51
C ILE C 105 -39.48 -27.79 18.03
N LYS C 106 -39.43 -28.99 18.59
CA LYS C 106 -40.63 -29.62 19.11
C LYS C 106 -40.91 -29.14 20.53
N ARG C 107 -42.19 -29.01 20.85
CA ARG C 107 -42.62 -28.70 22.21
C ARG C 107 -44.07 -29.15 22.40
N THR C 108 -44.59 -28.95 23.60
CA THR C 108 -45.95 -29.38 23.91
C THR C 108 -46.96 -28.52 23.17
N VAL C 109 -48.19 -29.02 23.09
CA VAL C 109 -49.25 -28.26 22.46
C VAL C 109 -49.52 -26.98 23.24
N ALA C 110 -49.75 -25.88 22.53
CA ALA C 110 -50.16 -24.63 23.13
C ALA C 110 -51.33 -24.07 22.33
N ALA C 111 -52.46 -23.84 22.99
CA ALA C 111 -53.64 -23.31 22.33
C ALA C 111 -53.45 -21.83 22.01
N PRO C 112 -54.00 -21.37 20.88
CA PRO C 112 -53.90 -19.95 20.56
C PRO C 112 -54.84 -19.09 21.39
N SER C 113 -54.38 -17.89 21.73
CA SER C 113 -55.29 -16.84 22.18
C SER C 113 -55.78 -16.11 20.93
N VAL C 114 -57.10 -15.93 20.83
CA VAL C 114 -57.67 -15.35 19.63
C VAL C 114 -58.22 -13.95 19.87
N PHE C 115 -57.92 -13.05 18.94
CA PHE C 115 -58.39 -11.68 19.01
C PHE C 115 -58.93 -11.25 17.65
N ILE C 116 -59.97 -10.42 17.66
CA ILE C 116 -60.49 -9.88 16.41
C ILE C 116 -60.46 -8.35 16.47
N PHE C 117 -60.18 -7.74 15.31
CA PHE C 117 -60.08 -6.28 15.22
C PHE C 117 -60.95 -5.73 14.11
N PRO C 118 -61.81 -4.76 14.44
CA PRO C 118 -62.60 -4.06 13.42
C PRO C 118 -61.72 -3.21 12.51
N PRO C 119 -62.22 -2.86 11.33
CA PRO C 119 -61.49 -1.85 10.54
C PRO C 119 -61.62 -0.49 11.23
N SER C 120 -60.60 0.35 11.11
CA SER C 120 -60.65 1.68 11.70
C SER C 120 -61.57 2.60 10.89
N ASP C 121 -62.12 3.62 11.55
CA ASP C 121 -62.92 4.62 10.85
C ASP C 121 -62.10 5.34 9.80
N GLU C 122 -60.81 5.52 10.09
CA GLU C 122 -59.92 6.22 9.17
C GLU C 122 -59.73 5.45 7.86
N GLN C 123 -59.65 4.13 7.93
CA GLN C 123 -59.44 3.34 6.72
C GLN C 123 -60.69 3.37 5.84
N LEU C 124 -61.85 3.29 6.47
CA LEU C 124 -63.12 3.31 5.74
C LEU C 124 -63.28 4.56 4.86
N LYS C 125 -62.64 5.64 5.27
CA LYS C 125 -62.70 6.90 4.52
C LYS C 125 -62.03 6.80 3.14
N SER C 126 -61.17 5.80 2.95
CA SER C 126 -60.53 5.62 1.66
C SER C 126 -61.10 4.43 0.89
N GLY C 127 -62.07 3.73 1.47
CA GLY C 127 -62.89 2.80 0.71
C GLY C 127 -62.70 1.30 0.89
N THR C 128 -61.78 0.90 1.77
CA THR C 128 -61.53 -0.51 1.99
C THR C 128 -61.63 -0.82 3.48
N ALA C 129 -62.16 -1.99 3.80
CA ALA C 129 -62.27 -2.40 5.20
C ALA C 129 -61.42 -3.64 5.45
N SER C 130 -60.45 -3.53 6.34
CA SER C 130 -59.63 -4.67 6.72
C SER C 130 -60.05 -5.18 8.09
N VAL C 131 -60.44 -6.45 8.15
CA VAL C 131 -60.76 -7.08 9.42
C VAL C 131 -59.66 -8.07 9.76
N VAL C 132 -59.09 -7.96 10.96
CA VAL C 132 -57.94 -8.78 11.31
C VAL C 132 -58.24 -9.76 12.45
N CYS C 133 -57.83 -11.00 12.28
CA CYS C 133 -57.93 -12.01 13.31
C CYS C 133 -56.53 -12.42 13.75
N LEU C 134 -56.27 -12.40 15.05
CA LEU C 134 -54.95 -12.74 15.57
C LEU C 134 -54.95 -14.02 16.39
N LEU C 135 -54.05 -14.93 16.06
CA LEU C 135 -53.85 -16.16 16.84
C LEU C 135 -52.50 -16.09 17.52
N ASN C 136 -52.49 -15.92 18.83
CA ASN C 136 -51.24 -15.64 19.54
C ASN C 136 -50.67 -16.82 20.30
N ASN C 137 -49.38 -17.08 20.07
CA ASN C 137 -48.61 -18.05 20.81
C ASN C 137 -49.19 -19.46 20.83
N PHE C 138 -49.23 -20.11 19.67
CA PHE C 138 -49.75 -21.46 19.62
C PHE C 138 -48.72 -22.44 19.07
N TYR C 139 -48.97 -23.72 19.33
CA TYR C 139 -48.18 -24.81 18.76
C TYR C 139 -49.04 -26.07 18.79
N PRO C 140 -48.94 -26.90 17.73
CA PRO C 140 -48.14 -26.75 16.51
C PRO C 140 -48.68 -25.71 15.53
N ARG C 141 -48.02 -25.59 14.39
CA ARG C 141 -48.30 -24.54 13.41
C ARG C 141 -49.66 -24.69 12.76
N GLU C 142 -50.12 -25.94 12.62
CA GLU C 142 -51.41 -26.23 11.99
C GLU C 142 -52.58 -25.56 12.70
N ALA C 143 -53.29 -24.73 11.95
CA ALA C 143 -54.49 -24.09 12.45
C ALA C 143 -55.39 -23.74 11.28
N LYS C 144 -56.68 -23.69 11.52
CA LYS C 144 -57.62 -23.31 10.47
C LYS C 144 -58.40 -22.08 10.91
N VAL C 145 -58.44 -21.07 10.04
CA VAL C 145 -59.21 -19.86 10.31
C VAL C 145 -60.29 -19.68 9.27
N GLN C 146 -61.53 -19.53 9.74
CA GLN C 146 -62.66 -19.28 8.85
C GLN C 146 -63.32 -17.94 9.17
N TRP C 147 -63.60 -17.17 8.13
CA TRP C 147 -64.31 -15.90 8.32
C TRP C 147 -65.78 -16.05 8.01
N LYS C 148 -66.61 -15.38 8.80
CA LYS C 148 -68.03 -15.34 8.54
C LYS C 148 -68.55 -13.91 8.59
N VAL C 149 -69.35 -13.55 7.60
CA VAL C 149 -69.99 -12.25 7.59
C VAL C 149 -71.49 -12.47 7.53
N ASP C 150 -72.19 -12.08 8.60
CA ASP C 150 -73.59 -12.43 8.78
C ASP C 150 -73.76 -13.94 8.57
N ASN C 151 -72.86 -14.69 9.19
CA ASN C 151 -72.90 -16.15 9.18
C ASN C 151 -72.67 -16.76 7.79
N ALA C 152 -72.21 -15.94 6.86
CA ALA C 152 -71.85 -16.45 5.53
C ALA C 152 -70.35 -16.70 5.45
N LEU C 153 -69.98 -17.94 5.12
CA LEU C 153 -68.57 -18.31 4.99
C LEU C 153 -67.92 -17.56 3.84
N GLN C 154 -66.78 -16.93 4.13
CA GLN C 154 -66.06 -16.14 3.12
C GLN C 154 -64.98 -16.97 2.45
N SER C 155 -64.74 -16.69 1.17
CA SER C 155 -63.74 -17.41 0.39
C SER C 155 -63.01 -16.49 -0.57
N GLY C 156 -61.69 -16.61 -0.60
CA GLY C 156 -60.88 -15.89 -1.57
C GLY C 156 -60.51 -14.47 -1.20
N ASN C 157 -61.07 -13.93 -0.11
CA ASN C 157 -60.80 -12.54 0.26
C ASN C 157 -60.06 -12.38 1.59
N SER C 158 -59.23 -13.36 1.95
CA SER C 158 -58.39 -13.24 3.12
C SER C 158 -56.98 -13.76 2.89
N GLN C 159 -56.01 -13.22 3.61
CA GLN C 159 -54.63 -13.67 3.52
C GLN C 159 -54.05 -13.91 4.91
N GLU C 160 -53.22 -14.93 5.05
CA GLU C 160 -52.60 -15.25 6.32
C GLU C 160 -51.10 -14.95 6.33
N SER C 161 -50.60 -14.63 7.51
CA SER C 161 -49.16 -14.49 7.72
C SER C 161 -48.83 -15.14 9.05
N VAL C 162 -47.69 -15.81 9.13
CA VAL C 162 -47.28 -16.49 10.36
C VAL C 162 -45.83 -16.12 10.71
N THR C 163 -45.55 -15.94 12.00
CA THR C 163 -44.19 -15.62 12.43
C THR C 163 -43.31 -16.86 12.43
N GLU C 164 -42.00 -16.65 12.56
CA GLU C 164 -41.07 -17.74 12.80
C GLU C 164 -41.26 -18.20 14.24
N GLN C 165 -40.75 -19.38 14.58
CA GLN C 165 -40.83 -19.88 15.95
C GLN C 165 -40.16 -18.93 16.93
N ASP C 166 -40.91 -18.52 17.95
CA ASP C 166 -40.39 -17.67 19.02
C ASP C 166 -39.13 -18.32 19.62
N SER C 167 -38.10 -17.52 19.87
CA SER C 167 -36.79 -18.06 20.24
C SER C 167 -36.74 -18.55 21.69
N LYS C 168 -37.73 -18.15 22.50
CA LYS C 168 -37.75 -18.56 23.90
C LYS C 168 -38.76 -19.69 24.17
N ASP C 169 -39.98 -19.58 23.65
CA ASP C 169 -41.01 -20.57 23.98
C ASP C 169 -41.44 -21.41 22.79
N SER C 170 -40.85 -21.14 21.63
CA SER C 170 -41.01 -21.98 20.42
C SER C 170 -42.43 -22.02 19.88
N THR C 171 -43.22 -21.01 20.18
CA THR C 171 -44.59 -20.97 19.69
C THR C 171 -44.69 -20.14 18.41
N TYR C 172 -45.82 -20.26 17.73
CA TYR C 172 -46.09 -19.47 16.53
C TYR C 172 -47.15 -18.42 16.81
N SER C 173 -47.11 -17.33 16.05
CA SER C 173 -48.25 -16.43 16.02
C SER C 173 -48.72 -16.25 14.58
N LEU C 174 -50.01 -16.12 14.40
CA LEU C 174 -50.59 -16.01 13.07
C LEU C 174 -51.61 -14.88 12.99
N SER C 175 -51.67 -14.22 11.85
CA SER C 175 -52.71 -13.25 11.58
C SER C 175 -53.44 -13.62 10.29
N SER C 176 -54.75 -13.40 10.29
CA SER C 176 -55.54 -13.55 9.08
C SER C 176 -56.26 -12.23 8.80
N THR C 177 -56.16 -11.75 7.58
CA THR C 177 -56.73 -10.45 7.25
C THR C 177 -57.82 -10.58 6.19
N LEU C 178 -59.04 -10.20 6.56
CA LEU C 178 -60.17 -10.20 5.65
C LEU C 178 -60.29 -8.83 4.99
N THR C 179 -60.23 -8.79 3.67
CA THR C 179 -60.31 -7.53 2.96
C THR C 179 -61.67 -7.36 2.29
N LEU C 180 -62.41 -6.34 2.71
CA LEU C 180 -63.72 -6.06 2.15
C LEU C 180 -63.77 -4.66 1.54
N SER C 181 -64.70 -4.45 0.63
CA SER C 181 -65.01 -3.09 0.19
C SER C 181 -65.80 -2.39 1.28
N LYS C 182 -65.79 -1.07 1.26
CA LYS C 182 -66.52 -0.28 2.25
C LYS C 182 -68.01 -0.60 2.20
N ALA C 183 -68.57 -0.62 1.00
CA ALA C 183 -69.99 -0.88 0.82
C ALA C 183 -70.36 -2.26 1.36
N ASP C 184 -69.53 -3.26 1.04
CA ASP C 184 -69.76 -4.62 1.52
C ASP C 184 -69.75 -4.65 3.05
N TYR C 185 -68.77 -3.96 3.64
CA TYR C 185 -68.67 -3.89 5.09
C TYR C 185 -69.89 -3.21 5.72
N GLU C 186 -70.32 -2.11 5.12
CA GLU C 186 -71.40 -1.30 5.71
C GLU C 186 -72.77 -1.95 5.59
N LYS C 187 -72.93 -2.92 4.69
CA LYS C 187 -74.23 -3.53 4.49
C LYS C 187 -74.37 -4.83 5.28
N HIS C 188 -73.42 -5.11 6.17
CA HIS C 188 -73.52 -6.27 7.04
C HIS C 188 -73.22 -5.90 8.48
N LYS C 189 -73.60 -6.77 9.41
CA LYS C 189 -73.62 -6.40 10.82
C LYS C 189 -72.64 -7.18 11.69
N VAL C 190 -72.66 -8.51 11.60
CA VAL C 190 -71.84 -9.34 12.48
C VAL C 190 -70.63 -9.93 11.76
N TYR C 191 -69.46 -9.77 12.37
CA TYR C 191 -68.21 -10.21 11.78
C TYR C 191 -67.45 -11.13 12.72
N ALA C 192 -67.15 -12.33 12.23
CA ALA C 192 -66.56 -13.35 13.09
C ALA C 192 -65.42 -14.08 12.41
N CYS C 193 -64.41 -14.46 13.20
CA CYS C 193 -63.44 -15.41 12.72
C CYS C 193 -63.48 -16.63 13.65
N GLU C 194 -63.54 -17.79 13.03
CA GLU C 194 -63.59 -19.05 13.76
C GLU C 194 -62.27 -19.78 13.59
N VAL C 195 -61.67 -20.17 14.71
CA VAL C 195 -60.35 -20.78 14.68
C VAL C 195 -60.40 -22.22 15.17
N THR C 196 -59.86 -23.13 14.37
CA THR C 196 -59.73 -24.53 14.75
C THR C 196 -58.28 -24.85 15.06
N HIS C 197 -58.05 -25.39 16.25
CA HIS C 197 -56.71 -25.81 16.66
C HIS C 197 -56.84 -26.94 17.65
N GLN C 198 -55.90 -27.90 17.61
CA GLN C 198 -56.03 -29.10 18.42
C GLN C 198 -55.99 -28.81 19.91
N GLY C 199 -55.26 -27.76 20.30
CA GLY C 199 -55.15 -27.38 21.69
C GLY C 199 -56.41 -26.77 22.26
N LEU C 200 -57.38 -26.44 21.41
CA LEU C 200 -58.65 -25.90 21.86
C LEU C 200 -59.65 -27.00 22.13
N SER C 201 -60.62 -26.73 23.01
CA SER C 201 -61.64 -27.71 23.37
C SER C 201 -62.62 -27.90 22.21
N SER C 202 -62.84 -26.83 21.45
CA SER C 202 -63.68 -26.84 20.26
C SER C 202 -63.36 -25.58 19.45
N PRO C 203 -63.78 -25.53 18.18
CA PRO C 203 -63.57 -24.32 17.38
C PRO C 203 -63.97 -23.05 18.11
N VAL C 204 -63.08 -22.07 18.14
CA VAL C 204 -63.31 -20.84 18.89
C VAL C 204 -63.70 -19.70 17.97
N THR C 205 -64.82 -19.06 18.28
CA THR C 205 -65.29 -17.93 17.49
C THR C 205 -65.15 -16.62 18.25
N LYS C 206 -64.42 -15.68 17.65
CA LYS C 206 -64.38 -14.31 18.15
C LYS C 206 -65.16 -13.44 17.17
N SER C 207 -65.97 -12.53 17.68
CA SER C 207 -66.81 -11.73 16.79
C SER C 207 -67.06 -10.31 17.30
N PHE C 208 -67.60 -9.48 16.42
CA PHE C 208 -68.08 -8.15 16.77
C PHE C 208 -69.24 -7.75 15.88
N ASN C 209 -69.99 -6.75 16.33
CA ASN C 209 -71.04 -6.15 15.52
C ASN C 209 -70.62 -4.77 15.07
N ARG C 210 -70.76 -4.49 13.79
CA ARG C 210 -70.47 -3.16 13.28
C ARG C 210 -71.41 -2.15 13.94
N GLN D 1 -10.49 -12.50 9.89
CA GLN D 1 -11.68 -12.89 9.14
C GLN D 1 -11.90 -12.00 7.93
N VAL D 2 -12.88 -12.41 7.14
CA VAL D 2 -13.18 -11.76 5.89
C VAL D 2 -14.67 -11.48 5.84
N GLN D 3 -15.03 -10.30 5.39
CA GLN D 3 -16.43 -9.94 5.26
C GLN D 3 -16.71 -9.54 3.82
N LEU D 4 -17.84 -9.99 3.28
CA LEU D 4 -18.30 -9.50 1.99
C LEU D 4 -19.48 -8.56 2.23
N GLN D 5 -19.40 -7.34 1.69
CA GLN D 5 -20.48 -6.40 1.86
C GLN D 5 -21.10 -6.06 0.51
N GLN D 6 -22.42 -5.95 0.48
CA GLN D 6 -23.15 -5.76 -0.77
C GLN D 6 -23.87 -4.44 -0.83
N TRP D 7 -23.93 -3.85 -2.02
CA TRP D 7 -24.77 -2.69 -2.25
C TRP D 7 -25.22 -2.64 -3.71
N GLY D 8 -26.08 -1.69 -4.03
CA GLY D 8 -26.70 -1.58 -5.34
C GLY D 8 -28.19 -1.40 -5.19
N ALA D 9 -28.81 -0.76 -6.18
CA ALA D 9 -30.25 -0.51 -6.14
C ALA D 9 -31.03 -1.79 -6.39
N GLY D 10 -31.91 -2.14 -5.46
CA GLY D 10 -32.67 -3.37 -5.56
C GLY D 10 -34.05 -3.25 -6.20
N LEU D 11 -34.57 -2.03 -6.28
CA LEU D 11 -35.90 -1.83 -6.85
C LEU D 11 -35.85 -1.54 -8.35
N LEU D 12 -36.46 -2.42 -9.15
CA LEU D 12 -36.40 -2.30 -10.60
C LEU D 12 -37.75 -2.47 -11.27
N LYS D 13 -37.89 -1.85 -12.44
CA LYS D 13 -39.04 -2.08 -13.30
C LYS D 13 -38.63 -3.03 -14.42
N PRO D 14 -39.59 -3.83 -14.92
CA PRO D 14 -39.31 -4.75 -16.03
C PRO D 14 -38.57 -4.07 -17.17
N SER D 15 -37.63 -4.82 -17.76
CA SER D 15 -36.76 -4.41 -18.87
C SER D 15 -35.52 -3.62 -18.41
N GLU D 16 -35.50 -3.17 -17.15
CA GLU D 16 -34.33 -2.44 -16.66
C GLU D 16 -33.16 -3.38 -16.34
N THR D 17 -32.07 -2.80 -15.85
CA THR D 17 -30.85 -3.57 -15.59
C THR D 17 -30.49 -3.58 -14.11
N LEU D 18 -30.35 -4.78 -13.56
CA LEU D 18 -29.88 -4.96 -12.20
C LEU D 18 -28.37 -4.78 -12.14
N SER D 19 -27.91 -3.93 -11.24
CA SER D 19 -26.48 -3.72 -11.03
C SER D 19 -26.12 -3.78 -9.56
N LEU D 20 -25.41 -4.83 -9.18
CA LEU D 20 -25.02 -5.02 -7.78
C LEU D 20 -23.51 -5.08 -7.63
N THR D 21 -23.01 -4.64 -6.49
CA THR D 21 -21.58 -4.70 -6.23
C THR D 21 -21.32 -5.36 -4.88
N CYS D 22 -20.20 -6.08 -4.80
CA CYS D 22 -19.78 -6.75 -3.58
C CYS D 22 -18.36 -6.29 -3.24
N GLY D 23 -18.17 -5.76 -2.03
CA GLY D 23 -16.85 -5.41 -1.55
C GLY D 23 -16.29 -6.55 -0.72
N VAL D 24 -14.97 -6.78 -0.82
CA VAL D 24 -14.30 -7.80 -0.03
C VAL D 24 -13.32 -7.17 0.95
N TYR D 25 -13.54 -7.41 2.24
CA TYR D 25 -12.71 -6.81 3.28
C TYR D 25 -12.07 -7.88 4.16
N GLY D 26 -10.75 -7.84 4.25
CA GLY D 26 -10.01 -8.82 5.03
C GLY D 26 -9.24 -9.75 4.11
N GLU D 27 -9.51 -9.60 2.81
CA GLU D 27 -8.92 -10.46 1.80
C GLU D 27 -8.86 -9.74 0.46
N SER D 28 -7.92 -10.16 -0.39
CA SER D 28 -7.83 -9.70 -1.76
C SER D 28 -8.64 -10.61 -2.70
N LEU D 29 -8.94 -10.12 -3.90
CA LEU D 29 -9.64 -10.94 -4.90
C LEU D 29 -8.74 -12.04 -5.44
N SER D 30 -7.44 -11.83 -5.29
CA SER D 30 -6.41 -12.73 -5.82
C SER D 30 -6.62 -14.21 -5.47
N GLY D 31 -6.47 -15.07 -6.48
CA GLY D 31 -6.42 -16.50 -6.27
C GLY D 31 -7.73 -17.20 -5.95
N HIS D 32 -8.85 -16.52 -6.17
CA HIS D 32 -10.15 -17.14 -5.89
C HIS D 32 -11.16 -16.81 -6.97
N TYR D 33 -12.25 -17.58 -6.99
CA TYR D 33 -13.40 -17.24 -7.80
C TYR D 33 -14.36 -16.43 -6.94
N TRP D 34 -15.16 -15.60 -7.59
CA TRP D 34 -16.10 -14.75 -6.89
C TRP D 34 -17.45 -14.87 -7.57
N SER D 35 -18.46 -15.18 -6.77
CA SER D 35 -19.68 -15.76 -7.31
C SER D 35 -20.96 -15.03 -6.86
N TRP D 36 -22.02 -15.20 -7.64
CA TRP D 36 -23.32 -14.70 -7.29
C TRP D 36 -24.33 -15.84 -7.25
N VAL D 37 -25.21 -15.77 -6.26
CA VAL D 37 -26.22 -16.78 -6.01
C VAL D 37 -27.49 -16.04 -5.62
N ARG D 38 -28.64 -16.45 -6.14
CA ARG D 38 -29.87 -15.78 -5.76
C ARG D 38 -30.89 -16.73 -5.14
N GLN D 39 -31.85 -16.16 -4.44
CA GLN D 39 -32.87 -16.95 -3.75
C GLN D 39 -34.21 -16.25 -3.83
N PRO D 40 -35.09 -16.73 -4.73
CA PRO D 40 -36.45 -16.19 -4.84
C PRO D 40 -37.24 -16.44 -3.57
N PRO D 41 -38.22 -15.58 -3.26
CA PRO D 41 -39.01 -15.69 -2.03
C PRO D 41 -39.55 -17.10 -1.80
N GLY D 42 -39.26 -17.67 -0.64
CA GLY D 42 -39.74 -19.00 -0.30
C GLY D 42 -39.21 -20.13 -1.17
N LYS D 43 -38.15 -19.88 -1.94
CA LYS D 43 -37.60 -20.91 -2.82
C LYS D 43 -36.13 -21.20 -2.52
N ARG D 44 -35.54 -22.09 -3.32
CA ARG D 44 -34.18 -22.54 -3.06
C ARG D 44 -33.16 -21.63 -3.72
N LEU D 45 -31.89 -21.81 -3.34
CA LEU D 45 -30.80 -21.03 -3.90
C LEU D 45 -30.49 -21.45 -5.34
N GLU D 46 -30.16 -20.47 -6.18
CA GLU D 46 -29.73 -20.76 -7.55
C GLU D 46 -28.42 -20.06 -7.89
N TRP D 47 -27.44 -20.84 -8.35
CA TRP D 47 -26.16 -20.31 -8.80
C TRP D 47 -26.33 -19.50 -10.08
N ILE D 48 -25.78 -18.28 -10.09
CA ILE D 48 -25.85 -17.41 -11.27
C ILE D 48 -24.58 -17.50 -12.11
N GLY D 49 -23.43 -17.44 -11.44
CA GLY D 49 -22.15 -17.48 -12.11
C GLY D 49 -21.00 -17.11 -11.20
N GLU D 50 -19.80 -17.06 -11.76
CA GLU D 50 -18.59 -16.71 -11.01
C GLU D 50 -17.45 -16.31 -11.94
N ILE D 51 -16.39 -15.74 -11.36
CA ILE D 51 -15.26 -15.30 -12.15
C ILE D 51 -13.99 -15.24 -11.29
N LYS D 52 -12.83 -15.49 -11.91
CA LYS D 52 -11.55 -15.25 -11.25
C LYS D 52 -10.70 -14.27 -12.04
N HIS D 53 -10.82 -14.32 -13.37
CA HIS D 53 -10.16 -13.37 -14.26
C HIS D 53 -11.18 -12.71 -15.16
N ASN D 54 -11.14 -11.38 -15.24
CA ASN D 54 -11.94 -10.64 -16.20
C ASN D 54 -11.74 -11.20 -17.61
N GLY D 55 -12.84 -11.55 -18.27
CA GLY D 55 -12.76 -12.13 -19.60
C GLY D 55 -12.86 -13.65 -19.59
N SER D 56 -12.86 -14.25 -18.40
CA SER D 56 -13.10 -15.68 -18.27
C SER D 56 -14.19 -15.97 -17.23
N PRO D 57 -15.43 -15.53 -17.52
CA PRO D 57 -16.49 -15.81 -16.56
C PRO D 57 -17.12 -17.17 -16.78
N ASN D 58 -17.90 -17.63 -15.81
CA ASN D 58 -18.64 -18.88 -15.94
C ASN D 58 -20.08 -18.66 -15.52
N TYR D 59 -21.00 -18.72 -16.46
CA TYR D 59 -22.39 -18.38 -16.20
C TYR D 59 -23.33 -19.60 -16.22
N HIS D 60 -24.45 -19.47 -15.53
CA HIS D 60 -25.54 -20.43 -15.67
C HIS D 60 -26.14 -20.26 -17.06
N PRO D 61 -26.23 -21.35 -17.83
CA PRO D 61 -26.64 -21.35 -19.25
C PRO D 61 -27.95 -20.62 -19.53
N SER D 62 -28.95 -20.82 -18.67
CA SER D 62 -30.26 -20.20 -18.88
C SER D 62 -30.20 -18.68 -18.73
N LEU D 63 -29.10 -18.17 -18.19
CA LEU D 63 -28.97 -16.75 -17.90
C LEU D 63 -27.88 -16.08 -18.74
N LYS D 64 -27.05 -16.89 -19.38
CA LYS D 64 -25.81 -16.45 -20.04
C LYS D 64 -25.92 -15.14 -20.82
N SER D 65 -27.01 -14.98 -21.56
CA SER D 65 -27.17 -13.82 -22.43
C SER D 65 -27.41 -12.50 -21.67
N ARG D 66 -28.06 -12.57 -20.52
CA ARG D 66 -28.42 -11.36 -19.78
C ARG D 66 -27.43 -11.02 -18.69
N VAL D 67 -26.46 -11.91 -18.44
CA VAL D 67 -25.63 -11.78 -17.25
C VAL D 67 -24.22 -11.30 -17.55
N THR D 68 -23.74 -10.36 -16.73
CA THR D 68 -22.34 -9.99 -16.76
C THR D 68 -21.78 -9.92 -15.34
N ILE D 69 -20.65 -10.59 -15.14
CA ILE D 69 -19.94 -10.52 -13.87
C ILE D 69 -18.52 -10.02 -14.12
N SER D 70 -18.09 -9.00 -13.40
CA SER D 70 -16.76 -8.46 -13.59
C SER D 70 -16.09 -8.09 -12.27
N LEU D 71 -14.77 -7.96 -12.32
CA LEU D 71 -13.99 -7.61 -11.15
C LEU D 71 -13.52 -6.16 -11.23
N ASP D 72 -13.58 -5.45 -10.12
CA ASP D 72 -12.89 -4.16 -10.01
C ASP D 72 -11.67 -4.37 -9.14
N MET D 73 -10.58 -4.80 -9.77
CA MET D 73 -9.41 -5.29 -9.07
C MET D 73 -8.70 -4.25 -8.22
N SER D 74 -8.73 -2.99 -8.67
CA SER D 74 -8.08 -1.93 -7.89
C SER D 74 -8.76 -1.74 -6.54
N LYS D 75 -10.06 -2.03 -6.48
CA LYS D 75 -10.80 -1.83 -5.24
C LYS D 75 -11.17 -3.12 -4.51
N ASN D 76 -10.72 -4.25 -5.04
CA ASN D 76 -11.11 -5.57 -4.51
C ASN D 76 -12.62 -5.69 -4.41
N GLN D 77 -13.28 -5.37 -5.51
CA GLN D 77 -14.73 -5.43 -5.61
C GLN D 77 -15.12 -6.20 -6.87
N PHE D 78 -16.31 -6.79 -6.86
CA PHE D 78 -16.81 -7.41 -8.09
C PHE D 78 -18.31 -7.15 -8.22
N SER D 79 -18.81 -7.21 -9.45
CA SER D 79 -20.16 -6.76 -9.72
C SER D 79 -20.98 -7.77 -10.53
N LEU D 80 -22.29 -7.66 -10.39
CA LEU D 80 -23.24 -8.45 -11.17
C LEU D 80 -24.12 -7.54 -12.01
N ASN D 81 -24.16 -7.79 -13.31
CA ASN D 81 -25.09 -7.12 -14.20
C ASN D 81 -26.08 -8.12 -14.79
N LEU D 82 -27.35 -7.78 -14.71
CA LEU D 82 -28.41 -8.63 -15.24
C LEU D 82 -29.39 -7.77 -16.01
N THR D 83 -29.44 -7.95 -17.33
CA THR D 83 -30.25 -7.10 -18.20
C THR D 83 -31.65 -7.67 -18.40
N SER D 84 -32.54 -6.83 -18.93
CA SER D 84 -33.89 -7.22 -19.31
C SER D 84 -34.62 -7.99 -18.22
N VAL D 85 -34.62 -7.46 -17.01
CA VAL D 85 -35.23 -8.17 -15.88
C VAL D 85 -36.76 -8.25 -16.01
N THR D 86 -37.32 -9.33 -15.48
CA THR D 86 -38.77 -9.49 -15.34
C THR D 86 -39.07 -9.82 -13.89
N ALA D 87 -40.35 -10.01 -13.55
CA ALA D 87 -40.74 -10.29 -12.17
C ALA D 87 -40.16 -11.61 -11.68
N ALA D 88 -39.74 -12.46 -12.61
CA ALA D 88 -39.12 -13.74 -12.28
C ALA D 88 -37.72 -13.57 -11.71
N ASP D 89 -37.17 -12.36 -11.77
CA ASP D 89 -35.83 -12.11 -11.25
C ASP D 89 -35.88 -11.55 -9.82
N THR D 90 -37.09 -11.41 -9.28
CA THR D 90 -37.25 -10.99 -7.90
C THR D 90 -36.67 -12.04 -6.97
N ALA D 91 -35.72 -11.61 -6.12
CA ALA D 91 -35.00 -12.52 -5.23
C ALA D 91 -34.05 -11.76 -4.32
N VAL D 92 -33.55 -12.45 -3.31
CA VAL D 92 -32.39 -11.98 -2.57
C VAL D 92 -31.14 -12.45 -3.32
N TYR D 93 -30.27 -11.52 -3.67
CA TYR D 93 -29.04 -11.87 -4.38
C TYR D 93 -27.86 -11.87 -3.44
N PHE D 94 -27.17 -13.00 -3.36
CA PHE D 94 -26.00 -13.18 -2.52
C PHE D 94 -24.73 -13.20 -3.36
N CYS D 95 -23.67 -12.58 -2.85
CA CYS D 95 -22.34 -12.77 -3.41
C CYS D 95 -21.57 -13.71 -2.47
N ALA D 96 -20.59 -14.42 -3.00
CA ALA D 96 -19.84 -15.36 -2.19
C ALA D 96 -18.47 -15.67 -2.79
N ARG D 97 -17.58 -16.18 -1.95
CA ARG D 97 -16.26 -16.59 -2.41
C ARG D 97 -16.27 -18.08 -2.72
N ARG D 98 -15.62 -18.45 -3.82
CA ARG D 98 -15.48 -19.85 -4.17
C ARG D 98 -14.01 -20.15 -4.42
N SER D 99 -13.45 -21.08 -3.66
CA SER D 99 -12.01 -21.34 -3.72
C SER D 99 -11.66 -22.38 -4.77
N ASN D 100 -10.36 -22.54 -5.00
CA ASN D 100 -9.87 -23.44 -6.04
C ASN D 100 -10.01 -24.90 -5.62
N TRP D 101 -10.21 -25.75 -6.63
CA TRP D 101 -10.17 -27.20 -6.45
C TRP D 101 -8.94 -27.58 -5.64
N PRO D 102 -9.11 -28.50 -4.66
CA PRO D 102 -10.30 -29.30 -4.37
C PRO D 102 -11.22 -28.72 -3.30
N TYR D 103 -11.03 -27.46 -2.92
CA TYR D 103 -11.86 -26.84 -1.89
C TYR D 103 -12.92 -25.94 -2.53
N LEU D 104 -14.04 -26.52 -2.95
CA LEU D 104 -15.00 -25.83 -3.83
C LEU D 104 -16.25 -25.14 -3.23
N PRO D 105 -16.50 -25.25 -1.90
CA PRO D 105 -17.79 -24.66 -1.50
C PRO D 105 -17.80 -23.14 -1.51
N PHE D 106 -18.99 -22.55 -1.36
CA PHE D 106 -19.12 -21.11 -1.22
C PHE D 106 -18.90 -20.68 0.23
N ASP D 107 -17.87 -19.86 0.46
CA ASP D 107 -17.56 -19.33 1.78
C ASP D 107 -16.41 -18.31 1.70
N PRO D 108 -16.60 -17.11 2.27
CA PRO D 108 -17.80 -16.61 2.96
C PRO D 108 -18.86 -16.10 2.00
N TRP D 109 -20.00 -15.69 2.56
CA TRP D 109 -21.13 -15.15 1.81
C TRP D 109 -21.37 -13.69 2.16
N GLY D 110 -21.89 -12.92 1.21
CA GLY D 110 -22.37 -11.58 1.50
C GLY D 110 -23.70 -11.65 2.24
N GLN D 111 -24.18 -10.52 2.74
CA GLN D 111 -25.39 -10.52 3.55
C GLN D 111 -26.65 -10.61 2.69
N GLY D 112 -26.49 -10.43 1.37
CA GLY D 112 -27.61 -10.49 0.46
C GLY D 112 -28.24 -9.14 0.20
N THR D 113 -28.76 -8.97 -1.01
CA THR D 113 -29.47 -7.74 -1.37
C THR D 113 -30.84 -8.08 -1.94
N LEU D 114 -31.87 -7.50 -1.34
CA LEU D 114 -33.22 -7.73 -1.80
C LEU D 114 -33.46 -7.02 -3.13
N VAL D 115 -33.79 -7.79 -4.16
CA VAL D 115 -34.09 -7.23 -5.46
C VAL D 115 -35.55 -7.48 -5.83
N THR D 116 -36.28 -6.40 -6.07
CA THR D 116 -37.69 -6.47 -6.39
C THR D 116 -37.92 -5.96 -7.82
N VAL D 117 -38.47 -6.81 -8.67
CA VAL D 117 -38.77 -6.39 -10.03
C VAL D 117 -40.29 -6.34 -10.21
N SER D 118 -40.80 -5.14 -10.42
CA SER D 118 -42.24 -4.96 -10.57
C SER D 118 -42.55 -3.66 -11.28
N SER D 119 -43.73 -3.57 -11.88
CA SER D 119 -44.15 -2.34 -12.55
C SER D 119 -44.73 -1.36 -11.54
N ALA D 120 -44.95 -1.84 -10.31
CA ALA D 120 -45.52 -0.99 -9.26
C ALA D 120 -44.61 0.20 -8.97
N SER D 121 -45.20 1.29 -8.49
CA SER D 121 -44.40 2.46 -8.14
C SER D 121 -44.17 2.52 -6.64
N THR D 122 -43.05 3.10 -6.24
CA THR D 122 -42.72 3.28 -4.84
C THR D 122 -43.87 4.02 -4.13
N LYS D 123 -44.26 3.52 -2.97
CA LYS D 123 -45.41 4.05 -2.26
C LYS D 123 -45.26 3.82 -0.76
N GLY D 124 -45.49 4.87 0.01
CA GLY D 124 -45.44 4.79 1.46
C GLY D 124 -46.70 4.17 2.03
N PRO D 125 -46.61 3.61 3.24
CA PRO D 125 -47.71 2.86 3.85
C PRO D 125 -48.79 3.72 4.47
N SER D 126 -50.01 3.21 4.47
CA SER D 126 -51.07 3.76 5.29
C SER D 126 -51.06 2.99 6.60
N VAL D 127 -51.10 3.70 7.72
CA VAL D 127 -51.04 3.04 9.01
C VAL D 127 -52.34 3.20 9.78
N PHE D 128 -53.00 2.07 10.07
CA PHE D 128 -54.27 2.08 10.76
C PHE D 128 -54.16 1.34 12.09
N PRO D 129 -54.87 1.84 13.11
CA PRO D 129 -54.86 1.19 14.42
C PRO D 129 -55.62 -0.13 14.44
N LEU D 130 -55.07 -1.08 15.18
CA LEU D 130 -55.81 -2.26 15.58
C LEU D 130 -56.16 -2.06 17.06
N ALA D 131 -57.35 -1.53 17.29
CA ALA D 131 -57.71 -1.04 18.62
C ALA D 131 -58.05 -2.17 19.58
N PRO D 132 -57.56 -2.06 20.82
CA PRO D 132 -57.89 -3.01 21.89
C PRO D 132 -59.30 -2.75 22.38
N SER D 133 -59.97 -3.77 22.88
CA SER D 133 -61.34 -3.62 23.36
C SER D 133 -61.66 -4.69 24.40
N SER D 134 -62.77 -4.51 25.11
CA SER D 134 -63.16 -5.42 26.18
C SER D 134 -63.48 -6.81 25.64
N LYS D 135 -63.78 -6.89 24.34
CA LYS D 135 -63.89 -8.19 23.69
C LYS D 135 -62.54 -8.54 23.06
N SER D 136 -61.50 -8.37 23.87
CA SER D 136 -60.13 -8.77 23.53
C SER D 136 -59.31 -8.89 24.81
N THR D 137 -60.01 -8.94 25.94
CA THR D 137 -59.38 -9.12 27.25
C THR D 137 -59.28 -10.61 27.56
N SER D 138 -58.24 -11.25 27.05
CA SER D 138 -58.06 -12.68 27.23
C SER D 138 -57.38 -12.98 28.56
N GLY D 139 -58.20 -13.06 29.62
CA GLY D 139 -57.71 -13.34 30.95
C GLY D 139 -56.81 -12.24 31.50
N GLY D 140 -57.31 -11.01 31.47
CA GLY D 140 -56.56 -9.87 31.97
C GLY D 140 -55.52 -9.35 30.99
N THR D 141 -55.46 -9.99 29.82
CA THR D 141 -54.48 -9.63 28.79
C THR D 141 -55.18 -9.09 27.55
N ALA D 142 -54.81 -7.88 27.14
CA ALA D 142 -55.39 -7.28 25.94
C ALA D 142 -54.39 -7.31 24.79
N ALA D 143 -54.90 -7.31 23.56
CA ALA D 143 -54.05 -7.22 22.39
C ALA D 143 -54.40 -5.99 21.58
N LEU D 144 -53.37 -5.30 21.07
CA LEU D 144 -53.57 -4.18 20.19
C LEU D 144 -52.50 -4.21 19.13
N GLY D 145 -52.63 -3.37 18.11
CA GLY D 145 -51.61 -3.31 17.08
C GLY D 145 -51.80 -2.26 16.00
N CYS D 146 -50.98 -2.38 14.96
CA CYS D 146 -51.00 -1.45 13.83
C CYS D 146 -51.09 -2.21 12.51
N LEU D 147 -51.98 -1.76 11.64
CA LEU D 147 -52.07 -2.32 10.29
C LEU D 147 -51.29 -1.44 9.32
N VAL D 148 -50.24 -2.01 8.72
CA VAL D 148 -49.41 -1.26 7.79
C VAL D 148 -49.72 -1.70 6.36
N LYS D 149 -50.54 -0.90 5.67
CA LYS D 149 -51.15 -1.36 4.42
C LYS D 149 -50.73 -0.57 3.18
N ASP D 150 -50.59 -1.30 2.08
CA ASP D 150 -50.38 -0.72 0.75
C ASP D 150 -49.08 0.08 0.60
N TYR D 151 -47.95 -0.53 0.93
CA TYR D 151 -46.66 0.09 0.66
C TYR D 151 -45.89 -0.72 -0.38
N PHE D 152 -44.87 -0.10 -0.94
CA PHE D 152 -44.03 -0.74 -1.94
C PHE D 152 -42.77 0.09 -2.16
N PRO D 153 -41.60 -0.56 -2.22
CA PRO D 153 -41.43 -1.99 -2.01
C PRO D 153 -41.12 -2.29 -0.54
N GLU D 154 -40.80 -3.55 -0.26
CA GLU D 154 -40.24 -3.91 1.04
C GLU D 154 -38.88 -3.23 1.22
N PRO D 155 -38.44 -3.05 2.49
CA PRO D 155 -39.15 -3.40 3.72
C PRO D 155 -39.66 -2.19 4.51
N VAL D 156 -40.49 -2.48 5.51
CA VAL D 156 -40.81 -1.49 6.53
C VAL D 156 -40.24 -2.00 7.86
N THR D 157 -39.98 -1.07 8.78
CA THR D 157 -39.60 -1.46 10.13
C THR D 157 -40.64 -0.92 11.08
N VAL D 158 -40.99 -1.72 12.08
CA VAL D 158 -41.99 -1.32 13.05
C VAL D 158 -41.43 -1.44 14.46
N SER D 159 -41.68 -0.41 15.27
CA SER D 159 -41.30 -0.45 16.68
C SER D 159 -42.44 0.13 17.50
N TRP D 160 -42.46 -0.18 18.80
CA TRP D 160 -43.48 0.33 19.69
C TRP D 160 -42.87 1.22 20.77
N ASN D 161 -43.50 2.38 20.98
CA ASN D 161 -43.01 3.39 21.91
C ASN D 161 -41.52 3.69 21.70
N SER D 162 -41.14 3.81 20.44
CA SER D 162 -39.79 4.18 20.03
C SER D 162 -38.72 3.23 20.56
N GLY D 163 -39.02 1.95 20.59
CA GLY D 163 -38.06 0.95 21.03
C GLY D 163 -38.30 0.51 22.46
N ALA D 164 -39.06 1.29 23.21
CA ALA D 164 -39.35 0.97 24.61
C ALA D 164 -40.04 -0.37 24.74
N LEU D 165 -41.19 -0.51 24.09
CA LEU D 165 -41.98 -1.74 24.19
C LEU D 165 -41.48 -2.80 23.22
N THR D 166 -41.01 -3.93 23.76
CA THR D 166 -40.44 -4.99 22.94
C THR D 166 -40.98 -6.36 23.32
N SER D 167 -41.47 -6.48 24.55
CA SER D 167 -41.99 -7.74 25.05
C SER D 167 -43.41 -8.00 24.55
N GLY D 168 -43.61 -9.15 23.91
CA GLY D 168 -44.92 -9.54 23.44
C GLY D 168 -45.24 -8.98 22.07
N VAL D 169 -44.26 -8.36 21.44
CA VAL D 169 -44.42 -7.82 20.09
C VAL D 169 -44.27 -8.90 19.03
N HIS D 170 -45.27 -9.02 18.17
CA HIS D 170 -45.16 -9.86 17.00
C HIS D 170 -45.37 -9.03 15.75
N THR D 171 -44.31 -8.81 15.00
CA THR D 171 -44.41 -8.15 13.71
C THR D 171 -44.36 -9.21 12.63
N PHE D 172 -45.46 -9.36 11.91
CA PHE D 172 -45.61 -10.44 10.95
C PHE D 172 -44.84 -10.18 9.66
N PRO D 173 -44.46 -11.24 8.95
CA PRO D 173 -43.86 -11.06 7.63
C PRO D 173 -44.85 -10.36 6.71
N ALA D 174 -44.35 -9.55 5.79
CA ALA D 174 -45.22 -8.91 4.82
C ALA D 174 -45.86 -9.95 3.92
N VAL D 175 -47.07 -9.66 3.45
CA VAL D 175 -47.66 -10.47 2.40
C VAL D 175 -47.87 -9.57 1.19
N LEU D 176 -47.71 -10.14 0.00
CA LEU D 176 -47.97 -9.41 -1.23
C LEU D 176 -49.46 -9.50 -1.55
N GLN D 177 -50.13 -8.36 -1.62
CA GLN D 177 -51.56 -8.34 -1.92
C GLN D 177 -51.79 -8.53 -3.41
N SER D 178 -53.05 -8.72 -3.81
CA SER D 178 -53.38 -8.89 -5.21
C SER D 178 -53.27 -7.57 -5.98
N SER D 179 -53.10 -6.48 -5.24
CA SER D 179 -52.83 -5.18 -5.84
C SER D 179 -51.37 -5.04 -6.28
N GLY D 180 -50.51 -5.93 -5.81
CA GLY D 180 -49.09 -5.79 -6.06
C GLY D 180 -48.39 -4.94 -5.01
N LEU D 181 -49.13 -4.53 -3.99
CA LEU D 181 -48.59 -3.78 -2.86
C LEU D 181 -48.50 -4.67 -1.64
N TYR D 182 -47.59 -4.36 -0.72
CA TYR D 182 -47.42 -5.17 0.47
C TYR D 182 -48.27 -4.68 1.62
N SER D 183 -48.60 -5.59 2.52
CA SER D 183 -49.29 -5.25 3.74
C SER D 183 -48.75 -6.09 4.89
N LEU D 184 -48.87 -5.57 6.10
CA LEU D 184 -48.24 -6.14 7.27
C LEU D 184 -48.98 -5.70 8.53
N SER D 185 -48.91 -6.51 9.58
CA SER D 185 -49.42 -6.10 10.89
C SER D 185 -48.37 -6.31 11.98
N SER D 186 -48.38 -5.41 12.95
CA SER D 186 -47.58 -5.58 14.16
C SER D 186 -48.51 -5.53 15.37
N VAL D 187 -48.48 -6.58 16.19
CA VAL D 187 -49.34 -6.63 17.35
C VAL D 187 -48.53 -6.81 18.63
N VAL D 188 -49.15 -6.49 19.75
CA VAL D 188 -48.53 -6.71 21.03
C VAL D 188 -49.60 -6.96 22.06
N THR D 189 -49.32 -7.88 23.00
CA THR D 189 -50.21 -8.13 24.12
C THR D 189 -49.73 -7.35 25.33
N VAL D 190 -50.65 -6.68 26.00
CA VAL D 190 -50.34 -5.85 27.16
C VAL D 190 -51.36 -6.10 28.27
N PRO D 191 -51.02 -5.74 29.52
CA PRO D 191 -52.01 -5.81 30.60
C PRO D 191 -53.22 -4.93 30.32
N SER D 192 -54.43 -5.47 30.48
CA SER D 192 -55.64 -4.69 30.26
C SER D 192 -55.71 -3.48 31.17
N SER D 193 -55.18 -3.64 32.38
CA SER D 193 -55.21 -2.59 33.39
C SER D 193 -54.33 -1.39 33.04
N SER D 194 -53.61 -1.49 31.93
CA SER D 194 -52.73 -0.42 31.48
C SER D 194 -53.40 0.45 30.41
N LEU D 195 -54.49 -0.05 29.86
CA LEU D 195 -55.15 0.60 28.73
C LEU D 195 -55.60 2.03 29.04
N GLY D 196 -55.97 2.29 30.28
CA GLY D 196 -56.48 3.59 30.67
C GLY D 196 -55.42 4.51 31.26
N THR D 197 -54.16 4.10 31.20
CA THR D 197 -53.07 4.90 31.76
C THR D 197 -51.83 4.90 30.85
N GLN D 198 -51.64 3.81 30.11
CA GLN D 198 -50.42 3.65 29.32
C GLN D 198 -50.66 3.98 27.85
N THR D 199 -49.75 4.76 27.27
CA THR D 199 -49.87 5.16 25.86
C THR D 199 -49.11 4.21 24.94
N TYR D 200 -49.77 3.73 23.88
CA TYR D 200 -49.14 2.84 22.93
C TYR D 200 -49.08 3.45 21.53
N ILE D 201 -47.85 3.59 21.02
CA ILE D 201 -47.61 4.20 19.73
C ILE D 201 -46.72 3.30 18.87
N CYS D 202 -47.16 3.00 17.65
CA CYS D 202 -46.31 2.26 16.73
C CYS D 202 -45.59 3.23 15.82
N ASN D 203 -44.31 2.97 15.59
CA ASN D 203 -43.50 3.79 14.73
C ASN D 203 -43.16 3.01 13.47
N VAL D 204 -43.60 3.53 12.33
CA VAL D 204 -43.43 2.82 11.08
C VAL D 204 -42.47 3.57 10.18
N ASN D 205 -41.43 2.87 9.73
CA ASN D 205 -40.42 3.48 8.88
C ASN D 205 -40.32 2.76 7.54
N HIS D 206 -40.48 3.52 6.45
CA HIS D 206 -40.35 2.97 5.09
C HIS D 206 -39.35 3.81 4.31
N LYS D 207 -38.07 3.47 4.43
CA LYS D 207 -36.99 4.23 3.82
C LYS D 207 -37.14 4.51 2.30
N PRO D 208 -37.54 3.50 1.50
CA PRO D 208 -37.68 3.74 0.05
C PRO D 208 -38.57 4.93 -0.35
N SER D 209 -39.58 5.23 0.45
CA SER D 209 -40.47 6.36 0.16
C SER D 209 -40.16 7.54 1.07
N ASN D 210 -39.13 7.38 1.91
CA ASN D 210 -38.74 8.39 2.88
C ASN D 210 -39.91 8.75 3.80
N THR D 211 -40.55 7.73 4.35
CA THR D 211 -41.75 7.92 5.16
C THR D 211 -41.55 7.48 6.60
N LYS D 212 -41.97 8.33 7.53
CA LYS D 212 -42.00 7.99 8.96
C LYS D 212 -43.36 8.31 9.54
N VAL D 213 -44.02 7.32 10.13
CA VAL D 213 -45.36 7.50 10.67
C VAL D 213 -45.43 7.01 12.11
N ASP D 214 -45.99 7.83 12.99
CA ASP D 214 -46.30 7.43 14.36
C ASP D 214 -47.81 7.42 14.56
N LYS D 215 -48.35 6.28 15.00
CA LYS D 215 -49.79 6.19 15.20
C LYS D 215 -50.13 5.73 16.61
N LYS D 216 -50.92 6.55 17.30
CA LYS D 216 -51.36 6.22 18.65
C LYS D 216 -52.52 5.23 18.59
N VAL D 217 -52.42 4.17 19.36
CA VAL D 217 -53.45 3.13 19.34
C VAL D 217 -54.15 3.06 20.68
N GLU D 218 -55.40 3.53 20.70
CA GLU D 218 -56.14 3.64 21.96
C GLU D 218 -57.50 2.96 21.83
N PRO D 219 -58.13 2.66 22.98
CA PRO D 219 -59.46 2.05 22.94
C PRO D 219 -60.52 2.95 22.30
N LYS D 220 -61.49 2.35 21.62
CA LYS D 220 -62.58 3.10 20.99
C LYS D 220 -63.92 2.75 21.62
N ASP E 1 -18.80 -3.43 29.23
CA ASP E 1 -17.87 -3.40 28.11
C ASP E 1 -16.67 -4.32 28.33
N ILE E 2 -16.19 -4.92 27.24
CA ILE E 2 -15.02 -5.78 27.31
C ILE E 2 -13.78 -4.96 27.66
N GLN E 3 -12.99 -5.46 28.61
CA GLN E 3 -11.78 -4.76 29.02
C GLN E 3 -10.54 -5.62 28.80
N MET E 4 -9.51 -5.02 28.20
CA MET E 4 -8.23 -5.71 28.03
C MET E 4 -7.30 -5.34 29.18
N THR E 5 -6.62 -6.34 29.70
CA THR E 5 -5.65 -6.13 30.77
C THR E 5 -4.35 -6.83 30.41
N GLN E 6 -3.26 -6.08 30.37
CA GLN E 6 -1.97 -6.63 30.00
C GLN E 6 -1.11 -6.90 31.21
N SER E 7 -0.22 -7.88 31.10
CA SER E 7 0.74 -8.17 32.15
C SER E 7 2.02 -8.74 31.54
N PRO E 8 3.18 -8.34 32.09
CA PRO E 8 3.35 -7.36 33.16
C PRO E 8 3.09 -5.95 32.65
N SER E 9 3.12 -4.95 33.53
CA SER E 9 2.99 -3.57 33.08
C SER E 9 4.36 -3.03 32.68
N PHE E 10 5.39 -3.54 33.35
CA PHE E 10 6.78 -3.15 33.09
C PHE E 10 7.66 -4.37 32.96
N VAL E 11 8.45 -4.42 31.89
CA VAL E 11 9.40 -5.52 31.71
C VAL E 11 10.81 -4.96 31.47
N SER E 12 11.79 -5.51 32.17
CA SER E 12 13.18 -5.15 31.94
C SER E 12 13.98 -6.40 31.59
N ALA E 13 14.46 -6.48 30.35
CA ALA E 13 15.18 -7.66 29.90
C ALA E 13 16.41 -7.31 29.05
N SER E 14 17.36 -8.24 29.01
CA SER E 14 18.63 -8.04 28.30
C SER E 14 18.56 -8.47 26.85
N VAL E 15 19.47 -7.93 26.03
CA VAL E 15 19.56 -8.31 24.62
C VAL E 15 19.78 -9.82 24.46
N GLY E 16 18.98 -10.44 23.61
CA GLY E 16 19.06 -11.87 23.39
C GLY E 16 18.03 -12.64 24.20
N ASP E 17 17.55 -12.06 25.28
CA ASP E 17 16.55 -12.70 26.13
C ASP E 17 15.25 -12.94 25.40
N ARG E 18 14.52 -13.96 25.82
CA ARG E 18 13.16 -14.20 25.31
C ARG E 18 12.17 -13.46 26.19
N VAL E 19 11.30 -12.68 25.56
CA VAL E 19 10.32 -11.88 26.29
C VAL E 19 8.90 -12.26 25.88
N THR E 20 8.03 -12.45 26.87
CA THR E 20 6.62 -12.74 26.63
C THR E 20 5.70 -11.77 27.37
N ILE E 21 4.75 -11.19 26.64
CA ILE E 21 3.75 -10.28 27.19
C ILE E 21 2.37 -10.91 27.04
N THR E 22 1.50 -10.74 28.03
CA THR E 22 0.18 -11.33 27.94
C THR E 22 -0.92 -10.29 27.96
N CYS E 23 -2.04 -10.64 27.34
CA CYS E 23 -3.20 -9.78 27.26
C CYS E 23 -4.41 -10.61 27.63
N ARG E 24 -5.17 -10.16 28.62
CA ARG E 24 -6.37 -10.87 29.03
C ARG E 24 -7.60 -10.05 28.71
N ALA E 25 -8.61 -10.70 28.14
CA ALA E 25 -9.90 -10.07 27.86
C ALA E 25 -10.94 -10.55 28.86
N SER E 26 -11.74 -9.61 29.39
CA SER E 26 -12.74 -9.92 30.40
C SER E 26 -13.82 -10.87 29.89
N GLN E 27 -13.97 -10.95 28.57
CA GLN E 27 -14.82 -11.94 27.92
C GLN E 27 -14.11 -12.48 26.69
N GLY E 28 -14.63 -13.55 26.11
CA GLY E 28 -14.03 -14.13 24.92
C GLY E 28 -14.15 -13.23 23.70
N ILE E 29 -13.06 -13.09 22.96
CA ILE E 29 -13.05 -12.29 21.73
C ILE E 29 -12.45 -13.09 20.57
N SER E 30 -12.45 -14.41 20.71
CA SER E 30 -11.88 -15.34 19.73
C SER E 30 -10.50 -14.89 19.23
N SER E 31 -10.41 -14.48 17.96
CA SER E 31 -9.12 -14.05 17.41
C SER E 31 -9.15 -12.59 16.95
N TYR E 32 -10.14 -11.83 17.39
CA TYR E 32 -10.22 -10.42 17.03
C TYR E 32 -9.26 -9.59 17.85
N LEU E 33 -7.97 -9.83 17.65
CA LEU E 33 -6.95 -9.16 18.44
C LEU E 33 -5.72 -8.78 17.60
N ALA E 34 -5.17 -7.61 17.87
CA ALA E 34 -3.91 -7.17 17.28
C ALA E 34 -2.96 -6.64 18.35
N TRP E 35 -1.66 -6.63 18.03
CA TRP E 35 -0.64 -6.04 18.89
C TRP E 35 0.00 -4.84 18.18
N TYR E 36 0.29 -3.79 18.96
CA TYR E 36 0.96 -2.62 18.41
C TYR E 36 2.19 -2.26 19.24
N GLN E 37 3.16 -1.64 18.58
CA GLN E 37 4.36 -1.14 19.23
C GLN E 37 4.36 0.38 19.16
N GLN E 38 4.55 1.05 20.30
CA GLN E 38 4.54 2.52 20.29
C GLN E 38 5.79 3.11 20.92
N LYS E 39 6.60 3.75 20.09
CA LYS E 39 7.73 4.53 20.56
C LYS E 39 7.23 5.83 21.16
N PRO E 40 7.95 6.38 22.16
CA PRO E 40 7.53 7.65 22.77
C PRO E 40 7.36 8.77 21.74
N GLY E 41 6.22 9.46 21.80
CA GLY E 41 5.95 10.57 20.90
C GLY E 41 5.61 10.18 19.48
N LYS E 42 5.49 8.88 19.23
CA LYS E 42 5.18 8.40 17.88
C LYS E 42 3.79 7.76 17.83
N ALA E 43 3.32 7.43 16.63
CA ALA E 43 2.09 6.67 16.47
C ALA E 43 2.38 5.19 16.72
N PRO E 44 1.37 4.43 17.15
CA PRO E 44 1.58 2.99 17.28
C PRO E 44 1.85 2.35 15.93
N LYS E 45 2.61 1.25 15.93
CA LYS E 45 2.85 0.51 14.70
C LYS E 45 2.39 -0.93 14.87
N LEU E 46 1.62 -1.40 13.90
CA LEU E 46 1.14 -2.78 13.90
C LEU E 46 2.29 -3.77 13.93
N VAL E 47 2.19 -4.74 14.83
CA VAL E 47 3.17 -5.81 14.93
C VAL E 47 2.51 -7.11 14.50
N ILE E 48 1.52 -7.53 15.28
CA ILE E 48 0.82 -8.79 15.05
C ILE E 48 -0.69 -8.54 15.03
N TYR E 49 -1.40 -9.28 14.18
CA TYR E 49 -2.86 -9.28 14.19
C TYR E 49 -3.34 -10.71 14.05
N ALA E 50 -4.66 -10.92 14.17
CA ALA E 50 -5.23 -12.26 14.26
C ALA E 50 -4.54 -13.05 15.36
N ALA E 51 -4.07 -12.31 16.37
CA ALA E 51 -3.36 -12.84 17.53
C ALA E 51 -1.96 -13.42 17.23
N SER E 52 -1.74 -13.94 16.02
CA SER E 52 -0.51 -14.72 15.76
C SER E 52 0.32 -14.37 14.51
N THR E 53 -0.28 -13.68 13.54
CA THR E 53 0.44 -13.39 12.29
C THR E 53 1.01 -11.97 12.25
N LEU E 54 2.30 -11.87 11.94
CA LEU E 54 3.01 -10.60 11.90
C LEU E 54 2.46 -9.64 10.84
N ARG E 61 11.18 -13.45 14.78
CA ARG E 61 11.67 -13.02 16.08
C ARG E 61 10.52 -12.64 17.00
N PHE E 62 9.49 -12.00 16.42
CA PHE E 62 8.23 -11.78 17.11
C PHE E 62 7.29 -12.93 16.80
N SER E 63 6.35 -13.19 17.69
CA SER E 63 5.34 -14.23 17.48
C SER E 63 4.15 -14.04 18.41
N GLY E 64 2.99 -14.53 17.99
CA GLY E 64 1.79 -14.41 18.78
C GLY E 64 1.01 -15.71 18.91
N SER E 65 0.18 -15.81 19.93
CA SER E 65 -0.64 -16.99 20.15
C SER E 65 -1.69 -16.74 21.23
N GLY E 66 -2.67 -17.63 21.30
CA GLY E 66 -3.72 -17.53 22.28
C GLY E 66 -5.08 -17.46 21.64
N SER E 67 -6.12 -17.56 22.47
CA SER E 67 -7.49 -17.60 21.97
C SER E 67 -8.48 -17.23 23.06
N GLY E 68 -9.61 -16.66 22.66
CA GLY E 68 -10.68 -16.34 23.60
C GLY E 68 -10.36 -15.19 24.52
N THR E 69 -9.80 -15.50 25.67
CA THR E 69 -9.54 -14.47 26.68
C THR E 69 -8.06 -14.26 26.95
N GLU E 70 -7.22 -15.13 26.41
CA GLU E 70 -5.80 -15.10 26.75
C GLU E 70 -4.92 -15.05 25.50
N PHE E 71 -4.04 -14.06 25.45
CA PHE E 71 -3.18 -13.87 24.28
C PHE E 71 -1.76 -13.53 24.68
N THR E 72 -0.82 -13.94 23.84
CA THR E 72 0.59 -13.77 24.15
C THR E 72 1.34 -13.19 22.96
N LEU E 73 2.12 -12.16 23.23
CA LEU E 73 3.08 -11.64 22.27
C LEU E 73 4.46 -12.06 22.74
N THR E 74 5.24 -12.68 21.85
CA THR E 74 6.56 -13.16 22.24
C THR E 74 7.65 -12.55 21.37
N ILE E 75 8.72 -12.10 22.02
CA ILE E 75 9.93 -11.69 21.31
C ILE E 75 11.02 -12.72 21.59
N SER E 76 11.41 -13.47 20.56
CA SER E 76 12.34 -14.58 20.74
C SER E 76 13.71 -14.12 21.21
N SER E 77 14.25 -13.08 20.56
CA SER E 77 15.57 -12.58 20.91
C SER E 77 15.59 -11.05 20.92
N LEU E 78 15.54 -10.48 22.12
CA LEU E 78 15.43 -9.04 22.29
C LEU E 78 16.60 -8.27 21.67
N GLN E 79 16.27 -7.20 20.95
CA GLN E 79 17.27 -6.29 20.40
C GLN E 79 17.05 -4.89 20.97
N PRO E 80 18.09 -4.04 21.00
CA PRO E 80 17.96 -2.71 21.61
C PRO E 80 16.87 -1.85 21.00
N GLU E 81 16.52 -2.12 19.74
CA GLU E 81 15.52 -1.32 19.04
C GLU E 81 14.10 -1.68 19.46
N ASP E 82 13.97 -2.69 20.32
CA ASP E 82 12.64 -3.20 20.68
C ASP E 82 11.99 -2.45 21.83
N PHE E 83 12.74 -1.56 22.48
CA PHE E 83 12.19 -0.83 23.61
C PHE E 83 11.00 0.00 23.13
N ALA E 84 9.90 -0.08 23.88
CA ALA E 84 8.66 0.63 23.55
C ALA E 84 7.58 0.25 24.55
N THR E 85 6.40 0.81 24.36
CA THR E 85 5.20 0.32 25.02
C THR E 85 4.39 -0.49 24.02
N TYR E 86 4.09 -1.73 24.38
CA TYR E 86 3.29 -2.60 23.51
C TYR E 86 1.83 -2.64 23.94
N TYR E 87 0.92 -2.50 22.97
CA TYR E 87 -0.52 -2.52 23.24
C TYR E 87 -1.22 -3.66 22.51
N CYS E 88 -2.18 -4.30 23.16
CA CYS E 88 -3.09 -5.20 22.49
C CYS E 88 -4.41 -4.47 22.20
N GLN E 89 -5.14 -4.91 21.18
CA GLN E 89 -6.38 -4.24 20.83
C GLN E 89 -7.46 -5.19 20.30
N HIS E 90 -8.64 -5.09 20.89
CA HIS E 90 -9.84 -5.74 20.39
C HIS E 90 -10.19 -5.15 19.03
N LEU E 91 -10.47 -5.99 18.04
CA LEU E 91 -10.60 -5.48 16.66
C LEU E 91 -12.04 -5.26 16.22
N ILE E 92 -12.99 -5.62 17.08
CA ILE E 92 -14.39 -5.25 16.88
C ILE E 92 -14.95 -4.74 18.19
N GLY E 93 -16.28 -4.68 18.29
CA GLY E 93 -16.91 -4.09 19.46
C GLY E 93 -16.55 -2.61 19.57
N LEU E 94 -16.01 -2.22 20.73
CA LEU E 94 -15.57 -0.84 20.91
C LEU E 94 -14.12 -0.63 20.50
N ARG E 95 -13.50 -1.68 19.95
CA ARG E 95 -12.13 -1.60 19.47
C ARG E 95 -11.17 -1.11 20.55
N SER E 96 -11.40 -1.55 21.78
CA SER E 96 -10.64 -1.04 22.92
C SER E 96 -9.24 -1.62 23.02
N PHE E 97 -8.36 -0.89 23.71
CA PHE E 97 -6.97 -1.29 23.90
C PHE E 97 -6.69 -1.75 25.33
N GLY E 98 -5.58 -2.46 25.53
CA GLY E 98 -5.10 -2.76 26.86
C GLY E 98 -4.35 -1.55 27.42
N GLN E 99 -3.95 -1.61 28.68
CA GLN E 99 -3.33 -0.45 29.32
C GLN E 99 -1.87 -0.29 28.90
N GLY E 100 -1.31 -1.32 28.26
CA GLY E 100 0.04 -1.22 27.73
C GLY E 100 1.11 -1.86 28.60
N THR E 101 2.16 -2.35 27.95
CA THR E 101 3.32 -2.92 28.64
C THR E 101 4.59 -2.21 28.22
N LYS E 102 5.28 -1.60 29.18
CA LYS E 102 6.51 -0.88 28.87
C LYS E 102 7.71 -1.82 28.89
N LEU E 103 8.39 -1.95 27.77
CA LEU E 103 9.54 -2.83 27.65
C LEU E 103 10.83 -2.04 27.67
N GLU E 104 11.68 -2.31 28.66
CA GLU E 104 12.95 -1.62 28.82
C GLU E 104 14.10 -2.58 28.56
N ILE E 105 15.18 -2.07 27.99
CA ILE E 105 16.35 -2.90 27.73
C ILE E 105 17.32 -2.88 28.91
N LYS E 106 17.77 -4.07 29.30
CA LYS E 106 18.74 -4.21 30.37
C LYS E 106 20.13 -4.36 29.76
N ARG E 107 21.07 -3.52 30.18
CA ARG E 107 22.44 -3.59 29.68
C ARG E 107 23.47 -3.40 30.79
N THR E 108 24.75 -3.39 30.44
CA THR E 108 25.82 -3.29 31.43
C THR E 108 26.00 -1.86 31.93
N VAL E 109 26.33 -1.72 33.20
CA VAL E 109 26.45 -0.41 33.85
C VAL E 109 27.40 0.53 33.12
N ALA E 110 26.93 1.76 32.86
CA ALA E 110 27.75 2.77 32.20
C ALA E 110 27.68 4.10 32.95
N ALA E 111 28.84 4.71 33.17
CA ALA E 111 28.92 5.95 33.93
C ALA E 111 28.53 7.16 33.08
N PRO E 112 27.94 8.19 33.72
CA PRO E 112 27.54 9.42 33.02
C PRO E 112 28.68 10.43 32.87
N SER E 113 28.76 11.07 31.71
CA SER E 113 29.66 12.20 31.50
C SER E 113 28.98 13.48 31.97
N VAL E 114 29.47 14.06 33.06
CA VAL E 114 28.79 15.20 33.69
C VAL E 114 29.26 16.55 33.16
N PHE E 115 28.32 17.36 32.71
CA PHE E 115 28.60 18.73 32.26
C PHE E 115 27.79 19.72 33.07
N ILE E 116 28.24 20.98 33.08
CA ILE E 116 27.50 22.03 33.77
C ILE E 116 27.49 23.31 32.93
N PHE E 117 26.36 24.00 32.94
CA PHE E 117 26.20 25.23 32.17
C PHE E 117 25.68 26.37 33.04
N PRO E 118 26.37 27.52 33.00
CA PRO E 118 25.89 28.72 33.70
C PRO E 118 24.69 29.31 32.98
N PRO E 119 23.96 30.22 33.62
CA PRO E 119 22.91 30.93 32.88
C PRO E 119 23.53 31.88 31.86
N SER E 120 22.85 32.11 30.75
CA SER E 120 23.34 33.04 29.75
C SER E 120 23.18 34.47 30.23
N ASP E 121 23.89 35.39 29.61
CA ASP E 121 23.79 36.79 29.98
C ASP E 121 22.44 37.39 29.59
N GLU E 122 21.88 36.91 28.48
CA GLU E 122 20.60 37.45 28.00
C GLU E 122 19.42 36.98 28.86
N GLN E 123 19.55 35.84 29.52
CA GLN E 123 18.51 35.38 30.43
C GLN E 123 18.54 36.16 31.72
N LEU E 124 19.76 36.49 32.18
CA LEU E 124 19.95 37.22 33.41
C LEU E 124 19.27 38.58 33.39
N LYS E 125 19.26 39.24 32.24
CA LYS E 125 18.63 40.55 32.12
C LYS E 125 17.13 40.43 31.82
N SER E 126 16.54 39.31 32.21
CA SER E 126 15.10 39.12 32.07
C SER E 126 14.48 38.84 33.43
N GLY E 127 15.32 38.59 34.43
CA GLY E 127 14.85 38.42 35.79
C GLY E 127 15.05 37.03 36.39
N THR E 128 15.47 36.08 35.57
CA THR E 128 15.63 34.69 36.02
C THR E 128 16.98 34.12 35.62
N ALA E 129 17.46 33.14 36.38
CA ALA E 129 18.72 32.46 36.05
C ALA E 129 18.56 30.95 36.12
N SER E 130 18.88 30.27 35.01
CA SER E 130 18.81 28.82 34.94
C SER E 130 20.21 28.21 34.90
N VAL E 131 20.47 27.27 35.80
CA VAL E 131 21.75 26.55 35.80
C VAL E 131 21.49 25.09 35.44
N VAL E 132 22.15 24.62 34.40
CA VAL E 132 21.85 23.28 33.89
C VAL E 132 22.99 22.29 34.08
N CYS E 133 22.66 21.13 34.66
CA CYS E 133 23.59 20.02 34.74
C CYS E 133 23.18 18.93 33.76
N LEU E 134 24.15 18.31 33.11
CA LEU E 134 23.85 17.30 32.10
C LEU E 134 24.56 15.98 32.38
N LEU E 135 23.78 14.91 32.48
CA LEU E 135 24.33 13.57 32.63
C LEU E 135 24.14 12.81 31.33
N ASN E 136 25.23 12.50 30.64
CA ASN E 136 25.14 11.96 29.29
C ASN E 136 25.53 10.48 29.18
N ASN E 137 24.70 9.72 28.48
CA ASN E 137 24.97 8.32 28.12
C ASN E 137 25.38 7.43 29.30
N PHE E 138 24.41 7.09 30.13
CA PHE E 138 24.67 6.25 31.30
C PHE E 138 23.61 5.17 31.48
N TYR E 139 23.84 4.27 32.42
CA TYR E 139 22.90 3.21 32.78
C TYR E 139 23.33 2.62 34.12
N PRO E 140 22.36 2.33 35.01
CA PRO E 140 20.90 2.43 34.89
C PRO E 140 20.37 3.85 34.93
N ARG E 141 19.07 3.99 34.68
CA ARG E 141 18.41 5.28 34.62
C ARG E 141 18.45 6.02 35.95
N GLU E 142 18.38 5.26 37.04
CA GLU E 142 18.37 5.84 38.37
C GLU E 142 19.65 6.62 38.65
N ALA E 143 19.50 7.89 39.02
CA ALA E 143 20.64 8.75 39.32
C ALA E 143 20.23 9.84 40.31
N LYS E 144 21.16 10.21 41.17
CA LYS E 144 20.90 11.22 42.21
C LYS E 144 21.72 12.48 41.96
N VAL E 145 21.04 13.57 41.61
CA VAL E 145 21.73 14.82 41.31
C VAL E 145 21.43 15.88 42.37
N GLN E 146 22.48 16.41 42.99
CA GLN E 146 22.32 17.41 44.04
C GLN E 146 22.93 18.75 43.66
N TRP E 147 22.20 19.83 43.93
CA TRP E 147 22.69 21.18 43.67
C TRP E 147 23.17 21.85 44.94
N LYS E 148 24.39 22.36 44.92
CA LYS E 148 24.95 23.08 46.05
C LYS E 148 25.40 24.47 45.67
N VAL E 149 24.98 25.46 46.45
CA VAL E 149 25.36 26.85 46.20
C VAL E 149 26.05 27.44 47.42
N ASP E 150 27.34 27.77 47.26
CA ASP E 150 28.21 28.12 48.37
C ASP E 150 28.18 27.00 49.41
N ASN E 151 28.25 25.77 48.91
CA ASN E 151 28.23 24.56 49.74
C ASN E 151 26.94 24.40 50.54
N ALA E 152 25.84 24.93 50.04
CA ALA E 152 24.53 24.77 50.68
C ALA E 152 23.57 23.98 49.78
N LEU E 153 23.06 22.87 50.31
CA LEU E 153 22.12 22.02 49.58
C LEU E 153 20.84 22.78 49.22
N GLN E 154 20.48 22.76 47.94
CA GLN E 154 19.27 23.41 47.48
C GLN E 154 18.09 22.45 47.52
N SER E 155 16.88 23.01 47.66
CA SER E 155 15.69 22.18 47.76
C SER E 155 14.49 22.81 47.07
N GLY E 156 13.78 22.00 46.29
CA GLY E 156 12.53 22.42 45.67
C GLY E 156 12.67 23.54 44.65
N ASN E 157 13.86 23.65 44.06
CA ASN E 157 14.11 24.67 43.04
C ASN E 157 14.85 24.10 41.84
N SER E 158 14.68 22.79 41.60
CA SER E 158 15.25 22.14 40.44
C SER E 158 14.27 21.12 39.85
N GLN E 159 14.44 20.82 38.57
CA GLN E 159 13.61 19.81 37.92
C GLN E 159 14.44 18.93 37.00
N GLU E 160 14.03 17.67 36.87
CA GLU E 160 14.77 16.73 36.05
C GLU E 160 13.99 16.31 34.82
N SER E 161 14.72 16.04 33.74
CA SER E 161 14.15 15.45 32.55
C SER E 161 15.10 14.34 32.07
N VAL E 162 14.54 13.27 31.51
CA VAL E 162 15.36 12.14 31.12
C VAL E 162 14.92 11.61 29.75
N THR E 163 15.88 11.30 28.89
CA THR E 163 15.56 10.84 27.55
C THR E 163 15.04 9.41 27.56
N GLU E 164 14.53 8.96 26.42
CA GLU E 164 14.24 7.56 26.19
C GLU E 164 15.57 6.82 26.04
N GLN E 165 15.55 5.50 26.07
CA GLN E 165 16.76 4.74 25.82
C GLN E 165 17.24 4.95 24.39
N ASP E 166 18.55 5.07 24.22
CA ASP E 166 19.10 5.16 22.89
C ASP E 166 18.93 3.82 22.19
N SER E 167 18.45 3.86 20.96
CA SER E 167 18.06 2.64 20.25
C SER E 167 19.22 1.69 19.94
N LYS E 168 20.46 2.16 20.14
CA LYS E 168 21.62 1.36 19.79
C LYS E 168 22.41 0.87 21.00
N ASP E 169 22.68 1.76 21.96
CA ASP E 169 23.49 1.38 23.11
C ASP E 169 22.71 1.33 24.42
N SER E 170 21.41 1.63 24.34
CA SER E 170 20.47 1.49 25.47
C SER E 170 20.81 2.35 26.69
N THR E 171 21.45 3.50 26.47
CA THR E 171 21.80 4.38 27.57
C THR E 171 20.79 5.50 27.75
N TYR E 172 20.87 6.18 28.89
CA TYR E 172 20.02 7.33 29.16
C TYR E 172 20.82 8.63 29.19
N SER E 173 20.13 9.74 29.01
CA SER E 173 20.72 11.04 29.29
C SER E 173 19.75 11.83 30.16
N LEU E 174 20.29 12.62 31.10
CA LEU E 174 19.45 13.35 32.04
C LEU E 174 19.88 14.81 32.15
N SER E 175 18.91 15.69 32.36
CA SER E 175 19.19 17.09 32.67
C SER E 175 18.55 17.49 34.00
N SER E 176 19.27 18.30 34.78
CA SER E 176 18.74 18.89 35.99
C SER E 176 18.87 20.40 35.92
N THR E 177 17.77 21.12 36.08
CA THR E 177 17.76 22.57 35.90
C THR E 177 17.46 23.32 37.20
N LEU E 178 18.48 24.00 37.72
CA LEU E 178 18.30 24.86 38.89
C LEU E 178 17.70 26.19 38.46
N THR E 179 16.57 26.56 39.07
CA THR E 179 15.91 27.81 38.72
C THR E 179 15.99 28.82 39.87
N LEU E 180 16.73 29.89 39.64
CA LEU E 180 16.89 30.96 40.64
C LEU E 180 16.47 32.30 40.07
N SER E 181 16.25 33.27 40.97
CA SER E 181 16.04 34.65 40.56
C SER E 181 17.39 35.29 40.28
N LYS E 182 17.40 36.37 39.48
CA LYS E 182 18.63 37.09 39.18
C LYS E 182 19.29 37.56 40.47
N ALA E 183 18.48 37.99 41.43
CA ALA E 183 18.99 38.47 42.71
C ALA E 183 19.76 37.40 43.46
N ASP E 184 19.12 36.25 43.69
CA ASP E 184 19.74 35.18 44.46
C ASP E 184 20.96 34.60 43.75
N TYR E 185 20.97 34.68 42.42
CA TYR E 185 22.11 34.17 41.65
C TYR E 185 23.33 35.08 41.77
N GLU E 186 23.10 36.38 41.68
CA GLU E 186 24.20 37.35 41.73
C GLU E 186 24.81 37.45 43.12
N LYS E 187 24.11 36.94 44.12
CA LYS E 187 24.56 37.03 45.51
C LYS E 187 25.66 36.01 45.82
N HIS E 188 25.52 34.80 45.30
CA HIS E 188 26.44 33.71 45.62
C HIS E 188 27.54 33.54 44.58
N LYS E 189 28.51 32.68 44.89
CA LYS E 189 29.68 32.51 44.04
C LYS E 189 29.73 31.15 43.34
N VAL E 190 29.99 30.10 44.11
CA VAL E 190 30.21 28.77 43.55
C VAL E 190 28.90 27.98 43.39
N TYR E 191 28.68 27.44 42.19
CA TYR E 191 27.53 26.59 41.91
C TYR E 191 28.00 25.20 41.51
N ALA E 192 27.56 24.19 42.25
CA ALA E 192 28.07 22.83 42.05
C ALA E 192 26.97 21.84 41.70
N CYS E 193 27.36 20.81 40.94
CA CYS E 193 26.47 19.71 40.58
C CYS E 193 27.06 18.42 41.10
N GLU E 194 26.37 17.78 42.04
CA GLU E 194 26.89 16.57 42.68
C GLU E 194 26.07 15.34 42.28
N VAL E 195 26.67 14.48 41.46
CA VAL E 195 25.97 13.33 40.90
C VAL E 195 26.42 12.02 41.53
N THR E 196 25.45 11.19 41.92
CA THR E 196 25.73 9.86 42.44
C THR E 196 25.11 8.80 41.54
N HIS E 197 25.94 7.91 41.01
CA HIS E 197 25.48 6.86 40.11
C HIS E 197 26.23 5.55 40.33
N GLN E 198 25.60 4.44 39.96
CA GLN E 198 26.16 3.11 40.19
C GLN E 198 27.51 2.90 39.48
N GLY E 199 27.71 3.58 38.36
CA GLY E 199 28.92 3.42 37.57
C GLY E 199 30.05 4.35 37.98
N LEU E 200 29.83 5.12 39.04
CA LEU E 200 30.84 6.04 39.54
C LEU E 200 31.43 5.54 40.85
N SER E 201 32.75 5.50 40.93
CA SER E 201 33.44 5.05 42.13
C SER E 201 33.06 5.91 43.33
N SER E 202 33.04 7.21 43.11
CA SER E 202 32.62 8.18 44.13
C SER E 202 31.98 9.39 43.42
N PRO E 203 31.03 10.06 44.09
CA PRO E 203 30.26 11.17 43.51
C PRO E 203 31.08 12.20 42.73
N VAL E 204 30.72 12.39 41.45
CA VAL E 204 31.34 13.39 40.60
C VAL E 204 30.76 14.77 40.89
N THR E 205 31.62 15.78 41.00
CA THR E 205 31.17 17.14 41.28
C THR E 205 31.72 18.14 40.28
N LYS E 206 30.87 18.55 39.33
CA LYS E 206 31.23 19.61 38.40
C LYS E 206 30.69 20.94 38.89
N SER E 207 31.50 21.99 38.79
CA SER E 207 31.13 23.28 39.35
C SER E 207 31.74 24.47 38.61
N PHE E 208 31.30 25.67 38.97
CA PHE E 208 31.83 26.89 38.42
C PHE E 208 31.58 28.06 39.35
N ASN E 209 32.38 29.11 39.21
CA ASN E 209 32.21 30.33 39.98
C ASN E 209 31.65 31.43 39.09
N ARG E 210 30.70 32.19 39.62
CA ARG E 210 30.03 33.25 38.85
C ARG E 210 31.02 34.35 38.43
N GLN F 1 4.10 2.63 1.92
CA GLN F 1 3.58 2.84 0.56
C GLN F 1 2.33 3.67 0.55
N VAL F 2 1.40 3.32 1.43
CA VAL F 2 0.34 4.23 1.78
C VAL F 2 0.83 5.01 2.98
N GLN F 3 0.56 6.31 2.99
CA GLN F 3 1.00 7.14 4.09
C GLN F 3 -0.15 8.04 4.51
N LEU F 4 -0.30 8.23 5.81
CA LEU F 4 -1.29 9.16 6.32
C LEU F 4 -0.59 10.31 7.02
N GLN F 5 -1.12 11.52 6.82
CA GLN F 5 -0.64 12.69 7.53
C GLN F 5 -1.84 13.57 7.89
N GLN F 6 -1.82 14.13 9.09
CA GLN F 6 -2.98 14.87 9.56
C GLN F 6 -2.61 16.30 9.94
N TRP F 7 -3.61 17.18 9.91
CA TRP F 7 -3.42 18.58 10.29
C TRP F 7 -4.71 19.18 10.85
N GLY F 8 -4.56 20.31 11.53
CA GLY F 8 -5.69 20.98 12.17
C GLY F 8 -5.25 21.69 13.44
N ALA F 9 -6.09 22.60 13.92
CA ALA F 9 -5.78 23.39 15.11
C ALA F 9 -5.60 22.52 16.36
N GLY F 10 -4.53 22.77 17.11
CA GLY F 10 -4.23 22.01 18.32
C GLY F 10 -4.68 22.64 19.62
N LEU F 11 -4.91 23.95 19.63
CA LEU F 11 -5.33 24.64 20.86
C LEU F 11 -6.76 25.15 20.78
N LEU F 12 -7.59 24.67 21.69
CA LEU F 12 -9.01 25.00 21.67
C LEU F 12 -9.50 25.50 23.01
N LYS F 13 -10.43 26.44 22.97
CA LYS F 13 -11.13 26.86 24.18
C LYS F 13 -12.32 25.94 24.42
N PRO F 14 -12.67 25.70 25.70
CA PRO F 14 -13.86 24.92 26.04
C PRO F 14 -15.09 25.38 25.26
N SER F 15 -15.92 24.43 24.85
CA SER F 15 -17.15 24.64 24.07
C SER F 15 -16.89 24.82 22.56
N GLU F 16 -15.63 24.92 22.15
CA GLU F 16 -15.36 25.06 20.72
C GLU F 16 -15.36 23.71 20.03
N THR F 17 -15.26 23.72 18.70
CA THR F 17 -15.32 22.50 17.91
C THR F 17 -13.94 22.08 17.41
N LEU F 18 -13.56 20.85 17.73
CA LEU F 18 -12.33 20.25 17.21
C LEU F 18 -12.52 19.82 15.75
N SER F 19 -11.60 20.21 14.88
CA SER F 19 -11.65 19.83 13.48
C SER F 19 -10.29 19.40 12.96
N LEU F 20 -10.10 18.09 12.79
CA LEU F 20 -8.85 17.58 12.25
C LEU F 20 -9.09 16.96 10.88
N THR F 21 -8.06 17.02 10.04
CA THR F 21 -8.14 16.45 8.70
C THR F 21 -7.01 15.46 8.50
N CYS F 22 -7.30 14.33 7.86
CA CYS F 22 -6.28 13.35 7.54
C CYS F 22 -6.11 13.21 6.03
N GLY F 23 -4.88 13.41 5.57
CA GLY F 23 -4.57 13.22 4.17
C GLY F 23 -4.05 11.81 3.92
N VAL F 24 -4.54 11.20 2.86
CA VAL F 24 -4.09 9.87 2.48
C VAL F 24 -3.29 9.97 1.18
N TYR F 25 -2.09 9.39 1.18
CA TYR F 25 -1.18 9.51 0.04
C TYR F 25 -0.76 8.14 -0.45
N GLY F 26 -0.85 7.93 -1.75
CA GLY F 26 -0.37 6.69 -2.36
C GLY F 26 -1.47 5.75 -2.81
N GLU F 27 -2.69 5.98 -2.31
CA GLU F 27 -3.84 5.21 -2.76
C GLU F 27 -5.12 6.00 -2.52
N SER F 28 -6.21 5.57 -3.12
CA SER F 28 -7.49 6.24 -2.92
C SER F 28 -8.10 5.79 -1.60
N LEU F 29 -9.27 6.33 -1.29
CA LEU F 29 -9.96 5.97 -0.05
C LEU F 29 -10.78 4.69 -0.21
N SER F 30 -10.99 4.26 -1.45
CA SER F 30 -11.85 3.13 -1.74
C SER F 30 -11.32 1.82 -1.15
N GLY F 31 -12.22 1.03 -0.57
CA GLY F 31 -11.89 -0.33 -0.17
C GLY F 31 -11.45 -0.50 1.26
N HIS F 32 -11.39 0.60 2.00
CA HIS F 32 -10.96 0.54 3.39
C HIS F 32 -11.88 1.28 4.33
N TYR F 33 -11.86 0.86 5.59
CA TYR F 33 -12.40 1.64 6.67
C TYR F 33 -11.36 2.66 7.11
N TRP F 34 -11.81 3.87 7.40
CA TRP F 34 -10.94 4.94 7.87
C TRP F 34 -11.35 5.34 9.27
N SER F 35 -10.37 5.53 10.14
CA SER F 35 -10.63 5.59 11.57
C SER F 35 -9.92 6.75 12.28
N TRP F 36 -10.50 7.17 13.40
CA TRP F 36 -9.82 8.10 14.30
C TRP F 36 -9.68 7.45 15.68
N VAL F 37 -8.54 7.71 16.31
CA VAL F 37 -8.20 7.15 17.62
C VAL F 37 -7.52 8.23 18.44
N ARG F 38 -7.86 8.36 19.72
CA ARG F 38 -7.18 9.35 20.55
C ARG F 38 -6.49 8.70 21.74
N GLN F 39 -5.58 9.45 22.34
CA GLN F 39 -4.78 8.95 23.44
C GLN F 39 -4.52 10.06 24.45
N PRO F 40 -5.32 10.10 25.53
CA PRO F 40 -5.11 11.09 26.60
C PRO F 40 -3.73 10.93 27.21
N PRO F 41 -3.14 12.04 27.69
CA PRO F 41 -1.78 12.04 28.23
C PRO F 41 -1.61 11.04 29.37
N GLY F 42 -0.70 10.08 29.21
CA GLY F 42 -0.45 9.08 30.22
C GLY F 42 -1.57 8.07 30.38
N LYS F 43 -2.37 7.90 29.33
CA LYS F 43 -3.44 6.90 29.34
C LYS F 43 -3.42 6.09 28.05
N ARG F 44 -4.39 5.19 27.90
CA ARG F 44 -4.38 4.26 26.78
C ARG F 44 -5.11 4.83 25.57
N LEU F 45 -4.86 4.23 24.41
CA LEU F 45 -5.54 4.62 23.18
C LEU F 45 -7.02 4.30 23.27
N GLU F 46 -7.83 5.16 22.65
CA GLU F 46 -9.27 4.99 22.66
C GLU F 46 -9.84 5.24 21.27
N TRP F 47 -10.57 4.26 20.76
CA TRP F 47 -11.19 4.32 19.44
C TRP F 47 -12.37 5.28 19.42
N ILE F 48 -12.34 6.22 18.48
CA ILE F 48 -13.37 7.25 18.38
C ILE F 48 -14.46 6.85 17.40
N GLY F 49 -14.06 6.32 16.27
CA GLY F 49 -15.01 5.84 15.28
C GLY F 49 -14.36 5.53 13.94
N GLU F 50 -15.15 5.03 13.00
CA GLU F 50 -14.63 4.69 11.69
C GLU F 50 -15.73 4.76 10.65
N ILE F 51 -15.33 4.81 9.38
CA ILE F 51 -16.28 5.02 8.29
C ILE F 51 -15.70 4.53 6.97
N LYS F 52 -16.57 4.15 6.05
CA LYS F 52 -16.16 3.78 4.69
C LYS F 52 -17.16 4.38 3.70
N HIS F 53 -16.74 4.51 2.45
CA HIS F 53 -17.53 5.21 1.45
C HIS F 53 -18.89 4.57 1.23
N ASN F 54 -18.92 3.27 0.97
CA ASN F 54 -20.18 2.54 0.86
C ASN F 54 -20.59 1.93 2.19
N GLY F 55 -21.04 2.79 3.11
CA GLY F 55 -21.39 2.35 4.45
C GLY F 55 -21.78 3.52 5.33
N SER F 56 -22.00 3.23 6.62
CA SER F 56 -22.43 4.25 7.57
C SER F 56 -21.36 4.49 8.63
N PRO F 57 -21.33 5.71 9.20
CA PRO F 57 -20.39 5.99 10.27
C PRO F 57 -20.64 5.11 11.49
N ASN F 58 -19.58 4.78 12.20
CA ASN F 58 -19.68 3.92 13.36
C ASN F 58 -18.86 4.51 14.50
N TYR F 59 -19.54 5.05 15.51
CA TYR F 59 -18.86 5.81 16.56
C TYR F 59 -18.86 5.12 17.92
N HIS F 60 -17.90 5.55 18.76
CA HIS F 60 -17.88 5.18 20.15
C HIS F 60 -19.11 5.79 20.82
N PRO F 61 -19.92 4.96 21.51
CA PRO F 61 -21.21 5.44 22.03
C PRO F 61 -21.08 6.66 22.94
N SER F 62 -20.02 6.76 23.72
CA SER F 62 -19.80 7.91 24.59
C SER F 62 -19.77 9.23 23.82
N LEU F 63 -19.28 9.18 22.58
CA LEU F 63 -19.00 10.40 21.83
C LEU F 63 -19.96 10.64 20.66
N LYS F 64 -20.92 9.75 20.47
CA LYS F 64 -21.75 9.76 19.27
C LYS F 64 -22.45 11.10 19.01
N SER F 65 -22.99 11.70 20.07
CA SER F 65 -23.75 12.94 19.95
C SER F 65 -22.90 14.14 19.57
N ARG F 66 -21.59 14.03 19.75
CA ARG F 66 -20.68 15.14 19.51
C ARG F 66 -19.75 14.92 18.31
N VAL F 67 -19.64 13.68 17.86
CA VAL F 67 -18.67 13.31 16.83
C VAL F 67 -19.27 13.22 15.43
N THR F 68 -18.53 13.73 14.44
CA THR F 68 -18.84 13.51 13.04
C THR F 68 -17.56 13.12 12.29
N ILE F 69 -17.61 11.99 11.59
CA ILE F 69 -16.51 11.56 10.73
C ILE F 69 -17.00 11.55 9.28
N SER F 70 -16.25 12.19 8.39
CA SER F 70 -16.67 12.31 7.00
C SER F 70 -15.54 12.05 5.99
N LEU F 71 -15.90 11.47 4.85
CA LEU F 71 -14.95 11.22 3.77
C LEU F 71 -15.12 12.22 2.64
N ASP F 72 -14.01 12.62 2.04
CA ASP F 72 -14.04 13.36 0.78
C ASP F 72 -13.26 12.56 -0.25
N MET F 73 -13.99 11.79 -1.06
CA MET F 73 -13.37 10.86 -1.98
C MET F 73 -12.47 11.55 -3.01
N SER F 74 -12.95 12.65 -3.58
CA SER F 74 -12.19 13.34 -4.61
C SER F 74 -10.92 13.99 -4.06
N LYS F 75 -11.00 14.53 -2.84
CA LYS F 75 -9.84 15.18 -2.24
C LYS F 75 -8.89 14.18 -1.61
N ASN F 76 -9.34 12.94 -1.44
CA ASN F 76 -8.56 11.89 -0.78
C ASN F 76 -8.22 12.26 0.67
N GLN F 77 -9.21 12.84 1.35
CA GLN F 77 -9.10 13.21 2.76
C GLN F 77 -10.29 12.70 3.56
N PHE F 78 -10.10 12.58 4.87
CA PHE F 78 -11.25 12.40 5.75
C PHE F 78 -11.05 13.19 7.03
N SER F 79 -12.16 13.53 7.68
CA SER F 79 -12.15 14.51 8.76
C SER F 79 -12.79 14.00 10.03
N LEU F 80 -12.43 14.65 11.13
CA LEU F 80 -13.06 14.44 12.43
C LEU F 80 -13.52 15.77 12.99
N ASN F 81 -14.79 15.86 13.35
CA ASN F 81 -15.29 16.96 14.16
C ASN F 81 -15.76 16.45 15.51
N LEU F 82 -15.36 17.17 16.55
CA LEU F 82 -15.82 16.88 17.89
C LEU F 82 -16.29 18.19 18.51
N THR F 83 -17.61 18.31 18.69
CA THR F 83 -18.19 19.56 19.16
C THR F 83 -18.17 19.70 20.68
N SER F 84 -18.32 20.94 21.16
CA SER F 84 -18.41 21.26 22.59
C SER F 84 -17.29 20.64 23.42
N VAL F 85 -16.04 20.85 23.03
CA VAL F 85 -14.95 20.17 23.72
C VAL F 85 -14.77 20.70 25.15
N THR F 86 -14.27 19.82 26.02
CA THR F 86 -13.86 20.17 27.36
C THR F 86 -12.49 19.57 27.63
N ALA F 87 -11.94 19.85 28.80
CA ALA F 87 -10.61 19.38 29.17
C ALA F 87 -10.52 17.85 29.13
N ALA F 88 -11.66 17.17 29.14
CA ALA F 88 -11.68 15.72 29.02
C ALA F 88 -11.31 15.27 27.62
N ASP F 89 -11.32 16.19 26.66
CA ASP F 89 -11.00 15.85 25.27
C ASP F 89 -9.56 16.18 24.91
N THR F 90 -8.78 16.58 25.90
CA THR F 90 -7.37 16.84 25.68
C THR F 90 -6.63 15.53 25.50
N ALA F 91 -5.99 15.36 24.35
CA ALA F 91 -5.35 14.11 23.98
C ALA F 91 -4.55 14.25 22.70
N VAL F 92 -3.76 13.24 22.36
CA VAL F 92 -3.18 13.15 21.02
C VAL F 92 -4.16 12.40 20.15
N TYR F 93 -4.56 12.99 19.03
CA TYR F 93 -5.52 12.36 18.13
C TYR F 93 -4.80 11.80 16.89
N PHE F 94 -5.04 10.53 16.60
CA PHE F 94 -4.46 9.85 15.45
C PHE F 94 -5.52 9.49 14.43
N CYS F 95 -5.22 9.64 13.15
CA CYS F 95 -6.03 8.98 12.13
C CYS F 95 -5.34 7.68 11.76
N ALA F 96 -6.11 6.74 11.22
CA ALA F 96 -5.55 5.44 10.88
C ALA F 96 -6.39 4.75 9.83
N ARG F 97 -5.72 3.95 9.01
CA ARG F 97 -6.40 3.08 8.07
C ARG F 97 -6.62 1.73 8.72
N ARG F 98 -7.79 1.15 8.50
CA ARG F 98 -7.96 -0.27 8.77
C ARG F 98 -7.51 -0.98 7.50
N SER F 99 -6.41 -1.73 7.60
CA SER F 99 -5.85 -2.41 6.45
C SER F 99 -6.77 -3.53 5.99
N ASN F 100 -6.49 -4.07 4.80
CA ASN F 100 -7.32 -5.11 4.22
C ASN F 100 -6.85 -6.52 4.56
N TRP F 101 -5.92 -6.61 5.52
CA TRP F 101 -5.51 -7.90 6.06
C TRP F 101 -6.65 -8.50 6.90
N PRO F 102 -6.58 -9.82 7.20
CA PRO F 102 -7.64 -10.41 8.03
C PRO F 102 -7.87 -9.68 9.34
N TYR F 103 -9.16 -9.48 9.66
CA TYR F 103 -9.61 -8.79 10.87
C TYR F 103 -9.41 -7.28 10.80
N LEU F 104 -8.88 -6.81 9.67
CA LEU F 104 -8.70 -5.37 9.41
C LEU F 104 -7.95 -4.64 10.53
N PRO F 105 -6.70 -5.03 10.82
CA PRO F 105 -5.98 -4.32 11.87
C PRO F 105 -5.60 -2.91 11.42
N PHE F 106 -5.23 -2.07 12.37
CA PHE F 106 -5.02 -0.65 12.11
C PHE F 106 -3.61 -0.38 11.58
N ASP F 107 -3.52 0.00 10.31
CA ASP F 107 -2.25 0.19 9.63
C ASP F 107 -2.44 0.81 8.25
N PRO F 108 -1.72 1.92 7.95
CA PRO F 108 -0.81 2.63 8.85
C PRO F 108 -1.52 3.73 9.62
N TRP F 109 -0.75 4.51 10.39
CA TRP F 109 -1.29 5.59 11.20
C TRP F 109 -0.75 6.95 10.77
N GLY F 110 -1.53 8.00 11.02
CA GLY F 110 -1.04 9.37 10.86
C GLY F 110 -0.05 9.67 11.98
N GLN F 111 0.57 10.84 11.94
CA GLN F 111 1.62 11.16 12.91
C GLN F 111 1.06 11.57 14.27
N GLY F 112 -0.22 11.96 14.30
CA GLY F 112 -0.84 12.38 15.53
C GLY F 112 -0.84 13.87 15.71
N THR F 113 -1.86 14.38 16.41
CA THR F 113 -1.99 15.80 16.68
C THR F 113 -2.35 16.00 18.14
N LEU F 114 -1.51 16.72 18.88
CA LEU F 114 -1.84 17.03 20.26
C LEU F 114 -2.92 18.10 20.27
N VAL F 115 -4.04 17.80 20.91
CA VAL F 115 -5.11 18.77 21.06
C VAL F 115 -5.27 19.13 22.53
N THR F 116 -5.03 20.40 22.85
CA THR F 116 -5.16 20.88 24.22
C THR F 116 -6.39 21.77 24.33
N VAL F 117 -7.31 21.40 25.20
CA VAL F 117 -8.49 22.21 25.45
C VAL F 117 -8.24 23.05 26.69
N SER F 118 -8.12 24.36 26.51
CA SER F 118 -7.75 25.25 27.59
C SER F 118 -8.23 26.68 27.35
N SER F 119 -8.39 27.43 28.43
CA SER F 119 -8.76 28.84 28.34
C SER F 119 -7.53 29.73 28.24
N ALA F 120 -6.36 29.15 28.51
CA ALA F 120 -5.11 29.91 28.49
C ALA F 120 -4.67 30.22 27.06
N SER F 121 -4.01 31.36 26.88
CA SER F 121 -3.56 31.75 25.55
C SER F 121 -2.19 31.15 25.24
N THR F 122 -1.83 31.15 23.96
CA THR F 122 -0.52 30.67 23.53
C THR F 122 0.59 31.58 24.05
N LYS F 123 1.72 30.98 24.41
CA LYS F 123 2.91 31.75 24.76
C LYS F 123 4.12 31.13 24.07
N GLY F 124 4.84 31.95 23.30
CA GLY F 124 6.03 31.50 22.61
C GLY F 124 7.22 31.39 23.54
N PRO F 125 8.18 30.53 23.21
CA PRO F 125 9.32 30.29 24.10
C PRO F 125 10.39 31.37 24.03
N SER F 126 11.16 31.48 25.11
CA SER F 126 12.40 32.23 25.09
C SER F 126 13.53 31.23 24.88
N VAL F 127 14.50 31.57 24.04
CA VAL F 127 15.57 30.63 23.71
C VAL F 127 16.92 31.17 24.14
N PHE F 128 17.58 30.47 25.05
CA PHE F 128 18.87 30.90 25.58
C PHE F 128 19.92 29.83 25.29
N PRO F 129 21.18 30.25 25.12
CA PRO F 129 22.23 29.28 24.80
C PRO F 129 22.84 28.61 26.03
N LEU F 130 23.12 27.31 25.90
CA LEU F 130 23.95 26.60 26.86
C LEU F 130 25.37 26.53 26.31
N ALA F 131 26.17 27.54 26.63
CA ALA F 131 27.49 27.70 26.04
C ALA F 131 28.48 26.61 26.47
N PRO F 132 29.26 26.10 25.50
CA PRO F 132 30.31 25.11 25.77
C PRO F 132 31.49 25.75 26.50
N SER F 133 32.15 24.99 27.36
CA SER F 133 33.26 25.52 28.14
C SER F 133 34.28 24.44 28.50
N SER F 134 35.45 24.88 28.97
CA SER F 134 36.53 23.96 29.28
C SER F 134 36.23 23.11 30.50
N LYS F 135 35.28 23.55 31.32
CA LYS F 135 34.78 22.71 32.41
C LYS F 135 33.57 21.93 31.90
N SER F 136 33.66 21.52 30.65
CA SER F 136 32.66 20.68 29.99
C SER F 136 33.29 19.99 28.78
N THR F 137 34.62 19.92 28.78
CA THR F 137 35.35 19.20 27.75
C THR F 137 35.66 17.81 28.27
N SER F 138 34.74 16.88 28.05
CA SER F 138 34.91 15.51 28.53
C SER F 138 35.70 14.68 27.54
N GLY F 139 37.02 14.66 27.72
CA GLY F 139 37.91 13.85 26.90
C GLY F 139 37.86 14.19 25.41
N GLY F 140 38.05 15.47 25.09
CA GLY F 140 38.07 15.90 23.71
C GLY F 140 36.70 16.11 23.10
N THR F 141 35.67 15.97 23.93
CA THR F 141 34.29 16.18 23.46
C THR F 141 33.63 17.31 24.24
N ALA F 142 33.13 18.30 23.51
CA ALA F 142 32.44 19.42 24.12
C ALA F 142 30.93 19.27 23.98
N ALA F 143 30.21 19.63 25.04
CA ALA F 143 28.76 19.62 25.01
C ALA F 143 28.22 21.04 24.95
N LEU F 144 27.27 21.28 24.07
CA LEU F 144 26.60 22.57 24.00
C LEU F 144 25.11 22.36 23.78
N GLY F 145 24.33 23.43 23.90
CA GLY F 145 22.89 23.29 23.73
C GLY F 145 22.09 24.57 23.73
N CYS F 146 20.77 24.39 23.80
CA CYS F 146 19.83 25.51 23.86
C CYS F 146 18.81 25.27 24.96
N LEU F 147 18.46 26.32 25.67
CA LEU F 147 17.40 26.26 26.67
C LEU F 147 16.14 26.89 26.11
N VAL F 148 15.10 26.08 25.96
CA VAL F 148 13.83 26.55 25.39
C VAL F 148 12.79 26.67 26.51
N LYS F 149 12.58 27.90 26.98
CA LYS F 149 11.85 28.12 28.23
C LYS F 149 10.54 28.90 28.10
N ASP F 150 9.58 28.54 28.95
CA ASP F 150 8.32 29.28 29.13
C ASP F 150 7.46 29.35 27.87
N TYR F 151 6.90 28.21 27.47
CA TYR F 151 6.00 28.18 26.34
C TYR F 151 4.75 27.35 26.60
N PHE F 152 3.72 27.61 25.82
CA PHE F 152 2.44 26.92 25.94
C PHE F 152 1.66 27.12 24.64
N PRO F 153 1.05 26.05 24.12
CA PRO F 153 1.13 24.69 24.64
C PRO F 153 2.26 23.90 23.98
N GLU F 154 2.37 22.62 24.30
CA GLU F 154 3.25 21.71 23.58
C GLU F 154 2.74 21.51 22.16
N PRO F 155 3.60 21.05 21.23
CA PRO F 155 5.04 20.84 21.37
C PRO F 155 5.86 21.96 20.76
N VAL F 156 7.18 21.88 20.91
CA VAL F 156 8.10 22.64 20.09
C VAL F 156 8.95 21.65 19.32
N THR F 157 9.57 22.12 18.25
CA THR F 157 10.49 21.29 17.50
C THR F 157 11.85 21.96 17.48
N VAL F 158 12.88 21.23 17.87
CA VAL F 158 14.21 21.79 17.90
C VAL F 158 15.09 21.08 16.87
N SER F 159 15.80 21.88 16.08
CA SER F 159 16.76 21.35 15.12
C SER F 159 18.09 22.04 15.32
N TRP F 160 19.17 21.43 14.82
CA TRP F 160 20.48 22.06 14.85
C TRP F 160 21.01 22.28 13.43
N ASN F 161 21.54 23.46 13.19
CA ASN F 161 22.06 23.86 11.89
C ASN F 161 21.08 23.59 10.77
N SER F 162 19.84 23.97 11.01
CA SER F 162 18.75 23.83 10.05
C SER F 162 18.56 22.39 9.57
N GLY F 163 18.86 21.43 10.45
CA GLY F 163 18.64 20.04 10.15
C GLY F 163 19.89 19.28 9.75
N ALA F 164 20.97 20.01 9.50
CA ALA F 164 22.20 19.40 9.01
C ALA F 164 22.94 18.62 10.10
N LEU F 165 22.68 18.96 11.35
CA LEU F 165 23.34 18.28 12.47
C LEU F 165 22.31 17.50 13.29
N THR F 166 22.45 16.18 13.31
CA THR F 166 21.48 15.33 13.98
C THR F 166 22.12 14.29 14.90
N SER F 167 23.35 13.91 14.61
CA SER F 167 24.04 12.92 15.44
C SER F 167 24.53 13.58 16.72
N GLY F 168 24.39 12.86 17.83
CA GLY F 168 24.84 13.35 19.12
C GLY F 168 23.86 14.32 19.76
N VAL F 169 22.68 14.44 19.17
CA VAL F 169 21.68 15.37 19.68
C VAL F 169 20.71 14.70 20.65
N HIS F 170 20.55 15.30 21.82
CA HIS F 170 19.54 14.87 22.79
C HIS F 170 18.59 16.02 23.10
N THR F 171 17.37 15.93 22.60
CA THR F 171 16.34 16.89 22.96
C THR F 171 15.45 16.28 24.03
N PHE F 172 15.54 16.83 25.24
CA PHE F 172 14.85 16.27 26.40
C PHE F 172 13.35 16.52 26.34
N PRO F 173 12.57 15.60 26.92
CA PRO F 173 11.11 15.78 27.02
C PRO F 173 10.79 17.07 27.78
N ALA F 174 9.72 17.75 27.39
CA ALA F 174 9.34 18.98 28.05
C ALA F 174 8.93 18.72 29.49
N VAL F 175 9.17 19.71 30.34
CA VAL F 175 8.78 19.62 31.74
C VAL F 175 7.76 20.71 32.04
N LEU F 176 6.65 20.32 32.67
CA LEU F 176 5.68 21.29 33.14
C LEU F 176 6.22 22.01 34.37
N GLN F 177 6.25 23.34 34.32
CA GLN F 177 6.75 24.12 35.44
C GLN F 177 5.60 24.53 36.37
N SER F 178 5.93 25.15 37.49
CA SER F 178 4.91 25.61 38.45
C SER F 178 3.97 26.63 37.81
N SER F 179 4.53 27.42 36.90
CA SER F 179 3.79 28.48 36.21
C SER F 179 2.72 27.94 35.26
N GLY F 180 2.89 26.68 34.85
CA GLY F 180 1.97 26.10 33.87
C GLY F 180 2.54 26.13 32.47
N LEU F 181 3.68 26.78 32.32
CA LEU F 181 4.38 26.81 31.04
C LEU F 181 5.36 25.65 30.95
N TYR F 182 5.74 25.27 29.74
CA TYR F 182 6.67 24.17 29.55
C TYR F 182 8.09 24.67 29.31
N SER F 183 9.05 23.79 29.55
CA SER F 183 10.45 24.10 29.34
C SER F 183 11.21 22.83 28.98
N LEU F 184 12.20 22.96 28.11
CA LEU F 184 13.08 21.83 27.78
C LEU F 184 14.44 22.33 27.28
N SER F 185 15.37 21.40 27.18
CA SER F 185 16.68 21.68 26.63
C SER F 185 17.02 20.70 25.54
N SER F 186 17.77 21.17 24.55
CA SER F 186 18.31 20.32 23.52
C SER F 186 19.83 20.45 23.59
N VAL F 187 20.53 19.32 23.63
CA VAL F 187 21.98 19.35 23.75
C VAL F 187 22.63 18.49 22.68
N VAL F 188 23.85 18.86 22.31
CA VAL F 188 24.60 18.10 21.33
C VAL F 188 26.08 18.07 21.73
N THR F 189 26.73 16.94 21.48
CA THR F 189 28.16 16.80 21.73
C THR F 189 28.92 16.94 20.41
N VAL F 190 29.99 17.72 20.43
CA VAL F 190 30.77 18.01 19.23
C VAL F 190 32.26 17.92 19.53
N PRO F 191 33.10 17.85 18.49
CA PRO F 191 34.55 17.92 18.76
C PRO F 191 34.97 19.30 19.29
N SER F 192 35.78 19.31 20.35
CA SER F 192 36.29 20.55 20.93
C SER F 192 37.02 21.41 19.91
N SER F 193 37.67 20.75 18.96
CA SER F 193 38.48 21.43 17.95
C SER F 193 37.62 22.14 16.90
N SER F 194 36.32 21.86 16.90
CA SER F 194 35.41 22.46 15.93
C SER F 194 34.77 23.73 16.48
N LEU F 195 34.94 23.97 17.77
CA LEU F 195 34.29 25.09 18.43
C LEU F 195 34.75 26.45 17.91
N GLY F 196 35.91 26.47 17.24
CA GLY F 196 36.46 27.71 16.73
C GLY F 196 36.20 27.90 15.25
N THR F 197 35.85 26.80 14.57
CA THR F 197 35.65 26.85 13.13
C THR F 197 34.18 26.73 12.75
N GLN F 198 33.49 25.79 13.38
CA GLN F 198 32.10 25.48 13.04
C GLN F 198 31.11 26.22 13.93
N THR F 199 30.15 26.90 13.30
CA THR F 199 29.10 27.57 14.08
C THR F 199 27.95 26.61 14.33
N TYR F 200 27.32 26.74 15.50
CA TYR F 200 26.19 25.90 15.85
C TYR F 200 24.99 26.76 16.17
N ILE F 201 23.88 26.48 15.53
CA ILE F 201 22.66 27.27 15.68
C ILE F 201 21.51 26.33 15.97
N CYS F 202 20.81 26.53 17.08
CA CYS F 202 19.63 25.71 17.34
C CYS F 202 18.42 26.39 16.70
N ASN F 203 17.60 25.60 16.02
CA ASN F 203 16.41 26.11 15.37
C ASN F 203 15.17 25.66 16.11
N VAL F 204 14.42 26.63 16.64
CA VAL F 204 13.27 26.34 17.48
C VAL F 204 11.97 26.80 16.83
N ASN F 205 11.05 25.86 16.66
CA ASN F 205 9.75 26.15 16.06
C ASN F 205 8.62 25.85 17.04
N HIS F 206 7.86 26.88 17.38
CA HIS F 206 6.67 26.69 18.20
C HIS F 206 5.48 27.16 17.39
N LYS F 207 4.86 26.22 16.69
CA LYS F 207 3.78 26.55 15.76
C LYS F 207 2.55 27.23 16.38
N PRO F 208 2.10 26.79 17.58
CA PRO F 208 0.94 27.47 18.20
C PRO F 208 1.07 29.00 18.30
N SER F 209 2.27 29.48 18.59
CA SER F 209 2.48 30.91 18.72
C SER F 209 3.17 31.50 17.49
N ASN F 210 3.39 30.68 16.48
CA ASN F 210 4.14 31.06 15.28
C ASN F 210 5.52 31.63 15.60
N THR F 211 6.20 30.97 16.52
CA THR F 211 7.54 31.40 16.92
C THR F 211 8.61 30.60 16.21
N LYS F 212 9.42 31.29 15.40
CA LYS F 212 10.55 30.67 14.74
C LYS F 212 11.84 31.39 15.12
N VAL F 213 12.64 30.75 15.97
CA VAL F 213 13.83 31.38 16.51
C VAL F 213 15.09 30.58 16.17
N ASP F 214 16.11 31.28 15.68
CA ASP F 214 17.42 30.68 15.49
C ASP F 214 18.39 31.28 16.50
N LYS F 215 19.12 30.43 17.21
CA LYS F 215 20.01 30.91 18.26
C LYS F 215 21.42 30.38 18.10
N LYS F 216 22.37 31.29 17.87
CA LYS F 216 23.78 30.92 17.76
C LYS F 216 24.33 30.59 19.14
N VAL F 217 25.02 29.46 19.25
CA VAL F 217 25.61 29.07 20.52
C VAL F 217 27.14 29.15 20.45
N GLU F 218 27.70 30.16 21.07
CA GLU F 218 29.14 30.40 21.02
C GLU F 218 29.82 30.07 22.34
N PRO F 219 31.10 29.68 22.29
CA PRO F 219 31.86 29.48 23.53
C PRO F 219 32.02 30.80 24.28
N LYS F 220 31.62 30.82 25.54
CA LYS F 220 31.69 32.03 26.35
C LYS F 220 31.99 31.68 27.81
N ASP G 1 29.34 -3.82 -17.76
CA ASP G 1 28.15 -3.95 -16.94
C ASP G 1 28.50 -4.37 -15.52
N ILE G 2 27.84 -3.76 -14.54
CA ILE G 2 28.09 -4.03 -13.13
C ILE G 2 27.66 -5.44 -12.76
N GLN G 3 28.48 -6.12 -11.99
CA GLN G 3 28.24 -7.50 -11.61
C GLN G 3 28.23 -7.63 -10.09
N MET G 4 27.23 -8.33 -9.56
CA MET G 4 27.13 -8.55 -8.12
C MET G 4 27.64 -9.94 -7.73
N THR G 5 28.51 -9.98 -6.74
CA THR G 5 28.99 -11.26 -6.22
C THR G 5 28.81 -11.32 -4.71
N GLN G 6 28.18 -12.38 -4.23
CA GLN G 6 27.94 -12.52 -2.79
C GLN G 6 28.93 -13.49 -2.17
N SER G 7 29.20 -13.30 -0.87
CA SER G 7 30.00 -14.25 -0.11
C SER G 7 29.53 -14.31 1.35
N PRO G 8 29.43 -15.53 1.91
CA PRO G 8 29.72 -16.80 1.24
C PRO G 8 28.59 -17.19 0.30
N SER G 9 28.75 -18.31 -0.41
CA SER G 9 27.67 -18.82 -1.24
C SER G 9 26.79 -19.73 -0.40
N PHE G 10 27.40 -20.38 0.59
CA PHE G 10 26.67 -21.25 1.51
C PHE G 10 27.02 -20.92 2.95
N VAL G 11 25.99 -20.87 3.80
CA VAL G 11 26.20 -20.64 5.23
C VAL G 11 25.39 -21.61 6.06
N SER G 12 26.04 -22.22 7.04
CA SER G 12 25.36 -23.08 8.00
C SER G 12 25.61 -22.54 9.40
N ALA G 13 24.56 -22.15 10.10
CA ALA G 13 24.69 -21.57 11.43
C ALA G 13 23.54 -22.00 12.35
N SER G 14 23.76 -21.85 13.65
CA SER G 14 22.80 -22.29 14.65
C SER G 14 21.85 -21.17 15.08
N VAL G 15 20.69 -21.54 15.60
CA VAL G 15 19.74 -20.56 16.12
C VAL G 15 20.39 -19.71 17.20
N GLY G 16 20.36 -18.40 17.01
CA GLY G 16 20.95 -17.48 17.96
C GLY G 16 22.30 -16.92 17.52
N ASP G 17 22.89 -17.53 16.50
CA ASP G 17 24.14 -17.05 15.95
C ASP G 17 23.95 -15.75 15.19
N ARG G 18 25.02 -14.95 15.13
CA ARG G 18 25.00 -13.74 14.32
C ARG G 18 25.55 -14.08 12.94
N VAL G 19 24.72 -13.89 11.91
CA VAL G 19 25.12 -14.22 10.56
C VAL G 19 25.25 -12.96 9.71
N THR G 20 26.33 -12.87 8.94
CA THR G 20 26.51 -11.76 8.02
C THR G 20 26.77 -12.27 6.60
N ILE G 21 26.10 -11.64 5.65
CA ILE G 21 26.24 -11.95 4.24
C ILE G 21 26.71 -10.70 3.52
N THR G 22 27.72 -10.84 2.66
CA THR G 22 28.26 -9.66 1.98
C THR G 22 28.01 -9.69 0.47
N CYS G 23 27.85 -8.49 -0.08
CA CYS G 23 27.64 -8.32 -1.51
C CYS G 23 28.69 -7.35 -2.04
N ARG G 24 29.39 -7.74 -3.11
CA ARG G 24 30.35 -6.84 -3.73
C ARG G 24 29.98 -6.50 -5.16
N ALA G 25 30.06 -5.21 -5.49
CA ALA G 25 29.76 -4.74 -6.84
C ALA G 25 31.05 -4.43 -7.59
N SER G 26 31.14 -4.91 -8.83
CA SER G 26 32.32 -4.70 -9.65
C SER G 26 32.65 -3.21 -9.82
N GLN G 27 31.64 -2.35 -9.71
CA GLN G 27 31.83 -0.90 -9.71
C GLN G 27 30.90 -0.24 -8.70
N GLY G 28 31.19 1.00 -8.33
CA GLY G 28 30.38 1.73 -7.37
C GLY G 28 28.93 1.86 -7.80
N ILE G 29 28.01 1.63 -6.86
CA ILE G 29 26.58 1.78 -7.15
C ILE G 29 25.87 2.55 -6.05
N SER G 30 26.64 3.29 -5.26
CA SER G 30 26.11 4.13 -4.19
C SER G 30 25.25 3.34 -3.20
N SER G 31 23.95 3.65 -3.14
CA SER G 31 23.03 2.97 -2.25
C SER G 31 21.90 2.29 -3.02
N TYR G 32 22.05 2.23 -4.34
CA TYR G 32 21.06 1.59 -5.18
C TYR G 32 21.12 0.08 -5.04
N LEU G 33 20.72 -0.43 -3.88
CA LEU G 33 20.80 -1.86 -3.61
C LEU G 33 19.71 -2.32 -2.67
N ALA G 34 19.17 -3.50 -2.93
CA ALA G 34 18.22 -4.12 -2.03
C ALA G 34 18.61 -5.57 -1.75
N TRP G 35 18.03 -6.12 -0.69
CA TRP G 35 18.23 -7.52 -0.34
C TRP G 35 16.88 -8.25 -0.38
N TYR G 36 16.88 -9.47 -0.90
CA TYR G 36 15.66 -10.27 -0.95
C TYR G 36 15.86 -11.62 -0.31
N GLN G 37 14.79 -12.14 0.27
CA GLN G 37 14.78 -13.49 0.83
C GLN G 37 13.88 -14.37 -0.01
N GLN G 38 14.39 -15.50 -0.47
CA GLN G 38 13.57 -16.40 -1.27
C GLN G 38 13.52 -17.81 -0.70
N LYS G 39 12.33 -18.23 -0.31
CA LYS G 39 12.07 -19.61 0.10
C LYS G 39 11.94 -20.49 -1.14
N PRO G 40 12.34 -21.77 -1.04
CA PRO G 40 12.22 -22.70 -2.17
C PRO G 40 10.80 -22.72 -2.74
N GLY G 41 10.69 -22.60 -4.06
CA GLY G 41 9.41 -22.63 -4.74
C GLY G 41 8.56 -21.38 -4.54
N LYS G 42 9.13 -20.34 -3.94
CA LYS G 42 8.39 -19.11 -3.68
C LYS G 42 9.02 -17.90 -4.36
N ALA G 43 8.27 -16.81 -4.42
CA ALA G 43 8.79 -15.55 -4.94
C ALA G 43 9.71 -14.91 -3.91
N PRO G 44 10.70 -14.13 -4.38
CA PRO G 44 11.55 -13.39 -3.46
C PRO G 44 10.73 -12.44 -2.62
N LYS G 45 11.17 -12.15 -1.40
CA LYS G 45 10.50 -11.14 -0.60
C LYS G 45 11.52 -10.10 -0.17
N LEU G 46 11.17 -8.83 -0.37
CA LEU G 46 12.04 -7.74 0.03
C LEU G 46 12.35 -7.80 1.51
N VAL G 47 13.64 -7.73 1.84
CA VAL G 47 14.07 -7.68 3.23
C VAL G 47 14.50 -6.27 3.57
N ILE G 48 15.48 -5.79 2.82
CA ILE G 48 16.11 -4.50 3.07
C ILE G 48 16.37 -3.77 1.76
N TYR G 49 16.09 -2.46 1.75
CA TYR G 49 16.41 -1.61 0.60
C TYR G 49 17.24 -0.42 1.06
N ALA G 50 17.68 0.39 0.11
CA ALA G 50 18.58 1.51 0.39
C ALA G 50 19.79 1.03 1.20
N ALA G 51 20.16 -0.23 0.98
CA ALA G 51 21.28 -0.90 1.62
C ALA G 51 21.12 -1.15 3.13
N SER G 52 20.27 -0.40 3.82
CA SER G 52 20.22 -0.45 5.28
C SER G 52 18.84 -0.50 5.94
N THR G 53 17.82 0.05 5.30
CA THR G 53 16.49 0.13 5.92
C THR G 53 15.61 -1.08 5.61
N LEU G 54 14.89 -1.55 6.62
CA LEU G 54 14.04 -2.74 6.51
C LEU G 54 12.80 -2.48 5.65
N ARG G 61 16.22 -7.25 13.95
CA ARG G 61 17.22 -8.32 13.89
C ARG G 61 18.00 -8.29 12.59
N PHE G 62 17.28 -8.30 11.48
CA PHE G 62 17.90 -8.10 10.17
C PHE G 62 18.42 -6.67 10.09
N SER G 63 19.57 -6.47 9.46
CA SER G 63 20.13 -5.14 9.29
C SER G 63 21.05 -5.08 8.07
N GLY G 64 21.16 -3.90 7.49
CA GLY G 64 22.01 -3.71 6.32
C GLY G 64 22.94 -2.53 6.49
N SER G 65 24.06 -2.57 5.77
CA SER G 65 25.05 -1.50 5.86
C SER G 65 26.04 -1.52 4.70
N GLY G 66 26.76 -0.42 4.54
CA GLY G 66 27.75 -0.32 3.50
C GLY G 66 27.29 0.55 2.35
N SER G 67 28.24 0.95 1.51
CA SER G 67 27.94 1.79 0.37
C SER G 67 28.99 1.58 -0.73
N GLY G 68 28.71 2.09 -1.92
CA GLY G 68 29.66 1.98 -3.01
C GLY G 68 29.74 0.59 -3.61
N THR G 69 30.75 -0.18 -3.21
CA THR G 69 30.96 -1.50 -3.79
C THR G 69 30.85 -2.64 -2.79
N GLU G 70 30.69 -2.32 -1.50
CA GLU G 70 30.61 -3.36 -0.47
C GLU G 70 29.37 -3.18 0.41
N PHE G 71 28.54 -4.22 0.46
CA PHE G 71 27.31 -4.16 1.25
C PHE G 71 27.17 -5.39 2.11
N THR G 72 26.52 -5.21 3.27
CA THR G 72 26.41 -6.28 4.24
C THR G 72 24.99 -6.47 4.72
N LEU G 73 24.51 -7.70 4.66
CA LEU G 73 23.24 -8.08 5.29
C LEU G 73 23.56 -8.83 6.58
N THR G 74 22.99 -8.39 7.69
CA THR G 74 23.27 -9.00 8.97
C THR G 74 22.03 -9.50 9.68
N ILE G 75 22.06 -10.77 10.11
CA ILE G 75 21.03 -11.31 10.99
C ILE G 75 21.61 -11.45 12.39
N SER G 76 21.09 -10.66 13.33
CA SER G 76 21.68 -10.57 14.67
C SER G 76 21.55 -11.88 15.46
N SER G 77 20.39 -12.52 15.38
CA SER G 77 20.15 -13.75 16.12
C SER G 77 19.32 -14.74 15.30
N LEU G 78 20.00 -15.60 14.55
CA LEU G 78 19.35 -16.53 13.63
C LEU G 78 18.15 -17.27 14.24
N GLN G 79 17.09 -17.42 13.45
CA GLN G 79 15.89 -18.15 13.87
C GLN G 79 15.60 -19.25 12.84
N PRO G 80 14.83 -20.28 13.25
CA PRO G 80 14.50 -21.38 12.32
C PRO G 80 13.85 -20.91 11.02
N GLU G 81 13.02 -19.88 11.11
CA GLU G 81 12.26 -19.41 9.96
C GLU G 81 13.13 -18.68 8.93
N ASP G 82 14.41 -18.48 9.26
CA ASP G 82 15.27 -17.62 8.45
C ASP G 82 15.97 -18.35 7.30
N PHE G 83 15.88 -19.67 7.26
CA PHE G 83 16.51 -20.41 6.18
C PHE G 83 15.91 -20.01 4.85
N ALA G 84 16.78 -19.77 3.87
CA ALA G 84 16.38 -19.39 2.51
C ALA G 84 17.62 -19.16 1.66
N THR G 85 17.40 -18.66 0.46
CA THR G 85 18.48 -18.13 -0.36
C THR G 85 18.31 -16.61 -0.43
N TYR G 86 19.37 -15.89 -0.08
CA TYR G 86 19.32 -14.43 -0.08
C TYR G 86 20.03 -13.86 -1.31
N TYR G 87 19.36 -12.91 -1.95
CA TYR G 87 19.90 -12.22 -3.14
C TYR G 87 20.05 -10.74 -2.87
N CYS G 88 21.18 -10.16 -3.28
CA CYS G 88 21.28 -8.72 -3.35
C CYS G 88 20.94 -8.29 -4.78
N GLN G 89 20.51 -7.05 -4.95
CA GLN G 89 20.12 -6.56 -6.27
C GLN G 89 20.50 -5.10 -6.50
N HIS G 90 21.06 -4.84 -7.68
CA HIS G 90 21.27 -3.48 -8.14
C HIS G 90 19.93 -2.88 -8.50
N LEU G 91 19.65 -1.66 -8.06
CA LEU G 91 18.31 -1.11 -8.22
C LEU G 91 18.19 -0.20 -9.44
N ILE G 92 19.31 0.10 -10.09
CA ILE G 92 19.27 0.73 -11.41
C ILE G 92 20.17 -0.01 -12.39
N GLY G 93 20.49 0.62 -13.51
CA GLY G 93 21.29 -0.02 -14.53
C GLY G 93 20.54 -1.19 -15.14
N LEU G 94 21.17 -2.36 -15.15
CA LEU G 94 20.51 -3.56 -15.66
C LEU G 94 19.76 -4.27 -14.55
N ARG G 95 19.77 -3.68 -13.36
CA ARG G 95 19.02 -4.22 -12.23
C ARG G 95 19.39 -5.65 -11.93
N SER G 96 20.68 -5.98 -12.05
CA SER G 96 21.12 -7.37 -11.94
C SER G 96 21.17 -7.84 -10.49
N PHE G 97 21.18 -9.15 -10.32
CA PHE G 97 21.21 -9.78 -9.00
C PHE G 97 22.55 -10.45 -8.72
N GLY G 98 22.86 -10.65 -7.44
CA GLY G 98 23.96 -11.52 -7.06
C GLY G 98 23.60 -12.96 -7.31
N GLN G 99 24.56 -13.88 -7.11
CA GLN G 99 24.31 -15.30 -7.40
C GLN G 99 23.50 -15.97 -6.31
N GLY G 100 23.36 -15.30 -5.18
CA GLY G 100 22.54 -15.83 -4.10
C GLY G 100 23.35 -16.51 -3.02
N THR G 101 22.89 -16.39 -1.78
CA THR G 101 23.54 -17.05 -0.65
C THR G 101 22.56 -17.95 0.07
N LYS G 102 22.81 -19.25 0.03
CA LYS G 102 21.94 -20.20 0.72
C LYS G 102 22.29 -20.28 2.20
N LEU G 103 21.31 -19.99 3.04
CA LEU G 103 21.51 -20.07 4.48
C LEU G 103 20.82 -21.31 5.03
N GLU G 104 21.56 -22.11 5.79
CA GLU G 104 21.02 -23.32 6.39
C GLU G 104 21.10 -23.25 7.91
N ILE G 105 20.07 -23.79 8.58
CA ILE G 105 20.07 -23.81 10.03
C ILE G 105 20.79 -25.04 10.57
N LYS G 106 21.70 -24.83 11.51
CA LYS G 106 22.41 -25.94 12.15
C LYS G 106 21.70 -26.30 13.46
N ARG G 107 21.55 -27.60 13.71
CA ARG G 107 20.89 -28.08 14.93
C ARG G 107 21.46 -29.41 15.39
N THR G 108 20.95 -29.90 16.52
CA THR G 108 21.42 -31.17 17.06
C THR G 108 20.99 -32.33 16.17
N VAL G 109 21.84 -33.35 16.09
CA VAL G 109 21.60 -34.52 15.27
C VAL G 109 20.28 -35.22 15.61
N ALA G 110 19.42 -35.38 14.61
CA ALA G 110 18.15 -36.07 14.78
C ALA G 110 18.10 -37.31 13.88
N ALA G 111 17.64 -38.42 14.44
CA ALA G 111 17.62 -39.70 13.73
C ALA G 111 16.40 -39.84 12.84
N PRO G 112 16.55 -40.54 11.70
CA PRO G 112 15.46 -40.72 10.73
C PRO G 112 14.46 -41.80 11.14
N SER G 113 13.17 -41.50 10.99
CA SER G 113 12.14 -42.53 11.12
C SER G 113 11.95 -43.20 9.76
N VAL G 114 12.43 -44.44 9.65
CA VAL G 114 12.47 -45.13 8.37
C VAL G 114 11.21 -45.96 8.09
N PHE G 115 10.55 -45.63 6.98
CA PHE G 115 9.37 -46.38 6.53
C PHE G 115 9.62 -47.02 5.17
N ILE G 116 8.78 -47.98 4.81
CA ILE G 116 8.87 -48.61 3.50
C ILE G 116 7.48 -48.90 2.95
N PHE G 117 7.31 -48.70 1.64
CA PHE G 117 6.02 -48.92 0.99
C PHE G 117 6.16 -49.84 -0.20
N PRO G 118 5.34 -50.90 -0.24
CA PRO G 118 5.26 -51.79 -1.41
C PRO G 118 4.49 -51.13 -2.54
N PRO G 119 4.69 -51.60 -3.78
CA PRO G 119 3.90 -51.09 -4.91
C PRO G 119 2.42 -51.46 -4.74
N SER G 120 1.54 -50.55 -5.15
CA SER G 120 0.11 -50.81 -5.12
C SER G 120 -0.27 -51.87 -6.14
N ASP G 121 -1.33 -52.61 -5.87
CA ASP G 121 -1.78 -53.64 -6.79
C ASP G 121 -2.33 -53.03 -8.08
N GLU G 122 -2.75 -51.77 -8.01
CA GLU G 122 -3.29 -51.11 -9.18
C GLU G 122 -2.17 -50.59 -10.09
N GLN G 123 -1.01 -50.30 -9.52
CA GLN G 123 0.13 -49.92 -10.35
C GLN G 123 0.73 -51.15 -11.01
N LEU G 124 0.72 -52.27 -10.29
CA LEU G 124 1.33 -53.51 -10.76
C LEU G 124 0.78 -53.95 -12.12
N LYS G 125 -0.51 -53.74 -12.34
CA LYS G 125 -1.14 -54.17 -13.59
C LYS G 125 -0.82 -53.23 -14.76
N SER G 126 0.14 -52.33 -14.57
CA SER G 126 0.58 -51.44 -15.65
C SER G 126 1.95 -51.84 -16.18
N GLY G 127 2.55 -52.84 -15.54
CA GLY G 127 3.84 -53.36 -15.99
C GLY G 127 5.02 -52.65 -15.36
N THR G 128 4.80 -52.02 -14.22
CA THR G 128 5.87 -51.33 -13.50
C THR G 128 5.61 -51.36 -12.00
N ALA G 129 6.67 -51.52 -11.21
CA ALA G 129 6.55 -51.59 -9.77
C ALA G 129 7.48 -50.60 -9.06
N SER G 130 6.89 -49.70 -8.28
CA SER G 130 7.68 -48.72 -7.54
C SER G 130 7.69 -49.03 -6.04
N VAL G 131 8.89 -49.10 -5.47
CA VAL G 131 9.05 -49.33 -4.04
C VAL G 131 9.61 -48.06 -3.41
N VAL G 132 9.01 -47.62 -2.32
CA VAL G 132 9.40 -46.35 -1.72
C VAL G 132 9.90 -46.50 -0.29
N CYS G 133 11.05 -45.91 -0.01
CA CYS G 133 11.56 -45.82 1.35
C CYS G 133 11.48 -44.36 1.81
N LEU G 134 10.98 -44.14 3.02
CA LEU G 134 10.83 -42.79 3.53
C LEU G 134 11.67 -42.55 4.78
N LEU G 135 12.43 -41.46 4.75
CA LEU G 135 13.21 -41.03 5.90
C LEU G 135 12.61 -39.75 6.46
N ASN G 136 12.10 -39.81 7.68
CA ASN G 136 11.31 -38.70 8.21
C ASN G 136 11.98 -37.93 9.35
N ASN G 137 12.08 -36.62 9.19
CA ASN G 137 12.59 -35.71 10.23
C ASN G 137 13.98 -36.07 10.76
N PHE G 138 15.01 -35.63 10.06
CA PHE G 138 16.37 -35.92 10.51
C PHE G 138 17.35 -34.78 10.19
N TYR G 139 18.42 -34.71 10.98
CA TYR G 139 19.52 -33.79 10.74
C TYR G 139 20.83 -34.50 11.07
N PRO G 140 21.85 -34.32 10.23
CA PRO G 140 21.88 -33.49 9.02
C PRO G 140 21.33 -34.19 7.78
N ARG G 141 21.37 -33.48 6.66
CA ARG G 141 20.80 -33.93 5.39
C ARG G 141 21.51 -35.17 4.84
N GLU G 142 22.81 -35.27 5.06
CA GLU G 142 23.62 -36.36 4.51
C GLU G 142 23.13 -37.72 4.99
N ALA G 143 22.76 -38.58 4.05
CA ALA G 143 22.26 -39.91 4.36
C ALA G 143 22.51 -40.88 3.21
N LYS G 144 22.60 -42.17 3.54
CA LYS G 144 22.92 -43.19 2.56
C LYS G 144 21.83 -44.26 2.52
N VAL G 145 21.24 -44.47 1.36
CA VAL G 145 20.20 -45.49 1.21
C VAL G 145 20.65 -46.59 0.27
N GLN G 146 20.52 -47.83 0.72
CA GLN G 146 20.85 -49.00 -0.10
C GLN G 146 19.58 -49.83 -0.31
N TRP G 147 19.39 -50.31 -1.53
CA TRP G 147 18.26 -51.19 -1.81
C TRP G 147 18.72 -52.64 -1.96
N LYS G 148 18.14 -53.51 -1.15
CA LYS G 148 18.48 -54.93 -1.20
C LYS G 148 17.26 -55.79 -1.54
N VAL G 149 17.39 -56.60 -2.59
CA VAL G 149 16.33 -57.49 -3.02
C VAL G 149 16.80 -58.93 -2.99
N ASP G 150 16.15 -59.75 -2.15
CA ASP G 150 16.64 -61.09 -1.82
C ASP G 150 18.09 -61.00 -1.35
N ASN G 151 18.36 -59.98 -0.54
CA ASN G 151 19.70 -59.67 -0.03
C ASN G 151 20.71 -59.44 -1.16
N ALA G 152 20.33 -58.64 -2.14
CA ALA G 152 21.23 -58.29 -3.25
C ALA G 152 21.21 -56.78 -3.49
N LEU G 153 22.39 -56.17 -3.50
CA LEU G 153 22.51 -54.73 -3.64
C LEU G 153 22.09 -54.24 -5.03
N GLN G 154 21.10 -53.35 -5.07
CA GLN G 154 20.62 -52.78 -6.33
C GLN G 154 21.51 -51.63 -6.77
N SER G 155 21.42 -51.24 -8.04
CA SER G 155 22.20 -50.13 -8.57
C SER G 155 21.65 -49.59 -9.87
N GLY G 156 21.53 -48.26 -9.95
CA GLY G 156 21.10 -47.59 -11.16
C GLY G 156 19.63 -47.74 -11.47
N ASN G 157 18.83 -47.99 -10.44
CA ASN G 157 17.39 -48.16 -10.62
C ASN G 157 16.58 -47.50 -9.52
N SER G 158 17.21 -46.57 -8.80
CA SER G 158 16.54 -45.81 -7.76
C SER G 158 16.83 -44.31 -7.89
N GLN G 159 15.93 -43.49 -7.38
CA GLN G 159 16.10 -42.03 -7.38
C GLN G 159 15.73 -41.43 -6.03
N GLU G 160 16.44 -40.37 -5.65
CA GLU G 160 16.20 -39.74 -4.35
C GLU G 160 15.67 -38.32 -4.50
N SER G 161 14.85 -37.92 -3.54
CA SER G 161 14.34 -36.56 -3.47
C SER G 161 14.36 -36.11 -2.02
N VAL G 162 14.69 -34.84 -1.80
CA VAL G 162 14.84 -34.30 -0.45
C VAL G 162 14.01 -33.04 -0.27
N THR G 163 13.28 -32.97 0.84
CA THR G 163 12.51 -31.76 1.15
C THR G 163 13.44 -30.63 1.59
N GLU G 164 12.87 -29.43 1.70
CA GLU G 164 13.56 -28.31 2.32
C GLU G 164 13.61 -28.51 3.82
N GLN G 165 14.41 -27.71 4.51
CA GLN G 165 14.43 -27.73 5.95
C GLN G 165 13.07 -27.34 6.51
N ASP G 166 12.64 -28.01 7.58
CA ASP G 166 11.40 -27.65 8.23
C ASP G 166 11.57 -26.29 8.89
N SER G 167 10.57 -25.43 8.75
CA SER G 167 10.70 -24.06 9.21
C SER G 167 10.54 -23.93 10.73
N LYS G 168 10.37 -25.05 11.41
CA LYS G 168 10.18 -25.02 12.85
C LYS G 168 11.28 -25.76 13.62
N ASP G 169 11.66 -26.94 13.14
CA ASP G 169 12.67 -27.72 13.86
C ASP G 169 13.89 -28.05 12.98
N SER G 170 13.90 -27.51 11.77
CA SER G 170 15.08 -27.52 10.90
C SER G 170 15.55 -28.92 10.49
N THR G 171 14.62 -29.86 10.39
CA THR G 171 14.96 -31.20 9.95
C THR G 171 14.64 -31.42 8.48
N TYR G 172 15.12 -32.54 7.95
CA TYR G 172 14.88 -32.91 6.55
C TYR G 172 14.08 -34.20 6.46
N SER G 173 13.40 -34.37 5.33
CA SER G 173 12.82 -35.67 4.97
C SER G 173 13.33 -36.05 3.59
N LEU G 174 13.47 -37.35 3.35
CA LEU G 174 13.99 -37.85 2.08
C LEU G 174 13.16 -39.04 1.61
N SER G 175 12.99 -39.17 0.30
CA SER G 175 12.36 -40.35 -0.28
C SER G 175 13.33 -41.05 -1.22
N SER G 176 13.24 -42.37 -1.29
CA SER G 176 14.00 -43.14 -2.27
C SER G 176 13.04 -44.07 -2.99
N THR G 177 12.98 -43.94 -4.31
CA THR G 177 12.06 -44.74 -5.09
C THR G 177 12.80 -45.75 -5.96
N LEU G 178 12.64 -47.03 -5.63
CA LEU G 178 13.21 -48.10 -6.42
C LEU G 178 12.23 -48.51 -7.52
N THR G 179 12.64 -48.39 -8.77
CA THR G 179 11.76 -48.73 -9.88
C THR G 179 12.19 -50.03 -10.59
N LEU G 180 11.27 -50.98 -10.67
CA LEU G 180 11.51 -52.22 -11.39
C LEU G 180 10.40 -52.44 -12.42
N SER G 181 10.48 -53.55 -13.15
CA SER G 181 9.37 -53.98 -13.98
C SER G 181 8.53 -54.92 -13.14
N LYS G 182 7.28 -55.16 -13.55
CA LYS G 182 6.42 -56.07 -12.81
C LYS G 182 7.04 -57.46 -12.75
N ALA G 183 7.60 -57.89 -13.88
CA ALA G 183 8.24 -59.19 -13.98
C ALA G 183 9.32 -59.37 -12.93
N ASP G 184 10.25 -58.41 -12.86
CA ASP G 184 11.34 -58.45 -11.89
C ASP G 184 10.82 -58.45 -10.45
N TYR G 185 9.69 -57.78 -10.23
CA TYR G 185 9.12 -57.67 -8.90
C TYR G 185 8.50 -58.97 -8.41
N GLU G 186 7.92 -59.73 -9.32
CA GLU G 186 7.29 -61.00 -8.96
C GLU G 186 8.33 -62.08 -8.71
N LYS G 187 9.45 -62.00 -9.43
CA LYS G 187 10.48 -63.03 -9.37
C LYS G 187 11.17 -63.09 -8.02
N HIS G 188 11.15 -61.99 -7.27
CA HIS G 188 11.85 -61.93 -6.00
C HIS G 188 10.87 -61.79 -4.83
N LYS G 189 11.40 -61.90 -3.61
CA LYS G 189 10.54 -61.95 -2.43
C LYS G 189 10.83 -60.82 -1.44
N VAL G 190 12.04 -60.78 -0.92
CA VAL G 190 12.41 -59.84 0.14
C VAL G 190 12.86 -58.49 -0.41
N TYR G 191 12.31 -57.41 0.14
CA TYR G 191 12.66 -56.06 -0.28
C TYR G 191 13.02 -55.20 0.93
N ALA G 192 14.28 -54.79 1.01
CA ALA G 192 14.78 -54.10 2.19
C ALA G 192 15.35 -52.72 1.86
N CYS G 193 15.34 -51.85 2.86
CA CYS G 193 15.85 -50.49 2.73
C CYS G 193 16.83 -50.20 3.87
N GLU G 194 18.12 -50.19 3.56
CA GLU G 194 19.14 -49.96 4.58
C GLU G 194 19.53 -48.49 4.63
N VAL G 195 19.53 -47.92 5.84
CA VAL G 195 19.75 -46.49 6.01
C VAL G 195 20.91 -46.19 6.95
N THR G 196 21.93 -45.51 6.42
CA THR G 196 23.07 -45.10 7.23
C THR G 196 23.06 -43.58 7.43
N HIS G 197 23.21 -43.16 8.67
CA HIS G 197 23.13 -41.75 9.03
C HIS G 197 23.86 -41.52 10.35
N GLN G 198 24.40 -40.31 10.53
CA GLN G 198 25.21 -39.97 11.70
C GLN G 198 24.45 -40.21 13.02
N GLY G 199 23.13 -40.11 12.97
CA GLY G 199 22.32 -40.25 14.16
C GLY G 199 21.96 -41.68 14.50
N LEU G 200 22.49 -42.62 13.72
CA LEU G 200 22.22 -44.03 13.96
C LEU G 200 23.45 -44.76 14.47
N SER G 201 23.25 -45.63 15.46
CA SER G 201 24.32 -46.44 16.02
C SER G 201 24.95 -47.33 14.96
N SER G 202 24.10 -47.88 14.10
CA SER G 202 24.54 -48.75 13.01
C SER G 202 23.38 -48.89 12.02
N PRO G 203 23.69 -49.12 10.72
CA PRO G 203 22.71 -49.19 9.63
C PRO G 203 21.37 -49.83 9.98
N VAL G 204 20.29 -49.08 9.75
CA VAL G 204 18.95 -49.52 10.09
C VAL G 204 18.17 -49.93 8.84
N THR G 205 17.59 -51.12 8.86
CA THR G 205 16.90 -51.65 7.70
C THR G 205 15.42 -51.92 7.96
N LYS G 206 14.58 -51.53 7.01
CA LYS G 206 13.16 -51.88 7.02
C LYS G 206 12.87 -52.73 5.78
N SER G 207 12.06 -53.77 5.94
CA SER G 207 11.84 -54.71 4.84
C SER G 207 10.43 -55.27 4.79
N PHE G 208 10.11 -55.93 3.68
CA PHE G 208 8.84 -56.62 3.54
C PHE G 208 8.93 -57.78 2.57
N ASN G 209 8.09 -58.78 2.78
CA ASN G 209 7.95 -59.89 1.86
C ASN G 209 6.75 -59.66 0.95
N ARG G 210 6.94 -59.90 -0.35
CA ARG G 210 5.87 -59.69 -1.33
C ARG G 210 4.64 -60.58 -1.04
N GLN H 1 -1.50 -4.89 1.62
CA GLN H 1 -2.67 -4.52 0.83
C GLN H 1 -2.58 -5.01 -0.59
N VAL H 2 -1.76 -4.34 -1.37
CA VAL H 2 -1.55 -4.71 -2.76
C VAL H 2 -1.07 -6.14 -2.88
N GLN H 3 -1.73 -6.90 -3.76
CA GLN H 3 -1.28 -8.24 -4.11
C GLN H 3 -1.18 -8.35 -5.62
N LEU H 4 -0.22 -9.14 -6.09
CA LEU H 4 -0.12 -9.45 -7.51
C LEU H 4 -0.39 -10.92 -7.73
N GLN H 5 -1.00 -11.25 -8.86
CA GLN H 5 -1.24 -12.63 -9.22
C GLN H 5 -1.17 -12.75 -10.73
N GLN H 6 -0.49 -13.78 -11.22
CA GLN H 6 -0.24 -13.90 -12.65
C GLN H 6 -0.75 -15.21 -13.22
N TRP H 7 -1.00 -15.21 -14.53
CA TRP H 7 -1.47 -16.41 -15.22
C TRP H 7 -1.00 -16.39 -16.67
N GLY H 8 -1.12 -17.55 -17.34
CA GLY H 8 -0.67 -17.71 -18.70
C GLY H 8 -0.15 -19.12 -18.96
N ALA H 9 0.02 -19.48 -20.23
CA ALA H 9 0.41 -20.83 -20.61
C ALA H 9 1.79 -21.20 -20.08
N GLY H 10 1.88 -22.36 -19.44
CA GLY H 10 3.13 -22.82 -18.86
C GLY H 10 3.97 -23.70 -19.76
N LEU H 11 3.40 -24.12 -20.89
CA LEU H 11 4.11 -24.98 -21.83
C LEU H 11 4.13 -24.41 -23.24
N LEU H 12 5.33 -24.21 -23.77
CA LEU H 12 5.50 -23.68 -25.11
C LEU H 12 6.45 -24.54 -25.93
N LYS H 13 6.14 -24.70 -27.21
CA LYS H 13 7.08 -25.31 -28.13
C LYS H 13 8.05 -24.25 -28.64
N PRO H 14 9.30 -24.65 -28.94
CA PRO H 14 10.27 -23.70 -29.51
C PRO H 14 9.68 -22.93 -30.70
N SER H 15 10.01 -21.64 -30.77
CA SER H 15 9.57 -20.67 -31.79
C SER H 15 8.23 -20.02 -31.46
N GLU H 16 7.50 -20.54 -30.48
CA GLU H 16 6.22 -19.93 -30.12
C GLU H 16 6.41 -18.69 -29.23
N THR H 17 5.30 -18.05 -28.87
CA THR H 17 5.37 -16.79 -28.14
C THR H 17 4.89 -16.94 -26.70
N LEU H 18 5.74 -16.50 -25.77
CA LEU H 18 5.40 -16.47 -24.36
C LEU H 18 4.47 -15.29 -24.08
N SER H 19 3.38 -15.55 -23.35
CA SER H 19 2.43 -14.51 -22.97
C SER H 19 1.97 -14.70 -21.52
N LEU H 20 2.34 -13.77 -20.67
CA LEU H 20 1.89 -13.79 -19.29
C LEU H 20 1.16 -12.50 -18.94
N THR H 21 0.19 -12.61 -18.04
CA THR H 21 -0.55 -11.46 -17.54
C THR H 21 -0.43 -11.37 -16.01
N CYS H 22 -0.17 -10.18 -15.51
CA CYS H 22 -0.12 -9.97 -14.07
C CYS H 22 -1.33 -9.15 -13.63
N GLY H 23 -2.09 -9.69 -12.70
CA GLY H 23 -3.21 -8.96 -12.12
C GLY H 23 -2.77 -8.21 -10.88
N VAL H 24 -3.25 -6.97 -10.73
CA VAL H 24 -2.92 -6.18 -9.55
C VAL H 24 -4.18 -5.88 -8.75
N TYR H 25 -4.15 -6.20 -7.46
CA TYR H 25 -5.33 -6.12 -6.60
C TYR H 25 -5.09 -5.21 -5.40
N GLY H 26 -6.03 -4.32 -5.15
CA GLY H 26 -5.97 -3.48 -3.96
C GLY H 26 -5.59 -2.04 -4.25
N GLU H 27 -4.95 -1.81 -5.39
CA GLU H 27 -4.68 -0.46 -5.85
C GLU H 27 -4.64 -0.42 -7.37
N SER H 28 -4.67 0.79 -7.93
CA SER H 28 -4.54 0.97 -9.37
C SER H 28 -3.06 0.94 -9.78
N LEU H 29 -2.80 0.99 -11.08
CA LEU H 29 -1.43 0.93 -11.58
C LEU H 29 -0.69 2.28 -11.47
N SER H 30 -1.44 3.35 -11.29
CA SER H 30 -0.86 4.71 -11.30
C SER H 30 0.19 4.92 -10.22
N GLY H 31 1.25 5.64 -10.56
CA GLY H 31 2.28 6.01 -9.60
C GLY H 31 3.38 4.99 -9.36
N HIS H 32 3.37 3.88 -10.09
CA HIS H 32 4.40 2.87 -9.92
C HIS H 32 4.96 2.35 -11.24
N TYR H 33 6.23 1.94 -11.20
CA TYR H 33 6.79 1.09 -12.24
C TYR H 33 6.34 -0.35 -12.01
N TRP H 34 6.17 -1.09 -13.10
CA TRP H 34 5.76 -2.48 -13.03
C TRP H 34 6.73 -3.33 -13.84
N SER H 35 7.14 -4.45 -13.27
CA SER H 35 8.30 -5.17 -13.78
C SER H 35 8.09 -6.66 -13.96
N TRP H 36 8.90 -7.25 -14.84
CA TRP H 36 8.98 -8.69 -14.98
C TRP H 36 10.41 -9.16 -14.72
N VAL H 37 10.52 -10.32 -14.09
CA VAL H 37 11.80 -10.89 -13.71
C VAL H 37 11.72 -12.40 -13.95
N ARG H 38 12.81 -13.03 -14.39
CA ARG H 38 12.76 -14.47 -14.52
C ARG H 38 13.89 -15.16 -13.78
N GLN H 39 13.70 -16.45 -13.53
CA GLN H 39 14.67 -17.24 -12.80
C GLN H 39 14.77 -18.62 -13.43
N PRO H 40 15.79 -18.83 -14.27
CA PRO H 40 16.05 -20.16 -14.83
C PRO H 40 16.32 -21.15 -13.71
N PRO H 41 16.05 -22.45 -13.93
CA PRO H 41 16.20 -23.45 -12.88
C PRO H 41 17.60 -23.46 -12.27
N GLY H 42 17.66 -23.27 -10.95
CA GLY H 42 18.91 -23.34 -10.21
C GLY H 42 19.85 -22.17 -10.40
N LYS H 43 19.36 -21.11 -11.04
CA LYS H 43 20.20 -19.95 -11.30
C LYS H 43 19.61 -18.69 -10.67
N ARG H 44 20.30 -17.57 -10.82
CA ARG H 44 19.90 -16.33 -10.18
C ARG H 44 18.75 -15.65 -10.91
N LEU H 45 18.20 -14.63 -10.28
CA LEU H 45 17.14 -13.84 -10.87
C LEU H 45 17.67 -12.91 -11.94
N GLU H 46 16.84 -12.61 -12.94
CA GLU H 46 17.22 -11.71 -14.01
C GLU H 46 16.07 -10.77 -14.36
N TRP H 47 16.34 -9.47 -14.29
CA TRP H 47 15.39 -8.42 -14.65
C TRP H 47 15.13 -8.46 -16.15
N ILE H 48 13.86 -8.47 -16.54
CA ILE H 48 13.49 -8.47 -17.95
C ILE H 48 13.22 -7.06 -18.45
N GLY H 49 12.49 -6.30 -17.65
CA GLY H 49 12.09 -4.97 -18.05
C GLY H 49 11.07 -4.39 -17.11
N GLU H 50 10.73 -3.14 -17.34
CA GLU H 50 9.73 -2.46 -16.51
C GLU H 50 9.08 -1.35 -17.31
N ILE H 51 7.98 -0.83 -16.79
CA ILE H 51 7.18 0.15 -17.52
C ILE H 51 6.32 0.91 -16.53
N LYS H 52 5.93 2.13 -16.88
CA LYS H 52 4.89 2.83 -16.14
C LYS H 52 4.04 3.63 -17.13
N HIS H 53 2.85 4.04 -16.70
CA HIS H 53 1.85 4.64 -17.57
C HIS H 53 2.36 5.89 -18.29
N ASN H 54 2.86 6.86 -17.52
CA ASN H 54 3.50 8.03 -18.13
C ASN H 54 4.98 7.78 -18.29
N GLY H 55 5.33 7.04 -19.34
CA GLY H 55 6.71 6.65 -19.56
C GLY H 55 6.81 5.67 -20.70
N SER H 56 8.00 5.09 -20.84
CA SER H 56 8.28 4.19 -21.94
C SER H 56 8.80 2.87 -21.40
N PRO H 57 8.57 1.78 -22.15
CA PRO H 57 9.12 0.47 -21.78
C PRO H 57 10.64 0.51 -21.69
N ASN H 58 11.18 -0.12 -20.65
CA ASN H 58 12.61 -0.18 -20.44
C ASN H 58 13.03 -1.64 -20.30
N TYR H 59 13.82 -2.13 -21.25
CA TYR H 59 14.12 -3.57 -21.30
C TYR H 59 15.58 -3.93 -21.06
N HIS H 60 15.79 -5.20 -20.73
CA HIS H 60 17.11 -5.79 -20.70
C HIS H 60 17.60 -5.93 -22.15
N PRO H 61 18.79 -5.38 -22.45
CA PRO H 61 19.32 -5.32 -23.82
C PRO H 61 19.36 -6.69 -24.53
N SER H 62 19.72 -7.73 -23.80
CA SER H 62 19.76 -9.10 -24.35
C SER H 62 18.39 -9.57 -24.84
N LEU H 63 17.33 -8.95 -24.33
CA LEU H 63 15.97 -9.39 -24.60
C LEU H 63 15.17 -8.39 -25.44
N LYS H 64 15.74 -7.23 -25.68
CA LYS H 64 15.01 -6.10 -26.28
C LYS H 64 14.27 -6.45 -27.56
N SER H 65 14.88 -7.28 -28.40
CA SER H 65 14.31 -7.57 -29.73
C SER H 65 13.18 -8.60 -29.71
N ARG H 66 12.97 -9.26 -28.57
CA ARG H 66 11.97 -10.30 -28.48
C ARG H 66 10.88 -9.98 -27.45
N VAL H 67 11.08 -8.93 -26.66
CA VAL H 67 10.19 -8.63 -25.54
C VAL H 67 9.27 -7.44 -25.77
N THR H 68 8.01 -7.59 -25.35
CA THR H 68 7.10 -6.47 -25.21
C THR H 68 6.45 -6.50 -23.83
N ILE H 69 6.51 -5.40 -23.11
CA ILE H 69 5.79 -5.25 -21.85
C ILE H 69 4.74 -4.15 -22.02
N SER H 70 3.51 -4.44 -21.64
CA SER H 70 2.43 -3.47 -21.83
C SER H 70 1.56 -3.30 -20.58
N LEU H 71 0.88 -2.16 -20.50
CA LEU H 71 -0.05 -1.86 -19.41
C LEU H 71 -1.47 -1.80 -19.92
N ASP H 72 -2.42 -2.18 -19.08
CA ASP H 72 -3.83 -1.92 -19.34
C ASP H 72 -4.43 -1.29 -18.11
N MET H 73 -4.45 0.04 -18.09
CA MET H 73 -4.85 0.81 -16.90
C MET H 73 -6.25 0.48 -16.42
N SER H 74 -7.19 0.33 -17.35
CA SER H 74 -8.58 0.09 -16.95
C SER H 74 -8.77 -1.34 -16.45
N LYS H 75 -8.04 -2.30 -17.02
CA LYS H 75 -8.14 -3.68 -16.55
C LYS H 75 -7.33 -3.89 -15.27
N ASN H 76 -6.43 -2.95 -14.98
CA ASN H 76 -5.53 -3.05 -13.84
C ASN H 76 -4.60 -4.26 -13.98
N GLN H 77 -4.18 -4.51 -15.21
CA GLN H 77 -3.29 -5.63 -15.56
C GLN H 77 -2.08 -5.13 -16.33
N PHE H 78 -0.99 -5.88 -16.28
CA PHE H 78 0.09 -5.68 -17.24
C PHE H 78 0.65 -7.01 -17.71
N SER H 79 1.27 -7.00 -18.90
CA SER H 79 1.59 -8.23 -19.60
C SER H 79 3.04 -8.31 -20.06
N LEU H 80 3.46 -9.54 -20.32
CA LEU H 80 4.77 -9.84 -20.87
C LEU H 80 4.66 -10.69 -22.12
N ASN H 81 5.38 -10.27 -23.16
CA ASN H 81 5.50 -11.02 -24.40
C ASN H 81 6.94 -11.37 -24.71
N LEU H 82 7.19 -12.66 -24.97
CA LEU H 82 8.50 -13.08 -25.41
C LEU H 82 8.33 -13.96 -26.65
N THR H 83 8.81 -13.45 -27.80
CA THR H 83 8.68 -14.17 -29.06
C THR H 83 9.85 -15.12 -29.32
N SER H 84 9.65 -16.06 -30.24
CA SER H 84 10.68 -16.99 -30.68
C SER H 84 11.41 -17.67 -29.52
N VAL H 85 10.65 -18.32 -28.64
CA VAL H 85 11.26 -18.92 -27.46
C VAL H 85 12.09 -20.15 -27.80
N THR H 86 13.11 -20.40 -26.98
CA THR H 86 13.87 -21.64 -27.04
C THR H 86 13.98 -22.19 -25.63
N ALA H 87 14.63 -23.35 -25.49
CA ALA H 87 14.83 -23.98 -24.19
C ALA H 87 15.57 -23.07 -23.22
N ALA H 88 16.24 -22.06 -23.76
CA ALA H 88 16.96 -21.09 -22.92
C ALA H 88 15.99 -20.15 -22.18
N ASP H 89 14.72 -20.15 -22.56
CA ASP H 89 13.74 -19.26 -21.93
C ASP H 89 12.94 -19.97 -20.85
N THR H 90 13.22 -21.26 -20.68
CA THR H 90 12.63 -22.04 -19.59
C THR H 90 13.03 -21.44 -18.26
N ALA H 91 12.03 -21.01 -17.48
CA ALA H 91 12.26 -20.38 -16.20
C ALA H 91 10.95 -20.15 -15.47
N VAL H 92 11.05 -19.82 -14.19
CA VAL H 92 9.92 -19.24 -13.49
C VAL H 92 9.92 -17.74 -13.76
N TYR H 93 8.81 -17.22 -14.27
CA TYR H 93 8.73 -15.79 -14.52
C TYR H 93 7.92 -15.13 -13.40
N PHE H 94 8.43 -14.03 -12.87
CA PHE H 94 7.73 -13.26 -11.83
C PHE H 94 7.35 -11.88 -12.33
N CYS H 95 6.15 -11.42 -11.99
CA CYS H 95 5.85 -10.00 -12.11
C CYS H 95 6.10 -9.36 -10.75
N ALA H 96 6.34 -8.06 -10.73
CA ALA H 96 6.61 -7.36 -9.49
C ALA H 96 6.32 -5.86 -9.61
N ARG H 97 5.96 -5.26 -8.49
CA ARG H 97 5.81 -3.82 -8.39
C ARG H 97 7.11 -3.22 -7.88
N ARG H 98 7.54 -2.11 -8.47
CA ARG H 98 8.55 -1.30 -7.82
C ARG H 98 7.80 -0.37 -6.87
N SER H 99 8.00 -0.57 -5.58
CA SER H 99 7.32 0.24 -4.58
C SER H 99 7.83 1.68 -4.61
N ASN H 100 7.10 2.56 -3.94
CA ASN H 100 7.42 3.98 -3.92
C ASN H 100 8.35 4.35 -2.76
N TRP H 101 8.92 3.33 -2.12
CA TRP H 101 9.95 3.55 -1.11
C TRP H 101 11.22 4.04 -1.80
N PRO H 102 12.11 4.73 -1.05
CA PRO H 102 13.37 5.22 -1.61
C PRO H 102 14.11 4.16 -2.44
N TYR H 103 14.60 4.57 -3.61
CA TYR H 103 15.31 3.72 -4.57
C TYR H 103 14.39 2.70 -5.26
N LEU H 104 13.11 2.71 -4.90
CA LEU H 104 12.09 1.87 -5.54
C LEU H 104 12.42 0.37 -5.55
N PRO H 105 12.58 -0.25 -4.38
CA PRO H 105 12.86 -1.68 -4.36
C PRO H 105 11.65 -2.48 -4.85
N PHE H 106 11.86 -3.74 -5.24
CA PHE H 106 10.80 -4.56 -5.81
C PHE H 106 9.94 -5.19 -4.71
N ASP H 107 8.71 -4.70 -4.59
CA ASP H 107 7.77 -5.19 -3.58
C ASP H 107 6.36 -4.70 -3.87
N PRO H 108 5.37 -5.61 -3.89
CA PRO H 108 5.52 -7.07 -3.75
C PRO H 108 5.67 -7.79 -5.09
N TRP H 109 5.78 -9.12 -5.02
CA TRP H 109 5.96 -9.96 -6.20
C TRP H 109 4.74 -10.84 -6.46
N GLY H 110 4.54 -11.22 -7.72
CA GLY H 110 3.54 -12.22 -8.06
C GLY H 110 4.00 -13.59 -7.58
N GLN H 111 3.17 -14.62 -7.75
CA GLN H 111 3.52 -15.94 -7.23
C GLN H 111 4.49 -16.67 -8.16
N GLY H 112 4.67 -16.15 -9.36
CA GLY H 112 5.56 -16.76 -10.34
C GLY H 112 4.85 -17.81 -11.17
N THR H 113 5.19 -17.87 -12.46
CA THR H 113 4.65 -18.87 -13.37
C THR H 113 5.80 -19.66 -14.00
N LEU H 114 5.82 -20.97 -13.81
CA LEU H 114 6.82 -21.79 -14.47
C LEU H 114 6.47 -21.91 -15.95
N VAL H 115 7.39 -21.44 -16.80
CA VAL H 115 7.21 -21.60 -18.24
C VAL H 115 8.22 -22.62 -18.76
N THR H 116 7.72 -23.75 -19.26
CA THR H 116 8.59 -24.76 -19.82
C THR H 116 8.57 -24.69 -21.33
N VAL H 117 9.75 -24.57 -21.93
CA VAL H 117 9.87 -24.59 -23.38
C VAL H 117 10.38 -25.96 -23.81
N SER H 118 9.50 -26.74 -24.41
CA SER H 118 9.80 -28.11 -24.77
C SER H 118 8.83 -28.59 -25.85
N SER H 119 9.27 -29.54 -26.65
CA SER H 119 8.42 -30.12 -27.68
C SER H 119 7.59 -31.25 -27.13
N ALA H 120 7.98 -31.76 -25.96
CA ALA H 120 7.31 -32.91 -25.37
C ALA H 120 5.83 -32.61 -25.15
N SER H 121 5.01 -33.66 -25.22
CA SER H 121 3.56 -33.51 -25.15
C SER H 121 3.07 -33.48 -23.71
N THR H 122 1.95 -32.81 -23.50
CA THR H 122 1.32 -32.79 -22.18
C THR H 122 0.85 -34.19 -21.80
N LYS H 123 1.19 -34.63 -20.59
CA LYS H 123 0.70 -35.93 -20.11
C LYS H 123 0.25 -35.86 -18.65
N GLY H 124 -0.96 -36.35 -18.39
CA GLY H 124 -1.49 -36.39 -17.05
C GLY H 124 -0.88 -37.53 -16.25
N PRO H 125 -0.80 -37.37 -14.92
CA PRO H 125 -0.18 -38.38 -14.06
C PRO H 125 -1.09 -39.55 -13.71
N SER H 126 -0.48 -40.63 -13.21
CA SER H 126 -1.21 -41.70 -12.57
C SER H 126 -0.98 -41.56 -11.08
N VAL H 127 -2.00 -41.82 -10.28
CA VAL H 127 -1.86 -41.66 -8.83
C VAL H 127 -2.05 -42.97 -8.10
N PHE H 128 -1.00 -43.40 -7.40
CA PHE H 128 -1.05 -44.66 -6.68
C PHE H 128 -0.87 -44.43 -5.19
N PRO H 129 -1.59 -45.22 -4.37
CA PRO H 129 -1.46 -45.06 -2.92
C PRO H 129 -0.15 -45.61 -2.40
N LEU H 130 0.37 -44.95 -1.36
CA LEU H 130 1.46 -45.49 -0.56
C LEU H 130 0.86 -45.95 0.75
N ALA H 131 0.39 -47.20 0.76
CA ALA H 131 -0.44 -47.73 1.85
C ALA H 131 0.30 -47.85 3.17
N PRO H 132 -0.36 -47.45 4.26
CA PRO H 132 0.18 -47.60 5.61
C PRO H 132 0.14 -49.06 6.04
N SER H 133 1.04 -49.46 6.93
CA SER H 133 1.11 -50.86 7.35
C SER H 133 1.83 -51.00 8.68
N SER H 134 1.67 -52.16 9.30
CA SER H 134 2.22 -52.42 10.63
C SER H 134 3.75 -52.36 10.65
N LYS H 135 4.36 -52.60 9.49
CA LYS H 135 5.80 -52.39 9.36
C LYS H 135 6.04 -50.96 8.84
N SER H 136 5.33 -50.02 9.46
CA SER H 136 5.47 -48.59 9.20
C SER H 136 4.80 -47.82 10.33
N THR H 137 4.65 -48.48 11.48
CA THR H 137 4.11 -47.84 12.67
C THR H 137 5.25 -47.46 13.58
N SER H 138 5.81 -46.26 13.36
CA SER H 138 6.96 -45.79 14.12
C SER H 138 6.54 -45.16 15.44
N GLY H 139 6.40 -45.99 16.47
CA GLY H 139 6.04 -45.53 17.79
C GLY H 139 4.63 -44.94 17.86
N GLY H 140 3.68 -45.63 17.25
CA GLY H 140 2.30 -45.18 17.26
C GLY H 140 1.98 -44.17 16.18
N THR H 141 2.95 -43.91 15.30
CA THR H 141 2.77 -42.97 14.19
C THR H 141 2.84 -43.70 12.85
N ALA H 142 1.78 -43.58 12.06
CA ALA H 142 1.72 -44.24 10.77
C ALA H 142 2.00 -43.27 9.65
N ALA H 143 2.82 -43.69 8.69
CA ALA H 143 3.07 -42.89 7.51
C ALA H 143 2.32 -43.45 6.32
N LEU H 144 1.67 -42.56 5.56
CA LEU H 144 1.01 -42.96 4.32
C LEU H 144 1.18 -41.85 3.28
N GLY H 145 0.90 -42.17 2.03
CA GLY H 145 1.06 -41.18 0.99
C GLY H 145 0.53 -41.53 -0.39
N CYS H 146 0.90 -40.70 -1.35
CA CYS H 146 0.48 -40.85 -2.74
C CYS H 146 1.69 -40.73 -3.67
N LEU H 147 1.75 -41.63 -4.65
CA LEU H 147 2.78 -41.57 -5.67
C LEU H 147 2.17 -41.01 -6.95
N VAL H 148 2.67 -39.84 -7.36
CA VAL H 148 2.20 -39.19 -8.57
C VAL H 148 3.23 -39.37 -9.68
N LYS H 149 2.96 -40.30 -10.59
CA LYS H 149 3.96 -40.73 -11.57
C LYS H 149 3.63 -40.37 -13.02
N ASP H 150 4.69 -40.09 -13.78
CA ASP H 150 4.62 -39.96 -15.23
C ASP H 150 3.72 -38.82 -15.70
N TYR H 151 4.14 -37.58 -15.43
CA TYR H 151 3.42 -36.43 -15.94
C TYR H 151 4.38 -35.42 -16.56
N PHE H 152 3.83 -34.55 -17.39
CA PHE H 152 4.58 -33.49 -18.03
C PHE H 152 3.61 -32.43 -18.53
N PRO H 153 3.93 -31.14 -18.28
CA PRO H 153 5.11 -30.66 -17.56
C PRO H 153 4.85 -30.44 -16.08
N GLU H 154 5.82 -29.84 -15.40
CA GLU H 154 5.60 -29.35 -14.05
C GLU H 154 4.71 -28.12 -14.10
N PRO H 155 4.02 -27.78 -12.99
CA PRO H 155 3.97 -28.50 -11.71
C PRO H 155 2.69 -29.31 -11.55
N VAL H 156 2.63 -30.07 -10.46
CA VAL H 156 1.37 -30.62 -9.98
C VAL H 156 1.10 -30.05 -8.60
N THR H 157 -0.16 -30.10 -8.18
CA THR H 157 -0.53 -29.66 -6.84
C THR H 157 -1.14 -30.81 -6.06
N VAL H 158 -0.58 -31.10 -4.88
CA VAL H 158 -1.08 -32.19 -4.05
C VAL H 158 -1.72 -31.65 -2.77
N SER H 159 -2.98 -32.03 -2.55
CA SER H 159 -3.69 -31.70 -1.33
C SER H 159 -4.07 -32.99 -0.61
N TRP H 160 -4.40 -32.88 0.67
CA TRP H 160 -4.92 -34.02 1.42
C TRP H 160 -6.26 -33.67 2.05
N ASN H 161 -7.21 -34.59 1.91
CA ASN H 161 -8.57 -34.39 2.41
C ASN H 161 -9.14 -33.04 1.98
N SER H 162 -8.95 -32.71 0.71
CA SER H 162 -9.45 -31.49 0.10
C SER H 162 -8.96 -30.24 0.83
N GLY H 163 -7.73 -30.30 1.35
CA GLY H 163 -7.13 -29.16 2.01
C GLY H 163 -7.26 -29.16 3.53
N ALA H 164 -8.10 -30.03 4.06
CA ALA H 164 -8.34 -30.05 5.50
C ALA H 164 -7.17 -30.61 6.29
N LEU H 165 -6.31 -31.39 5.63
CA LEU H 165 -5.14 -31.95 6.29
C LEU H 165 -3.84 -31.35 5.73
N THR H 166 -3.14 -30.59 6.57
CA THR H 166 -1.93 -29.89 6.15
C THR H 166 -0.69 -30.24 6.97
N SER H 167 -0.87 -30.44 8.28
CA SER H 167 0.27 -30.70 9.16
C SER H 167 0.77 -32.14 9.02
N GLY H 168 2.09 -32.29 9.00
CA GLY H 168 2.69 -33.59 8.84
C GLY H 168 2.90 -33.97 7.38
N VAL H 169 2.41 -33.10 6.49
CA VAL H 169 2.50 -33.35 5.06
C VAL H 169 3.85 -32.97 4.46
N HIS H 170 4.47 -33.91 3.77
CA HIS H 170 5.70 -33.68 3.04
C HIS H 170 5.51 -34.03 1.57
N THR H 171 5.45 -33.02 0.72
CA THR H 171 5.39 -33.24 -0.70
C THR H 171 6.78 -33.00 -1.29
N PHE H 172 7.41 -34.09 -1.72
CA PHE H 172 8.79 -34.04 -2.18
C PHE H 172 8.92 -33.35 -3.53
N PRO H 173 10.07 -32.72 -3.80
CA PRO H 173 10.38 -32.16 -5.12
C PRO H 173 10.32 -33.24 -6.19
N ALA H 174 9.72 -32.94 -7.33
CA ALA H 174 9.61 -33.91 -8.41
C ALA H 174 10.99 -34.33 -8.90
N VAL H 175 11.07 -35.54 -9.43
CA VAL H 175 12.29 -36.01 -10.07
C VAL H 175 12.02 -36.26 -11.54
N LEU H 176 12.91 -35.80 -12.39
CA LEU H 176 12.84 -36.10 -13.81
C LEU H 176 13.33 -37.53 -14.07
N GLN H 177 12.51 -38.34 -14.71
CA GLN H 177 12.86 -39.74 -14.97
C GLN H 177 13.50 -39.88 -16.35
N SER H 178 14.09 -41.05 -16.60
CA SER H 178 14.76 -41.32 -17.87
C SER H 178 13.81 -41.16 -19.06
N SER H 179 12.53 -41.34 -18.80
CA SER H 179 11.50 -41.28 -19.84
C SER H 179 11.24 -39.84 -20.29
N GLY H 180 11.77 -38.88 -19.55
CA GLY H 180 11.49 -37.48 -19.81
C GLY H 180 10.26 -37.00 -19.04
N LEU H 181 9.63 -37.90 -18.30
CA LEU H 181 8.46 -37.57 -17.49
C LEU H 181 8.84 -37.34 -16.04
N TYR H 182 8.04 -36.54 -15.34
CA TYR H 182 8.29 -36.28 -13.93
C TYR H 182 7.50 -37.23 -13.03
N SER H 183 7.98 -37.41 -11.81
CA SER H 183 7.19 -38.09 -10.78
C SER H 183 7.59 -37.58 -9.39
N LEU H 184 6.65 -37.63 -8.46
CA LEU H 184 6.91 -37.19 -7.10
C LEU H 184 6.08 -37.99 -6.10
N SER H 185 6.37 -37.81 -4.81
CA SER H 185 5.58 -38.44 -3.76
C SER H 185 5.14 -37.40 -2.75
N SER H 186 4.04 -37.68 -2.08
CA SER H 186 3.55 -36.83 -1.01
C SER H 186 3.18 -37.69 0.18
N VAL H 187 3.81 -37.45 1.32
CA VAL H 187 3.57 -38.30 2.48
C VAL H 187 3.03 -37.51 3.66
N VAL H 188 2.30 -38.19 4.52
CA VAL H 188 1.76 -37.56 5.71
C VAL H 188 1.81 -38.56 6.87
N THR H 189 2.20 -38.06 8.05
CA THR H 189 2.20 -38.87 9.25
C THR H 189 0.93 -38.57 10.05
N VAL H 190 0.24 -39.63 10.44
CA VAL H 190 -1.05 -39.51 11.13
C VAL H 190 -1.07 -40.43 12.36
N PRO H 191 -2.00 -40.19 13.30
CA PRO H 191 -2.17 -41.15 14.39
C PRO H 191 -2.51 -42.53 13.88
N SER H 192 -1.75 -43.53 14.31
CA SER H 192 -1.95 -44.90 13.85
C SER H 192 -3.33 -45.43 14.23
N SER H 193 -3.90 -44.89 15.29
CA SER H 193 -5.20 -45.32 15.78
C SER H 193 -6.35 -44.61 15.09
N SER H 194 -6.03 -43.72 14.16
CA SER H 194 -7.06 -43.02 13.41
C SER H 194 -7.29 -43.69 12.06
N LEU H 195 -6.45 -44.68 11.75
CA LEU H 195 -6.51 -45.38 10.47
C LEU H 195 -7.82 -46.12 10.27
N GLY H 196 -8.42 -46.58 11.36
CA GLY H 196 -9.67 -47.30 11.28
C GLY H 196 -10.86 -46.34 11.34
N THR H 197 -10.57 -45.10 11.69
CA THR H 197 -11.64 -44.12 11.92
C THR H 197 -11.71 -43.06 10.82
N GLN H 198 -10.55 -42.66 10.31
CA GLN H 198 -10.46 -41.54 9.38
C GLN H 198 -9.96 -41.97 8.00
N THR H 199 -10.66 -41.55 6.95
CA THR H 199 -10.25 -41.84 5.59
C THR H 199 -9.29 -40.76 5.08
N TYR H 200 -8.24 -41.18 4.38
CA TYR H 200 -7.24 -40.25 3.89
C TYR H 200 -7.21 -40.23 2.36
N ILE H 201 -7.39 -39.05 1.79
CA ILE H 201 -7.48 -38.88 0.34
C ILE H 201 -6.49 -37.85 -0.16
N CYS H 202 -5.64 -38.22 -1.11
CA CYS H 202 -4.78 -37.23 -1.72
C CYS H 202 -5.50 -36.64 -2.93
N ASN H 203 -5.46 -35.32 -3.02
CA ASN H 203 -6.07 -34.63 -4.14
C ASN H 203 -4.97 -34.12 -5.07
N VAL H 204 -5.00 -34.58 -6.31
CA VAL H 204 -3.94 -34.26 -7.26
C VAL H 204 -4.47 -33.47 -8.44
N ASN H 205 -3.91 -32.28 -8.64
CA ASN H 205 -4.31 -31.42 -9.73
C ASN H 205 -3.14 -31.15 -10.65
N HIS H 206 -3.25 -31.61 -11.89
CA HIS H 206 -2.27 -31.32 -12.91
C HIS H 206 -2.94 -30.48 -13.98
N LYS H 207 -2.87 -29.17 -13.83
CA LYS H 207 -3.58 -28.23 -14.69
C LYS H 207 -3.29 -28.33 -16.20
N PRO H 208 -2.01 -28.59 -16.59
CA PRO H 208 -1.78 -28.63 -18.05
C PRO H 208 -2.57 -29.71 -18.78
N SER H 209 -2.87 -30.81 -18.10
CA SER H 209 -3.61 -31.91 -18.71
C SER H 209 -5.06 -31.94 -18.22
N ASN H 210 -5.45 -30.92 -17.46
CA ASN H 210 -6.76 -30.88 -16.82
C ASN H 210 -7.06 -32.17 -16.08
N THR H 211 -6.09 -32.64 -15.31
CA THR H 211 -6.26 -33.86 -14.55
C THR H 211 -6.55 -33.53 -13.08
N LYS H 212 -7.69 -34.01 -12.59
CA LYS H 212 -8.03 -33.90 -11.17
C LYS H 212 -8.32 -35.29 -10.62
N VAL H 213 -7.44 -35.78 -9.76
CA VAL H 213 -7.59 -37.12 -9.22
C VAL H 213 -7.72 -37.12 -7.70
N ASP H 214 -8.74 -37.80 -7.21
CA ASP H 214 -8.92 -38.04 -5.79
C ASP H 214 -8.62 -39.50 -5.49
N LYS H 215 -7.51 -39.77 -4.82
CA LYS H 215 -7.15 -41.15 -4.53
C LYS H 215 -7.23 -41.46 -3.05
N LYS H 216 -8.09 -42.41 -2.69
CA LYS H 216 -8.17 -42.90 -1.32
C LYS H 216 -6.92 -43.71 -0.98
N VAL H 217 -6.40 -43.52 0.24
CA VAL H 217 -5.24 -44.26 0.70
C VAL H 217 -5.59 -45.07 1.94
N GLU H 218 -5.81 -46.37 1.76
CA GLU H 218 -6.30 -47.24 2.82
C GLU H 218 -5.28 -48.34 3.15
N PRO H 219 -5.30 -48.83 4.40
CA PRO H 219 -4.45 -49.97 4.77
C PRO H 219 -4.69 -51.17 3.86
N LYS H 220 -3.66 -51.61 3.16
CA LYS H 220 -3.80 -52.74 2.23
C LYS H 220 -2.68 -53.76 2.42
#